data_1ZPD
#
_entry.id   1ZPD
#
_cell.length_a   69.868
_cell.length_b   92.168
_cell.length_c   98.256
_cell.angle_alpha   102.86
_cell.angle_beta   94.59
_cell.angle_gamma   112.69
#
_symmetry.space_group_name_H-M   'P 1'
#
loop_
_entity.id
_entity.type
_entity.pdbx_description
1 polymer 'PYRUVATE DECARBOXYLASE'
2 non-polymer 'MAGNESIUM ION'
3 non-polymer 'MONO-{4-[(4-AMINO-2-METHYL-PYRIMIDIN-5-YLMETHYL)-AMINO]-2-HYDROXY-3-MERCAPTO-PENT-3-ENYL-PHOSPHONO} ESTER'
4 non-polymer 'CITRIC ACID'
5 water water
#
_entity_poly.entity_id   1
_entity_poly.type   'polypeptide(L)'
_entity_poly.pdbx_seq_one_letter_code
;MSYTVGTYLAERLVQIGLKHHFAVAGDYNLVLLDNLLLNKNMEQVYCCNELNCGFSAEGYARAKGAAAAVVTYSVGALSA
FDAIGGAYAENLPVILISGAPNNNDHAAGHVLHHALGKTDYHYQLEMAKNITAAAEAIYTPEEAPAKIDHVIKTALREKK
PVYLEIACNIASMPCAAPGPASALFNDEASDEASLNAAVDETLKFIANRDKVAVLVGSKLRAAGAEEAAVKFTDALGGAV
ATMAAAKSFFPEENALYIGTSWGEVSYPGVEKTMKEADAVIALAPVFNDYSTTGWTDIPDPKKLVLAEPRSVVVNGIRFP
SVHLKDYLTRLAQKVSKKTGSLDFFKSLNAGELKKAAPADPSAPLVNAEIARQVEALLTPNTTVIAETGDSWFNAQRMKL
PNGARVEYEMQWGHIGWSVPAAFGYAVGAPERRNILMVGDGSFQLTAQEVAQMVRLKLPVIIFLINNYGYTIEVMIHDGP
YNNIKNWDYAGLMEVFNGNGGYDSGAAKGLKAKTGGELAEAIKVALANTDGPTLIECFIGREDCTEELVKWGKRVAAANS
RKPVNKVV
;
_entity_poly.pdbx_strand_id   A,B,E,F
#
# COMPACT_ATOMS: atom_id res chain seq x y z
N SER A 2 11.45 3.38 36.73
CA SER A 2 10.49 4.14 35.89
C SER A 2 9.67 3.18 35.02
N TYR A 3 8.70 3.68 34.27
CA TYR A 3 7.98 2.80 33.37
C TYR A 3 8.90 2.36 32.20
N THR A 4 8.54 1.24 31.58
CA THR A 4 9.23 0.75 30.39
C THR A 4 8.21 0.79 29.26
N VAL A 5 8.68 0.64 28.02
CA VAL A 5 7.76 0.52 26.89
C VAL A 5 6.67 -0.51 27.21
N GLY A 6 7.09 -1.69 27.66
CA GLY A 6 6.17 -2.77 28.02
C GLY A 6 5.24 -2.44 29.21
N THR A 7 5.75 -1.87 30.29
CA THR A 7 4.83 -1.57 31.42
C THR A 7 3.96 -0.33 31.15
N TYR A 8 4.41 0.57 30.27
CA TYR A 8 3.53 1.65 29.81
C TYR A 8 2.31 1.07 29.12
N LEU A 9 2.56 0.17 28.14
CA LEU A 9 1.45 -0.52 27.47
C LEU A 9 0.56 -1.24 28.49
N ALA A 10 1.19 -1.99 29.40
CA ALA A 10 0.40 -2.71 30.42
C ALA A 10 -0.54 -1.78 31.22
N GLU A 11 -0.03 -0.66 31.71
CA GLU A 11 -0.85 0.27 32.50
C GLU A 11 -1.98 0.88 31.69
N ARG A 12 -1.71 1.28 30.43
CA ARG A 12 -2.79 1.77 29.58
C ARG A 12 -3.89 0.73 29.39
N LEU A 13 -3.53 -0.55 29.20
CA LEU A 13 -4.54 -1.59 29.05
C LEU A 13 -5.38 -1.74 30.34
N VAL A 14 -4.71 -1.72 31.49
CA VAL A 14 -5.46 -1.73 32.77
C VAL A 14 -6.40 -0.52 32.88
N GLN A 15 -5.91 0.67 32.54
CA GLN A 15 -6.72 1.89 32.61
C GLN A 15 -7.96 1.87 31.75
N ILE A 16 -7.99 1.14 30.62
CA ILE A 16 -9.21 1.12 29.82
C ILE A 16 -10.13 -0.03 30.29
N GLY A 17 -9.72 -0.81 31.29
CA GLY A 17 -10.65 -1.71 31.96
C GLY A 17 -10.32 -3.19 31.74
N LEU A 18 -9.20 -3.52 31.06
CA LEU A 18 -8.91 -4.95 30.85
C LEU A 18 -8.59 -5.60 32.20
N LYS A 19 -9.17 -6.77 32.41
CA LYS A 19 -8.72 -7.63 33.50
C LYS A 19 -7.86 -8.80 33.02
N HIS A 20 -7.76 -8.99 31.69
CA HIS A 20 -7.03 -10.08 31.04
C HIS A 20 -6.50 -9.57 29.67
N HIS A 21 -5.35 -10.11 29.22
CA HIS A 21 -5.01 -10.00 27.79
C HIS A 21 -4.59 -11.38 27.28
N PHE A 22 -4.66 -11.61 25.95
CA PHE A 22 -4.45 -12.94 25.37
C PHE A 22 -3.12 -13.01 24.59
N ALA A 23 -2.42 -14.16 24.56
CA ALA A 23 -1.09 -14.17 23.93
C ALA A 23 -0.69 -15.59 23.48
N VAL A 24 0.23 -15.60 22.49
CA VAL A 24 0.96 -16.74 21.99
C VAL A 24 2.45 -16.34 21.91
N ALA A 25 3.28 -17.01 22.68
CA ALA A 25 4.70 -16.71 22.75
C ALA A 25 5.45 -16.93 21.42
N GLY A 26 6.51 -16.14 21.25
CA GLY A 26 7.45 -16.24 20.11
C GLY A 26 8.68 -15.42 20.52
N ASP A 27 9.89 -15.77 20.03
CA ASP A 27 11.10 -15.05 20.44
C ASP A 27 11.08 -13.53 20.25
N TYR A 28 10.38 -13.00 19.26
CA TYR A 28 10.23 -11.55 19.08
C TYR A 28 9.32 -10.86 20.12
N ASN A 29 8.60 -11.58 20.96
CA ASN A 29 7.72 -10.96 21.96
C ASN A 29 7.99 -11.40 23.39
N LEU A 30 9.00 -12.25 23.64
CA LEU A 30 9.06 -12.85 25.00
C LEU A 30 9.36 -11.79 26.06
N VAL A 31 10.29 -10.87 25.77
CA VAL A 31 10.59 -9.80 26.73
C VAL A 31 9.40 -8.87 26.96
N LEU A 32 8.70 -8.55 25.88
CA LEU A 32 7.43 -7.81 25.97
C LEU A 32 6.42 -8.53 26.89
N LEU A 33 6.23 -9.85 26.73
CA LEU A 33 5.33 -10.59 27.62
C LEU A 33 5.76 -10.51 29.07
N ASP A 34 7.06 -10.59 29.33
CA ASP A 34 7.61 -10.42 30.68
C ASP A 34 7.16 -9.08 31.31
N ASN A 35 7.30 -7.99 30.53
CA ASN A 35 6.90 -6.67 31.00
C ASN A 35 5.40 -6.58 31.30
N LEU A 36 4.56 -7.11 30.43
CA LEU A 36 3.11 -7.14 30.63
C LEU A 36 2.72 -7.89 31.91
N LEU A 37 3.42 -8.98 32.22
CA LEU A 37 3.22 -9.77 33.42
C LEU A 37 3.54 -9.01 34.71
N LEU A 38 4.38 -7.97 34.66
CA LEU A 38 4.67 -7.16 35.84
C LEU A 38 3.44 -6.42 36.40
N ASN A 39 2.46 -6.11 35.55
CA ASN A 39 1.22 -5.47 36.01
C ASN A 39 0.25 -6.55 36.54
N LYS A 40 0.06 -6.59 37.87
CA LYS A 40 -0.76 -7.66 38.47
C LYS A 40 -2.24 -7.30 38.51
N ASN A 41 -2.67 -6.20 37.90
CA ASN A 41 -4.09 -5.89 37.79
C ASN A 41 -4.75 -6.55 36.60
N MET A 42 -3.99 -7.34 35.82
CA MET A 42 -4.61 -8.13 34.75
C MET A 42 -3.87 -9.47 34.63
N GLU A 43 -4.54 -10.49 34.08
CA GLU A 43 -3.92 -11.80 33.90
C GLU A 43 -3.56 -12.01 32.42
N GLN A 44 -2.48 -12.72 32.16
CA GLN A 44 -2.06 -13.04 30.79
C GLN A 44 -2.57 -14.44 30.45
N VAL A 45 -3.42 -14.55 29.45
CA VAL A 45 -4.10 -15.80 29.10
C VAL A 45 -3.50 -16.39 27.81
N TYR A 46 -3.17 -17.69 27.77
CA TYR A 46 -2.45 -18.20 26.56
C TYR A 46 -3.38 -18.96 25.65
N CYS A 47 -3.09 -18.93 24.33
CA CYS A 47 -3.97 -19.54 23.35
C CYS A 47 -3.22 -20.58 22.51
N CYS A 48 -3.96 -21.46 21.82
CA CYS A 48 -3.33 -22.53 21.04
C CYS A 48 -2.60 -22.01 19.79
N ASN A 49 -3.31 -21.17 19.06
CA ASN A 49 -2.72 -20.54 17.84
C ASN A 49 -3.16 -19.09 17.78
N GLU A 50 -2.64 -18.33 16.82
CA GLU A 50 -2.85 -16.88 16.73
C GLU A 50 -4.19 -16.48 16.17
N LEU A 51 -4.78 -17.27 15.27
CA LEU A 51 -6.13 -16.96 14.80
C LEU A 51 -7.11 -17.06 16.00
N ASN A 52 -6.95 -18.12 16.79
CA ASN A 52 -7.80 -18.30 18.00
C ASN A 52 -7.50 -17.22 19.04
N CYS A 53 -6.23 -16.84 19.17
CA CYS A 53 -5.87 -15.76 20.10
C CYS A 53 -6.59 -14.47 19.75
N GLY A 54 -6.55 -14.05 18.49
CA GLY A 54 -7.35 -12.91 18.02
C GLY A 54 -8.85 -13.04 18.27
N PHE A 55 -9.45 -14.21 17.97
CA PHE A 55 -10.89 -14.38 18.21
C PHE A 55 -11.24 -14.46 19.70
N SER A 56 -10.32 -14.93 20.52
CA SER A 56 -10.52 -14.93 21.97
C SER A 56 -10.60 -13.47 22.45
N ALA A 57 -9.70 -12.61 21.98
CA ALA A 57 -9.80 -11.18 22.32
C ALA A 57 -11.10 -10.56 21.82
N GLU A 58 -11.55 -10.95 20.63
CA GLU A 58 -12.81 -10.44 20.07
C GLU A 58 -13.98 -10.77 21.01
N GLY A 59 -14.06 -12.03 21.46
CA GLY A 59 -15.11 -12.47 22.38
C GLY A 59 -15.02 -11.73 23.72
N TYR A 60 -13.83 -11.55 24.24
CA TYR A 60 -13.62 -10.79 25.48
C TYR A 60 -14.09 -9.34 25.36
N ALA A 61 -13.80 -8.65 24.24
CA ALA A 61 -14.34 -7.31 24.02
C ALA A 61 -15.86 -7.25 24.02
N ARG A 62 -16.55 -8.31 23.62
CA ARG A 62 -18.01 -8.38 23.67
C ARG A 62 -18.50 -8.40 25.12
N ALA A 63 -17.76 -9.06 25.98
CA ALA A 63 -18.08 -9.12 27.40
C ALA A 63 -17.71 -7.85 28.16
N LYS A 64 -16.50 -7.33 27.91
CA LYS A 64 -15.98 -6.21 28.66
C LYS A 64 -15.84 -4.87 27.96
N GLY A 65 -16.01 -4.80 26.63
CA GLY A 65 -15.94 -3.49 25.96
C GLY A 65 -14.64 -3.30 25.15
N ALA A 66 -13.54 -3.92 25.54
CA ALA A 66 -12.25 -3.80 24.85
C ALA A 66 -11.39 -5.02 25.18
N ALA A 67 -10.31 -5.25 24.41
CA ALA A 67 -9.47 -6.44 24.63
C ALA A 67 -8.10 -6.24 23.95
N ALA A 68 -7.15 -7.11 24.28
CA ALA A 68 -5.83 -7.08 23.64
C ALA A 68 -5.30 -8.50 23.36
N ALA A 69 -4.58 -8.61 22.22
CA ALA A 69 -3.94 -9.88 21.83
C ALA A 69 -2.47 -9.63 21.48
N VAL A 70 -1.57 -10.49 21.95
CA VAL A 70 -0.13 -10.30 21.72
C VAL A 70 0.48 -11.49 20.94
N VAL A 71 1.09 -11.20 19.78
CA VAL A 71 1.58 -12.30 18.93
C VAL A 71 3.02 -12.05 18.45
N THR A 72 3.65 -13.04 17.77
CA THR A 72 5.03 -12.85 17.29
C THR A 72 5.03 -12.35 15.84
N TYR A 73 6.15 -11.80 15.39
CA TYR A 73 6.22 -11.13 14.09
C TYR A 73 5.88 -12.05 12.92
N SER A 74 5.03 -11.65 12.00
CA SER A 74 4.80 -12.32 10.73
C SER A 74 4.10 -13.66 10.79
N VAL A 75 4.75 -14.72 11.26
CA VAL A 75 4.05 -16.01 11.41
C VAL A 75 2.90 -15.90 12.43
N GLY A 76 3.00 -15.07 13.45
CA GLY A 76 1.90 -14.90 14.42
C GLY A 76 0.89 -13.86 13.98
N ALA A 77 1.36 -12.72 13.47
CA ALA A 77 0.48 -11.62 13.11
C ALA A 77 -0.35 -11.86 11.86
N LEU A 78 0.20 -12.52 10.82
CA LEU A 78 -0.57 -12.66 9.59
C LEU A 78 -1.85 -13.48 9.78
N SER A 79 -1.84 -14.55 10.57
CA SER A 79 -3.08 -15.29 10.84
C SER A 79 -4.01 -14.47 11.75
N ALA A 80 -3.44 -13.80 12.75
CA ALA A 80 -4.22 -12.94 13.67
C ALA A 80 -4.91 -11.82 12.92
N PHE A 81 -4.36 -11.34 11.80
CA PHE A 81 -5.05 -10.39 10.94
C PHE A 81 -6.45 -10.80 10.55
N ASP A 82 -6.75 -12.09 10.32
CA ASP A 82 -8.11 -12.49 9.98
C ASP A 82 -9.09 -12.16 11.12
N ALA A 83 -8.66 -12.40 12.34
CA ALA A 83 -9.47 -12.06 13.54
C ALA A 83 -9.55 -10.54 13.76
N ILE A 84 -8.47 -9.81 13.46
CA ILE A 84 -8.49 -8.34 13.61
C ILE A 84 -9.41 -7.69 12.61
N GLY A 85 -9.35 -8.18 11.35
CA GLY A 85 -10.35 -7.76 10.35
C GLY A 85 -11.76 -8.08 10.92
N GLY A 86 -11.93 -9.23 11.56
CA GLY A 86 -13.23 -9.56 12.18
C GLY A 86 -13.65 -8.52 13.24
N ALA A 87 -12.72 -8.09 14.08
CA ALA A 87 -13.04 -7.06 15.10
C ALA A 87 -13.44 -5.75 14.44
N TYR A 88 -12.78 -5.39 13.32
CA TYR A 88 -13.17 -4.19 12.57
C TYR A 88 -14.59 -4.31 12.07
N ALA A 89 -14.93 -5.46 11.47
CA ALA A 89 -16.26 -5.71 10.92
C ALA A 89 -17.35 -5.70 12.01
N GLU A 90 -17.01 -6.14 13.20
CA GLU A 90 -17.99 -6.26 14.29
C GLU A 90 -17.89 -5.10 15.29
N ASN A 91 -17.13 -4.04 14.98
CA ASN A 91 -17.08 -2.84 15.82
C ASN A 91 -16.62 -3.05 17.25
N LEU A 92 -15.51 -3.79 17.43
CA LEU A 92 -14.95 -4.06 18.73
C LEU A 92 -13.52 -3.54 18.84
N PRO A 93 -13.22 -2.83 19.93
CA PRO A 93 -11.89 -2.30 20.15
C PRO A 93 -10.90 -3.36 20.60
N VAL A 94 -10.32 -4.10 19.63
CA VAL A 94 -9.29 -5.09 19.93
C VAL A 94 -7.91 -4.51 19.58
N ILE A 95 -7.00 -4.52 20.53
CA ILE A 95 -5.65 -4.00 20.28
C ILE A 95 -4.71 -5.18 19.96
N LEU A 96 -4.24 -5.27 18.70
CA LEU A 96 -3.24 -6.30 18.35
C LEU A 96 -1.84 -5.74 18.54
N ILE A 97 -1.03 -6.39 19.35
CA ILE A 97 0.36 -6.01 19.57
C ILE A 97 1.29 -7.13 19.09
N SER A 98 2.13 -6.81 18.10
CA SER A 98 3.09 -7.80 17.57
C SER A 98 4.51 -7.48 17.99
N GLY A 99 5.24 -8.54 18.36
CA GLY A 99 6.70 -8.42 18.56
C GLY A 99 7.28 -8.15 17.14
N ALA A 100 8.49 -7.60 17.08
CA ALA A 100 9.10 -7.22 15.79
C ALA A 100 10.63 -7.27 15.93
N PRO A 101 11.33 -7.15 14.78
CA PRO A 101 12.78 -7.28 14.77
C PRO A 101 13.52 -6.28 15.63
N ASN A 102 14.71 -6.73 16.05
CA ASN A 102 15.67 -5.90 16.78
C ASN A 102 15.83 -4.62 15.95
N ASN A 103 15.95 -3.45 16.60
CA ASN A 103 15.89 -2.20 15.85
C ASN A 103 17.18 -1.91 15.05
N ASN A 104 18.27 -2.64 15.30
CA ASN A 104 19.50 -2.61 14.51
C ASN A 104 19.37 -3.30 13.16
N ASP A 105 18.35 -4.11 12.92
CA ASP A 105 18.24 -4.82 11.65
C ASP A 105 17.57 -4.02 10.55
N HIS A 106 17.07 -2.81 10.80
CA HIS A 106 16.53 -1.99 9.71
C HIS A 106 17.68 -1.29 8.97
N ALA A 107 17.57 -1.21 7.64
CA ALA A 107 18.62 -0.60 6.81
C ALA A 107 20.00 -1.19 7.07
N ALA A 108 20.09 -2.52 7.19
CA ALA A 108 21.35 -3.16 7.53
C ALA A 108 21.73 -4.34 6.61
N GLY A 109 20.89 -4.58 5.63
CA GLY A 109 20.99 -5.70 4.70
C GLY A 109 20.87 -7.04 5.42
N HIS A 110 20.00 -7.12 6.44
CA HIS A 110 19.92 -8.36 7.22
C HIS A 110 18.64 -9.14 6.90
N VAL A 111 18.79 -10.44 6.63
CA VAL A 111 17.64 -11.29 6.39
C VAL A 111 17.27 -11.98 7.70
N LEU A 112 16.00 -11.96 8.11
CA LEU A 112 15.63 -12.45 9.44
C LEU A 112 14.62 -13.61 9.39
N HIS A 113 14.69 -14.48 10.41
CA HIS A 113 13.70 -15.57 10.54
C HIS A 113 12.27 -15.04 10.66
N HIS A 114 11.30 -15.83 10.21
CA HIS A 114 9.88 -15.54 10.19
C HIS A 114 9.46 -14.55 9.11
N ALA A 115 10.39 -13.94 8.37
CA ALA A 115 10.03 -12.96 7.37
C ALA A 115 10.26 -13.55 5.98
N LEU A 116 10.13 -12.74 4.94
CA LEU A 116 9.97 -13.28 3.59
C LEU A 116 11.28 -13.70 2.89
N GLY A 117 12.41 -13.43 3.50
CA GLY A 117 13.73 -13.71 2.91
C GLY A 117 14.38 -12.45 2.34
N LYS A 118 13.68 -11.32 2.45
CA LYS A 118 14.24 -10.02 2.02
C LYS A 118 14.71 -9.22 3.25
N THR A 119 15.21 -7.99 3.01
CA THR A 119 15.94 -7.32 4.09
C THR A 119 15.16 -6.11 4.64
N ASP A 120 13.91 -5.94 4.24
CA ASP A 120 13.09 -4.82 4.73
C ASP A 120 11.86 -5.37 5.49
N TYR A 121 11.42 -4.64 6.55
CA TYR A 121 10.43 -5.11 7.50
C TYR A 121 9.26 -4.15 7.72
N HIS A 122 8.83 -3.44 6.68
CA HIS A 122 7.59 -2.64 6.81
C HIS A 122 6.38 -3.33 6.21
N TYR A 123 6.49 -4.51 5.59
CA TYR A 123 5.32 -5.14 4.98
C TYR A 123 4.18 -5.43 5.97
N GLN A 124 4.52 -5.95 7.15
CA GLN A 124 3.46 -6.28 8.14
C GLN A 124 2.67 -5.02 8.54
N LEU A 125 3.38 -3.94 8.87
CA LEU A 125 2.74 -2.66 9.22
C LEU A 125 1.81 -2.21 8.10
N GLU A 126 2.33 -2.19 6.86
CA GLU A 126 1.54 -1.75 5.72
C GLU A 126 0.32 -2.64 5.50
N MET A 127 0.43 -3.95 5.68
CA MET A 127 -0.73 -4.82 5.61
C MET A 127 -1.74 -4.48 6.72
N ALA A 128 -1.27 -4.28 7.95
CA ALA A 128 -2.17 -3.95 9.06
C ALA A 128 -2.97 -2.67 8.85
N LYS A 129 -2.44 -1.68 8.11
CA LYS A 129 -3.17 -0.44 7.87
C LYS A 129 -4.49 -0.66 7.15
N ASN A 130 -4.64 -1.75 6.39
CA ASN A 130 -5.84 -2.02 5.64
C ASN A 130 -7.03 -2.45 6.52
N ILE A 131 -6.78 -2.92 7.75
CA ILE A 131 -7.88 -3.58 8.49
C ILE A 131 -7.99 -3.00 9.91
N THR A 132 -7.39 -1.84 10.14
CA THR A 132 -7.37 -1.22 11.47
C THR A 132 -7.73 0.26 11.40
N ALA A 133 -8.11 0.89 12.52
CA ALA A 133 -8.37 2.33 12.55
C ALA A 133 -7.11 3.16 12.76
N ALA A 134 -6.07 2.55 13.28
CA ALA A 134 -4.77 3.13 13.56
C ALA A 134 -3.73 2.00 13.60
N ALA A 135 -2.52 2.32 13.15
CA ALA A 135 -1.47 1.28 13.09
C ALA A 135 -0.11 1.98 13.16
N GLU A 136 0.65 1.63 14.19
CA GLU A 136 1.90 2.30 14.48
C GLU A 136 2.98 1.25 14.79
N ALA A 137 4.14 1.42 14.15
CA ALA A 137 5.35 0.68 14.49
C ALA A 137 6.21 1.48 15.46
N ILE A 138 6.68 0.82 16.51
CA ILE A 138 7.55 1.46 17.50
C ILE A 138 8.97 0.90 17.40
N TYR A 139 9.93 1.77 17.03
CA TYR A 139 11.32 1.39 16.83
C TYR A 139 12.25 1.90 17.91
N THR A 140 11.87 2.99 18.61
CA THR A 140 12.67 3.54 19.70
C THR A 140 11.75 3.77 20.92
N PRO A 141 12.30 3.67 22.12
CA PRO A 141 11.49 3.80 23.34
C PRO A 141 10.85 5.17 23.50
N GLU A 142 11.52 6.24 23.09
CA GLU A 142 10.98 7.61 23.20
C GLU A 142 9.71 7.80 22.39
N GLU A 143 9.56 7.03 21.29
CA GLU A 143 8.37 7.12 20.46
C GLU A 143 7.15 6.32 20.93
N ALA A 144 7.32 5.49 21.96
CA ALA A 144 6.29 4.52 22.35
C ALA A 144 5.05 5.17 22.99
N PRO A 145 5.24 6.08 23.95
CA PRO A 145 4.09 6.66 24.66
C PRO A 145 3.09 7.29 23.74
N ALA A 146 3.56 8.15 22.82
CA ALA A 146 2.66 8.78 21.87
C ALA A 146 1.94 7.79 20.96
N LYS A 147 2.63 6.77 20.44
CA LYS A 147 1.98 5.83 19.53
C LYS A 147 0.98 4.94 20.29
N ILE A 148 1.35 4.49 21.49
CA ILE A 148 0.40 3.71 22.31
C ILE A 148 -0.84 4.54 22.64
N ASP A 149 -0.66 5.76 23.17
CA ASP A 149 -1.84 6.60 23.49
C ASP A 149 -2.70 6.85 22.26
N HIS A 150 -2.08 7.18 21.12
CA HIS A 150 -2.88 7.43 19.92
C HIS A 150 -3.73 6.23 19.51
N VAL A 151 -3.16 5.03 19.41
CA VAL A 151 -3.93 3.86 18.98
C VAL A 151 -5.01 3.48 20.01
N ILE A 152 -4.71 3.55 21.31
CA ILE A 152 -5.78 3.21 22.30
C ILE A 152 -6.93 4.21 22.25
N LYS A 153 -6.64 5.54 22.24
CA LYS A 153 -7.73 6.50 22.11
C LYS A 153 -8.55 6.27 20.85
N THR A 154 -7.87 6.03 19.73
CA THR A 154 -8.53 5.76 18.46
C THR A 154 -9.45 4.53 18.55
N ALA A 155 -8.99 3.43 19.11
CA ALA A 155 -9.81 2.21 19.23
C ALA A 155 -11.13 2.45 20.00
N LEU A 156 -11.00 3.08 21.17
CA LEU A 156 -12.17 3.38 22.02
C LEU A 156 -13.16 4.32 21.37
N ARG A 157 -12.70 5.41 20.75
CA ARG A 157 -13.63 6.39 20.19
C ARG A 157 -14.25 5.88 18.90
N GLU A 158 -13.50 5.11 18.10
CA GLU A 158 -14.05 4.60 16.84
C GLU A 158 -14.76 3.26 17.02
N LYS A 159 -14.55 2.59 18.15
CA LYS A 159 -14.99 1.21 18.35
C LYS A 159 -14.44 0.32 17.21
N LYS A 160 -13.13 0.35 17.01
CA LYS A 160 -12.45 -0.43 15.94
C LYS A 160 -11.12 -0.93 16.48
N PRO A 161 -10.58 -2.01 15.90
CA PRO A 161 -9.31 -2.57 16.30
C PRO A 161 -8.15 -1.70 15.79
N VAL A 162 -7.01 -1.84 16.42
CA VAL A 162 -5.81 -1.07 16.13
C VAL A 162 -4.60 -2.00 16.21
N TYR A 163 -3.46 -1.55 15.66
CA TYR A 163 -2.23 -2.35 15.58
C TYR A 163 -1.05 -1.59 16.13
N LEU A 164 -0.19 -2.34 16.81
CA LEU A 164 1.08 -1.89 17.32
C LEU A 164 2.11 -3.04 17.08
N GLU A 165 3.33 -2.60 16.76
CA GLU A 165 4.46 -3.52 16.74
C GLU A 165 5.58 -2.88 17.56
N ILE A 166 6.33 -3.70 18.29
CA ILE A 166 7.36 -3.19 19.18
C ILE A 166 8.66 -3.96 18.94
N ALA A 167 9.72 -3.22 18.57
CA ALA A 167 11.04 -3.86 18.34
C ALA A 167 11.39 -4.68 19.58
N CYS A 168 11.88 -5.91 19.38
CA CYS A 168 12.02 -6.83 20.51
C CYS A 168 13.10 -6.40 21.49
N ASN A 169 14.08 -5.57 21.11
CA ASN A 169 15.12 -5.13 22.00
C ASN A 169 14.79 -3.81 22.71
N ILE A 170 13.56 -3.28 22.64
CA ILE A 170 13.23 -2.04 23.35
C ILE A 170 12.10 -2.21 24.38
N ALA A 171 11.53 -3.42 24.47
CA ALA A 171 10.41 -3.69 25.39
C ALA A 171 10.71 -3.36 26.84
N SER A 172 11.94 -3.49 27.31
CA SER A 172 12.29 -3.18 28.68
C SER A 172 12.97 -1.82 28.82
N MET A 173 13.09 -1.04 27.75
CA MET A 173 13.71 0.28 27.84
C MET A 173 12.79 1.32 28.51
N PRO A 174 13.37 2.23 29.28
CA PRO A 174 12.60 3.25 30.00
C PRO A 174 11.92 4.25 29.08
N CYS A 175 10.76 4.75 29.53
CA CYS A 175 10.06 5.84 28.87
C CYS A 175 9.24 6.61 29.91
N ALA A 176 8.59 7.69 29.48
CA ALA A 176 7.78 8.50 30.41
C ALA A 176 6.62 7.68 31.00
N ALA A 177 6.05 8.19 32.09
CA ALA A 177 4.93 7.50 32.74
C ALA A 177 3.61 7.96 32.16
N PRO A 178 2.60 7.09 32.14
CA PRO A 178 1.27 7.44 31.65
C PRO A 178 0.50 8.38 32.57
N GLY A 179 -0.22 9.34 32.01
CA GLY A 179 -1.06 10.27 32.79
C GLY A 179 -2.39 9.61 33.19
N PRO A 180 -3.36 10.43 33.62
CA PRO A 180 -4.66 9.95 34.07
C PRO A 180 -5.41 9.12 33.04
N ALA A 181 -6.17 8.12 33.50
CA ALA A 181 -6.99 7.27 32.64
C ALA A 181 -8.07 8.06 31.93
N SER A 182 -8.66 9.10 32.54
CA SER A 182 -9.71 9.89 31.94
C SER A 182 -9.34 10.39 30.54
N ALA A 183 -8.07 10.75 30.27
CA ALA A 183 -7.65 11.20 28.94
C ALA A 183 -7.91 10.23 27.79
N LEU A 184 -7.89 8.92 28.05
CA LEU A 184 -8.14 7.89 27.05
C LEU A 184 -9.58 7.83 26.57
N PHE A 185 -10.53 8.31 27.38
CA PHE A 185 -11.96 8.25 27.01
C PHE A 185 -12.46 9.56 26.43
N ASN A 186 -11.59 10.56 26.39
CA ASN A 186 -11.88 11.90 25.88
C ASN A 186 -12.31 11.83 24.42
N ASP A 187 -13.51 12.32 24.15
CA ASP A 187 -14.11 12.23 22.82
C ASP A 187 -14.90 13.52 22.57
N GLU A 188 -15.17 13.82 21.31
CA GLU A 188 -16.07 14.90 20.96
C GLU A 188 -17.43 14.80 21.65
N ALA A 189 -18.05 15.91 22.02
CA ALA A 189 -19.46 15.82 22.49
C ALA A 189 -20.32 16.06 21.24
N SER A 190 -21.65 15.87 21.34
CA SER A 190 -22.52 16.24 20.24
C SER A 190 -22.44 17.75 20.00
N ASP A 191 -22.40 18.23 18.76
CA ASP A 191 -22.61 19.65 18.50
C ASP A 191 -24.05 20.02 18.93
N GLU A 192 -24.21 20.94 19.89
CA GLU A 192 -25.51 21.30 20.45
C GLU A 192 -26.51 21.84 19.45
N ALA A 193 -26.12 22.75 18.54
CA ALA A 193 -27.06 23.19 17.51
C ALA A 193 -27.47 22.03 16.61
N SER A 194 -26.57 21.15 16.20
CA SER A 194 -26.92 20.02 15.33
C SER A 194 -27.85 19.01 16.03
N LEU A 195 -27.55 18.74 17.29
CA LEU A 195 -28.37 17.80 18.09
C LEU A 195 -29.81 18.31 18.17
N ASN A 196 -30.03 19.59 18.56
CA ASN A 196 -31.38 20.16 18.63
C ASN A 196 -32.09 20.20 17.29
N ALA A 197 -31.33 20.54 16.24
CA ALA A 197 -31.89 20.58 14.89
C ALA A 197 -32.23 19.17 14.42
N ALA A 198 -31.37 18.18 14.68
CA ALA A 198 -31.71 16.81 14.25
C ALA A 198 -33.01 16.33 14.94
N VAL A 199 -33.13 16.61 16.24
CA VAL A 199 -34.40 16.28 16.96
C VAL A 199 -35.58 17.00 16.32
N ASP A 200 -35.48 18.31 16.12
CA ASP A 200 -36.56 19.11 15.56
C ASP A 200 -36.98 18.64 14.18
N GLU A 201 -36.02 18.29 13.29
CA GLU A 201 -36.36 17.84 11.96
C GLU A 201 -36.97 16.44 11.98
N THR A 202 -36.65 15.62 12.97
CA THR A 202 -37.36 14.36 13.16
C THR A 202 -38.84 14.60 13.51
N LEU A 203 -39.10 15.52 14.46
CA LEU A 203 -40.49 15.87 14.82
C LEU A 203 -41.23 16.39 13.60
N LYS A 204 -40.58 17.26 12.83
CA LYS A 204 -41.17 17.77 11.60
C LYS A 204 -41.50 16.64 10.62
N PHE A 205 -40.59 15.68 10.44
CA PHE A 205 -40.76 14.57 9.52
C PHE A 205 -41.94 13.67 9.91
N ILE A 206 -42.11 13.36 11.21
CA ILE A 206 -43.19 12.45 11.60
C ILE A 206 -44.47 13.19 12.00
N ALA A 207 -44.48 14.53 11.91
CA ALA A 207 -45.63 15.33 12.32
C ALA A 207 -46.93 14.83 11.69
N ASN A 208 -46.94 14.60 10.38
CA ASN A 208 -48.19 14.11 9.77
C ASN A 208 -48.06 12.66 9.32
N ARG A 209 -47.27 11.87 10.04
CA ARG A 209 -47.06 10.46 9.73
C ARG A 209 -47.53 9.54 10.86
N ASP A 210 -48.64 8.84 10.64
CA ASP A 210 -49.32 8.14 11.74
C ASP A 210 -48.52 6.94 12.24
N LYS A 211 -48.08 6.09 11.30
CA LYS A 211 -47.43 4.82 11.70
C LYS A 211 -45.90 4.97 11.63
N VAL A 212 -45.31 5.09 12.81
CA VAL A 212 -43.87 5.23 12.97
C VAL A 212 -43.33 3.96 13.61
N ALA A 213 -42.51 3.21 12.87
CA ALA A 213 -41.89 1.98 13.37
C ALA A 213 -40.41 2.21 13.66
N VAL A 214 -39.90 1.52 14.67
CA VAL A 214 -38.50 1.65 15.05
C VAL A 214 -37.75 0.36 14.69
N LEU A 215 -36.64 0.50 13.96
CA LEU A 215 -35.87 -0.70 13.54
C LEU A 215 -34.49 -0.66 14.19
N VAL A 216 -34.26 -1.59 15.11
CA VAL A 216 -33.05 -1.61 15.90
C VAL A 216 -31.89 -2.30 15.16
N GLY A 217 -30.76 -1.61 14.98
CA GLY A 217 -29.64 -2.18 14.22
C GLY A 217 -28.46 -2.65 15.05
N SER A 218 -27.51 -3.35 14.39
CA SER A 218 -26.43 -4.03 15.07
C SER A 218 -25.23 -3.20 15.47
N LYS A 219 -25.25 -1.88 15.24
CA LYS A 219 -24.26 -0.96 15.76
C LYS A 219 -24.80 -0.16 16.96
N LEU A 220 -25.95 -0.60 17.54
CA LEU A 220 -26.53 0.13 18.68
C LEU A 220 -25.66 0.06 19.91
N ARG A 221 -25.04 -1.11 20.16
CA ARG A 221 -24.14 -1.25 21.29
C ARG A 221 -22.86 -0.45 21.09
N ALA A 222 -22.34 -0.41 19.85
CA ALA A 222 -21.11 0.36 19.58
C ALA A 222 -21.34 1.85 19.85
N ALA A 223 -22.55 2.32 19.61
CA ALA A 223 -22.94 3.71 19.91
C ALA A 223 -23.23 3.94 21.40
N GLY A 224 -23.27 2.89 22.22
CA GLY A 224 -23.56 3.01 23.65
C GLY A 224 -25.00 3.51 23.87
N ALA A 225 -25.92 3.16 22.98
CA ALA A 225 -27.25 3.73 23.02
C ALA A 225 -28.39 2.76 23.30
N GLU A 226 -28.12 1.60 23.89
CA GLU A 226 -29.18 0.62 24.14
C GLU A 226 -30.22 1.18 25.13
N GLU A 227 -29.77 1.77 26.24
CA GLU A 227 -30.70 2.32 27.24
C GLU A 227 -31.43 3.54 26.72
N ALA A 228 -30.76 4.42 25.96
CA ALA A 228 -31.43 5.58 25.38
C ALA A 228 -32.49 5.17 24.38
N ALA A 229 -32.27 4.06 23.64
CA ALA A 229 -33.25 3.57 22.69
C ALA A 229 -34.59 3.28 23.40
N VAL A 230 -34.51 2.65 24.57
CA VAL A 230 -35.70 2.29 25.35
C VAL A 230 -36.43 3.56 25.82
N LYS A 231 -35.67 4.56 26.26
CA LYS A 231 -36.30 5.83 26.66
C LYS A 231 -37.14 6.37 25.52
N PHE A 232 -36.53 6.44 24.32
CA PHE A 232 -37.24 6.91 23.14
C PHE A 232 -38.42 6.02 22.74
N THR A 233 -38.25 4.70 22.64
CA THR A 233 -39.35 3.84 22.20
C THR A 233 -40.53 3.85 23.19
N ASP A 234 -40.24 3.91 24.49
CA ASP A 234 -41.30 4.02 25.52
C ASP A 234 -42.11 5.31 25.34
N ALA A 235 -41.44 6.43 25.03
CA ALA A 235 -42.09 7.71 24.82
C ALA A 235 -42.92 7.72 23.54
N LEU A 236 -42.37 7.18 22.46
CA LEU A 236 -43.07 7.12 21.18
C LEU A 236 -44.28 6.18 21.20
N GLY A 237 -44.10 4.99 21.76
CA GLY A 237 -45.15 3.96 21.80
C GLY A 237 -45.47 3.30 20.47
N GLY A 238 -44.56 3.40 19.49
CA GLY A 238 -44.69 2.75 18.18
C GLY A 238 -44.12 1.32 18.23
N ALA A 239 -44.41 0.51 17.23
CA ALA A 239 -43.86 -0.85 17.13
C ALA A 239 -42.33 -0.81 16.98
N VAL A 240 -41.65 -1.71 17.68
CA VAL A 240 -40.21 -1.86 17.67
C VAL A 240 -39.81 -3.28 17.23
N ALA A 241 -38.95 -3.36 16.21
CA ALA A 241 -38.43 -4.63 15.69
C ALA A 241 -36.91 -4.61 15.65
N THR A 242 -36.26 -5.78 15.81
CA THR A 242 -34.80 -5.87 15.77
C THR A 242 -34.36 -6.54 14.48
N MET A 243 -33.31 -5.97 13.87
CA MET A 243 -32.67 -6.66 12.69
C MET A 243 -32.04 -7.93 13.26
N ALA A 244 -31.73 -8.94 12.44
CA ALA A 244 -31.22 -10.22 12.92
C ALA A 244 -29.98 -10.08 13.77
N ALA A 245 -28.98 -9.27 13.34
CA ALA A 245 -27.72 -9.17 14.06
C ALA A 245 -27.80 -8.30 15.34
N ALA A 246 -28.94 -7.64 15.56
CA ALA A 246 -29.15 -6.81 16.75
C ALA A 246 -29.93 -7.57 17.85
N LYS A 247 -30.05 -8.90 17.73
CA LYS A 247 -30.78 -9.65 18.76
C LYS A 247 -30.16 -9.45 20.13
N SER A 248 -31.02 -9.05 21.10
CA SER A 248 -30.68 -8.78 22.48
C SER A 248 -30.18 -7.35 22.71
N PHE A 249 -30.19 -6.49 21.69
CA PHE A 249 -29.84 -5.09 21.88
C PHE A 249 -31.09 -4.26 22.20
N PHE A 250 -32.23 -4.90 22.33
CA PHE A 250 -33.51 -4.31 22.70
C PHE A 250 -34.27 -5.35 23.56
N PRO A 251 -34.91 -4.91 24.64
CA PRO A 251 -35.64 -5.81 25.54
C PRO A 251 -36.87 -6.44 24.92
N GLU A 252 -36.86 -7.78 24.81
CA GLU A 252 -37.92 -8.52 24.17
C GLU A 252 -39.25 -8.61 24.94
N GLU A 253 -39.22 -8.38 26.25
CA GLU A 253 -40.44 -8.33 27.07
C GLU A 253 -41.07 -6.93 27.05
N ASN A 254 -40.38 -5.94 26.46
CA ASN A 254 -40.96 -4.59 26.34
C ASN A 254 -42.28 -4.68 25.63
N ALA A 255 -43.28 -3.89 26.08
CA ALA A 255 -44.62 -3.93 25.53
C ALA A 255 -44.69 -3.54 24.06
N LEU A 256 -43.75 -2.73 23.54
CA LEU A 256 -43.79 -2.33 22.13
C LEU A 256 -42.99 -3.23 21.20
N TYR A 257 -42.31 -4.25 21.72
CA TYR A 257 -41.50 -5.15 20.88
C TYR A 257 -42.37 -6.10 20.06
N ILE A 258 -42.10 -6.15 18.73
CA ILE A 258 -42.89 -7.04 17.89
C ILE A 258 -42.07 -8.21 17.33
N GLY A 259 -40.78 -8.32 17.64
CA GLY A 259 -40.00 -9.46 17.13
C GLY A 259 -38.95 -9.11 16.07
N THR A 260 -38.46 -10.13 15.37
CA THR A 260 -37.41 -9.98 14.34
C THR A 260 -37.92 -9.42 13.02
N SER A 261 -37.21 -8.40 12.51
CA SER A 261 -37.38 -7.95 11.14
C SER A 261 -36.21 -8.47 10.27
N TRP A 262 -36.52 -9.37 9.34
CA TRP A 262 -35.50 -9.98 8.47
C TRP A 262 -36.15 -10.40 7.15
N GLY A 263 -36.81 -9.46 6.51
CA GLY A 263 -37.40 -9.73 5.21
C GLY A 263 -38.42 -10.86 5.29
N GLU A 264 -38.33 -11.83 4.38
CA GLU A 264 -39.30 -12.93 4.35
C GLU A 264 -39.10 -13.95 5.46
N VAL A 265 -38.05 -13.86 6.27
CA VAL A 265 -37.92 -14.70 7.45
C VAL A 265 -38.10 -13.89 8.74
N SER A 266 -38.95 -12.87 8.68
CA SER A 266 -39.34 -12.06 9.84
C SER A 266 -40.33 -12.86 10.69
N TYR A 267 -40.51 -12.43 11.95
CA TYR A 267 -41.58 -13.01 12.81
C TYR A 267 -42.93 -12.62 12.21
N PRO A 268 -43.99 -13.34 12.58
CA PRO A 268 -45.31 -13.16 11.99
C PRO A 268 -45.81 -11.73 12.15
N GLY A 269 -46.26 -11.11 11.07
CA GLY A 269 -46.82 -9.75 11.11
C GLY A 269 -45.78 -8.63 11.05
N VAL A 270 -44.49 -8.91 11.24
CA VAL A 270 -43.47 -7.83 11.25
C VAL A 270 -43.18 -7.28 9.87
N GLU A 271 -42.97 -8.18 8.89
CA GLU A 271 -42.71 -7.71 7.53
C GLU A 271 -43.81 -6.78 7.03
N LYS A 272 -45.07 -7.17 7.20
CA LYS A 272 -46.22 -6.35 6.82
C LYS A 272 -46.28 -5.02 7.58
N THR A 273 -45.96 -5.03 8.87
CA THR A 273 -45.95 -3.81 9.68
C THR A 273 -44.88 -2.82 9.19
N MET A 274 -43.66 -3.30 8.90
CA MET A 274 -42.58 -2.45 8.40
C MET A 274 -42.93 -1.86 7.04
N LYS A 275 -43.52 -2.69 6.18
CA LYS A 275 -43.95 -2.27 4.85
C LYS A 275 -45.01 -1.17 4.90
N GLU A 276 -45.94 -1.24 5.86
CA GLU A 276 -47.06 -0.31 5.94
C GLU A 276 -46.75 0.96 6.75
N ALA A 277 -45.60 0.99 7.42
CA ALA A 277 -45.22 2.15 8.22
C ALA A 277 -45.16 3.40 7.36
N ASP A 278 -45.45 4.56 7.96
CA ASP A 278 -45.30 5.85 7.26
C ASP A 278 -43.87 6.39 7.43
N ALA A 279 -43.21 5.95 8.48
CA ALA A 279 -41.83 6.35 8.77
C ALA A 279 -41.13 5.20 9.51
N VAL A 280 -39.88 4.94 9.12
CA VAL A 280 -39.05 3.97 9.82
C VAL A 280 -37.88 4.70 10.45
N ILE A 281 -37.76 4.64 11.77
CA ILE A 281 -36.58 5.20 12.42
C ILE A 281 -35.56 4.08 12.65
N ALA A 282 -34.48 4.05 11.86
CA ALA A 282 -33.50 2.96 11.96
C ALA A 282 -32.35 3.40 12.85
N LEU A 283 -32.15 2.64 13.93
CA LEU A 283 -31.12 2.96 14.90
C LEU A 283 -29.85 2.16 14.65
N ALA A 284 -28.82 2.86 14.13
CA ALA A 284 -27.52 2.28 13.79
C ALA A 284 -27.57 0.93 13.08
N PRO A 285 -28.18 0.89 11.91
CA PRO A 285 -28.30 -0.34 11.14
C PRO A 285 -27.07 -0.63 10.25
N VAL A 286 -26.91 -1.91 9.93
CA VAL A 286 -25.94 -2.39 8.94
C VAL A 286 -26.72 -3.08 7.83
N PHE A 287 -26.81 -2.44 6.68
CA PHE A 287 -27.56 -3.01 5.56
C PHE A 287 -26.55 -3.63 4.57
N ASN A 288 -26.50 -4.96 4.54
CA ASN A 288 -25.55 -5.66 3.66
C ASN A 288 -26.30 -6.74 2.89
N ASP A 289 -25.61 -7.58 2.11
CA ASP A 289 -26.30 -8.59 1.31
C ASP A 289 -27.02 -9.67 2.14
N TYR A 290 -26.51 -9.98 3.32
CA TYR A 290 -27.17 -10.96 4.20
C TYR A 290 -28.32 -10.39 5.04
N SER A 291 -28.15 -9.17 5.56
CA SER A 291 -29.20 -8.56 6.41
C SER A 291 -30.40 -8.06 5.62
N THR A 292 -30.22 -7.81 4.33
CA THR A 292 -31.29 -7.48 3.40
C THR A 292 -31.86 -8.72 2.71
N THR A 293 -31.44 -9.91 3.11
CA THR A 293 -31.93 -11.17 2.55
C THR A 293 -31.69 -11.19 1.03
N GLY A 294 -30.41 -11.08 0.65
CA GLY A 294 -30.00 -11.08 -0.75
C GLY A 294 -30.53 -9.87 -1.50
N TRP A 295 -30.55 -8.69 -0.87
CA TRP A 295 -31.02 -7.43 -1.40
C TRP A 295 -32.51 -7.42 -1.73
N THR A 296 -33.33 -8.28 -1.09
CA THR A 296 -34.76 -8.27 -1.34
C THR A 296 -35.50 -7.38 -0.33
N ASP A 297 -34.85 -7.03 0.78
CA ASP A 297 -35.52 -6.26 1.83
C ASP A 297 -34.69 -5.04 2.22
N ILE A 298 -34.93 -3.93 1.55
CA ILE A 298 -34.20 -2.68 1.72
C ILE A 298 -35.21 -1.59 2.12
N PRO A 299 -34.90 -0.80 3.14
CA PRO A 299 -35.82 0.24 3.61
C PRO A 299 -36.13 1.29 2.56
N ASP A 300 -37.41 1.66 2.50
CA ASP A 300 -37.85 2.74 1.60
C ASP A 300 -37.15 4.03 1.97
N PRO A 301 -36.32 4.55 1.04
CA PRO A 301 -35.54 5.75 1.22
C PRO A 301 -36.37 6.99 1.60
N LYS A 302 -37.61 7.07 1.12
CA LYS A 302 -38.49 8.19 1.39
C LYS A 302 -39.10 8.17 2.79
N LYS A 303 -39.08 7.03 3.46
CA LYS A 303 -39.72 6.89 4.78
C LYS A 303 -38.69 6.78 5.91
N LEU A 304 -37.40 6.87 5.55
CA LEU A 304 -36.32 6.50 6.44
C LEU A 304 -35.79 7.68 7.27
N VAL A 305 -35.69 7.47 8.59
CA VAL A 305 -34.85 8.35 9.40
C VAL A 305 -33.58 7.55 9.74
N LEU A 306 -32.40 8.00 9.31
CA LEU A 306 -31.21 7.15 9.48
C LEU A 306 -30.36 7.70 10.62
N ALA A 307 -30.55 7.10 11.81
CA ALA A 307 -29.80 7.55 12.98
C ALA A 307 -28.61 6.62 13.23
N GLU A 308 -27.44 6.99 12.68
CA GLU A 308 -26.22 6.23 12.85
C GLU A 308 -25.61 6.59 14.19
N PRO A 309 -24.49 5.94 14.52
CA PRO A 309 -23.83 6.21 15.79
C PRO A 309 -23.45 7.65 16.02
N ARG A 310 -22.96 8.35 14.98
CA ARG A 310 -22.41 9.70 15.11
C ARG A 310 -22.94 10.69 14.08
N SER A 311 -24.08 10.37 13.50
CA SER A 311 -24.74 11.28 12.56
C SER A 311 -26.20 10.90 12.40
N VAL A 312 -27.05 11.86 12.00
CA VAL A 312 -28.43 11.56 11.68
C VAL A 312 -28.70 12.11 10.27
N VAL A 313 -29.37 11.30 9.45
CA VAL A 313 -29.92 11.87 8.22
C VAL A 313 -31.44 11.86 8.35
N VAL A 314 -32.04 13.05 8.34
CA VAL A 314 -33.50 13.14 8.53
C VAL A 314 -34.11 14.31 7.80
N ASN A 315 -35.28 14.10 7.21
CA ASN A 315 -35.99 15.15 6.49
C ASN A 315 -35.14 15.79 5.39
N GLY A 316 -34.27 15.00 4.72
CA GLY A 316 -33.43 15.51 3.64
C GLY A 316 -32.15 16.21 4.03
N ILE A 317 -31.84 16.24 5.33
CA ILE A 317 -30.70 16.96 5.87
C ILE A 317 -29.74 16.03 6.61
N ARG A 318 -28.43 16.23 6.40
CA ARG A 318 -27.41 15.44 7.06
C ARG A 318 -26.77 16.22 8.21
N PHE A 319 -26.76 15.53 9.37
CA PHE A 319 -26.22 16.10 10.60
C PHE A 319 -25.07 15.25 11.15
N PRO A 320 -23.83 15.58 10.75
CA PRO A 320 -22.64 15.07 11.41
C PRO A 320 -22.56 15.56 12.85
N SER A 321 -21.71 14.93 13.64
CA SER A 321 -21.38 15.37 15.00
C SER A 321 -22.63 15.31 15.92
N VAL A 322 -23.45 14.27 15.75
CA VAL A 322 -24.64 14.08 16.59
C VAL A 322 -24.61 12.65 17.14
N HIS A 323 -24.29 12.50 18.41
CA HIS A 323 -24.13 11.14 18.95
C HIS A 323 -25.50 10.51 19.23
N LEU A 324 -25.68 9.27 18.81
CA LEU A 324 -26.94 8.55 18.90
C LEU A 324 -27.55 8.50 20.31
N LYS A 325 -26.72 8.32 21.33
CA LYS A 325 -27.28 8.30 22.69
C LYS A 325 -27.94 9.64 23.04
N ASP A 326 -27.28 10.74 22.64
CA ASP A 326 -27.82 12.09 22.91
C ASP A 326 -29.08 12.39 22.13
N TYR A 327 -29.06 11.99 20.85
CA TYR A 327 -30.20 12.18 19.96
C TYR A 327 -31.43 11.45 20.50
N LEU A 328 -31.31 10.17 20.84
CA LEU A 328 -32.42 9.41 21.40
C LEU A 328 -32.90 9.96 22.75
N THR A 329 -31.99 10.36 23.62
CA THR A 329 -32.39 10.89 24.94
C THR A 329 -33.21 12.17 24.81
N ARG A 330 -32.72 13.09 23.98
CA ARG A 330 -33.38 14.37 23.72
C ARG A 330 -34.67 14.20 22.97
N LEU A 331 -34.70 13.29 21.98
CA LEU A 331 -35.91 13.02 21.22
C LEU A 331 -36.97 12.38 22.13
N ALA A 332 -36.53 11.51 23.05
CA ALA A 332 -37.46 10.92 24.03
C ALA A 332 -38.20 12.00 24.83
N GLN A 333 -37.52 13.08 25.22
CA GLN A 333 -38.14 14.17 25.97
C GLN A 333 -39.11 15.03 25.15
N LYS A 334 -39.01 15.01 23.82
CA LYS A 334 -39.75 15.94 22.98
C LYS A 334 -40.82 15.29 22.11
N VAL A 335 -40.73 13.99 21.92
CA VAL A 335 -41.65 13.27 21.06
C VAL A 335 -43.02 13.04 21.70
N SER A 336 -44.06 13.03 20.87
CA SER A 336 -45.42 12.73 21.31
C SER A 336 -45.72 11.23 21.14
N LYS A 337 -46.77 10.77 21.81
CA LYS A 337 -47.18 9.37 21.77
C LYS A 337 -47.83 9.02 20.44
N LYS A 338 -47.23 8.10 19.68
CA LYS A 338 -47.73 7.70 18.37
C LYS A 338 -47.81 6.16 18.31
N THR A 339 -48.98 5.62 18.70
CA THR A 339 -49.15 4.18 18.80
C THR A 339 -49.63 3.50 17.53
N GLY A 340 -49.83 4.23 16.44
CA GLY A 340 -50.42 3.70 15.23
C GLY A 340 -49.74 2.46 14.65
N SER A 341 -48.41 2.39 14.65
CA SER A 341 -47.73 1.21 14.09
C SER A 341 -47.97 -0.04 14.94
N LEU A 342 -47.98 0.13 16.27
CA LEU A 342 -48.30 -1.02 17.14
C LEU A 342 -49.75 -1.42 17.01
N ASP A 343 -50.66 -0.44 16.94
CA ASP A 343 -52.09 -0.77 16.73
C ASP A 343 -52.26 -1.59 15.46
N PHE A 344 -51.62 -1.10 14.38
CA PHE A 344 -51.57 -1.82 13.11
C PHE A 344 -51.05 -3.25 13.25
N PHE A 345 -49.90 -3.44 13.90
CA PHE A 345 -49.38 -4.79 14.11
C PHE A 345 -50.40 -5.69 14.81
N LYS A 346 -50.99 -5.20 15.92
CA LYS A 346 -52.00 -5.97 16.66
C LYS A 346 -53.24 -6.30 15.85
N SER A 347 -53.63 -5.39 14.96
CA SER A 347 -54.79 -5.56 14.10
C SER A 347 -54.66 -6.69 13.10
N LEU A 348 -53.44 -7.14 12.80
CA LEU A 348 -53.18 -8.25 11.88
C LEU A 348 -53.62 -9.58 12.49
N ASN A 349 -53.57 -9.70 13.82
CA ASN A 349 -53.86 -10.96 14.49
C ASN A 349 -53.01 -12.07 13.83
N ALA A 350 -51.69 -11.83 13.73
CA ALA A 350 -50.79 -12.77 13.06
C ALA A 350 -50.36 -13.87 14.01
N GLY A 351 -50.54 -13.61 15.31
CA GLY A 351 -50.22 -14.59 16.34
C GLY A 351 -48.71 -14.56 16.59
N GLU A 352 -48.28 -15.31 17.59
CA GLU A 352 -46.87 -15.46 17.91
C GLU A 352 -46.17 -16.46 16.98
N LEU A 353 -44.84 -16.36 16.97
CA LEU A 353 -44.00 -17.32 16.21
C LEU A 353 -44.41 -18.73 16.65
N LYS A 354 -44.78 -19.58 15.71
CA LYS A 354 -45.18 -20.96 15.99
C LYS A 354 -43.98 -21.83 16.40
N LYS A 355 -44.02 -22.39 17.60
CA LYS A 355 -42.93 -23.19 18.13
C LYS A 355 -43.42 -24.61 18.42
N ALA A 356 -42.54 -25.60 18.30
CA ALA A 356 -42.93 -27.00 18.51
C ALA A 356 -43.17 -27.33 19.99
N ALA A 357 -44.15 -28.21 20.23
CA ALA A 357 -44.40 -28.79 21.54
C ALA A 357 -43.30 -29.80 21.88
N PRO A 358 -43.15 -30.08 23.18
CA PRO A 358 -42.18 -31.05 23.63
C PRO A 358 -42.29 -32.36 22.84
N ALA A 359 -41.13 -32.90 22.41
CA ALA A 359 -41.10 -34.14 21.66
C ALA A 359 -41.38 -35.33 22.61
N ASP A 360 -41.90 -36.40 21.98
CA ASP A 360 -41.74 -37.73 22.64
C ASP A 360 -40.24 -37.93 22.89
N PRO A 361 -39.88 -38.09 24.16
CA PRO A 361 -38.49 -38.18 24.58
C PRO A 361 -37.72 -39.37 24.04
N SER A 362 -38.39 -40.45 23.61
CA SER A 362 -37.66 -41.60 23.06
C SER A 362 -37.57 -41.55 21.55
N ALA A 363 -38.27 -40.62 20.91
CA ALA A 363 -38.14 -40.47 19.45
C ALA A 363 -36.77 -39.89 19.05
N PRO A 364 -36.36 -40.14 17.80
CA PRO A 364 -35.08 -39.63 17.31
C PRO A 364 -35.05 -38.10 17.43
N LEU A 365 -33.94 -37.56 17.91
CA LEU A 365 -33.78 -36.11 18.09
C LEU A 365 -34.01 -35.36 16.78
N VAL A 366 -34.75 -34.25 16.85
CA VAL A 366 -34.85 -33.35 15.69
C VAL A 366 -34.40 -31.94 16.09
N ASN A 367 -34.09 -31.12 15.07
CA ASN A 367 -33.59 -29.76 15.27
C ASN A 367 -34.51 -28.91 16.17
N ALA A 368 -35.82 -28.94 15.94
CA ALA A 368 -36.78 -28.16 16.75
C ALA A 368 -36.78 -28.53 18.23
N GLU A 369 -36.49 -29.78 18.58
CA GLU A 369 -36.43 -30.24 19.96
C GLU A 369 -35.15 -29.77 20.61
N ILE A 370 -34.03 -29.75 19.86
CA ILE A 370 -32.80 -29.16 20.40
C ILE A 370 -33.09 -27.68 20.75
N ALA A 371 -33.65 -26.93 19.81
CA ALA A 371 -33.92 -25.51 20.00
C ALA A 371 -34.88 -25.27 21.19
N ARG A 372 -35.91 -26.10 21.36
CA ARG A 372 -36.82 -25.98 22.51
C ARG A 372 -36.09 -26.13 23.83
N GLN A 373 -35.27 -27.17 23.99
CA GLN A 373 -34.56 -27.39 25.25
C GLN A 373 -33.50 -26.32 25.51
N VAL A 374 -32.83 -25.79 24.48
CA VAL A 374 -31.88 -24.69 24.73
C VAL A 374 -32.64 -23.43 25.16
N GLU A 375 -33.76 -23.14 24.48
CA GLU A 375 -34.57 -21.97 24.80
C GLU A 375 -35.08 -22.00 26.24
N ALA A 376 -35.43 -23.18 26.74
CA ALA A 376 -35.87 -23.38 28.11
C ALA A 376 -34.78 -23.10 29.13
N LEU A 377 -33.49 -23.09 28.78
CA LEU A 377 -32.41 -22.76 29.68
C LEU A 377 -32.16 -21.25 29.78
N LEU A 378 -32.82 -20.42 28.99
CA LEU A 378 -32.50 -18.99 29.01
C LEU A 378 -33.01 -18.30 30.29
N THR A 379 -32.13 -17.60 30.96
CA THR A 379 -32.50 -16.82 32.15
C THR A 379 -32.02 -15.39 31.92
N PRO A 380 -32.30 -14.48 32.85
CA PRO A 380 -31.80 -13.10 32.75
C PRO A 380 -30.29 -13.02 32.85
N ASN A 381 -29.63 -14.06 33.33
CA ASN A 381 -28.18 -14.13 33.49
C ASN A 381 -27.49 -14.99 32.41
N THR A 382 -28.17 -15.31 31.32
CA THR A 382 -27.62 -16.18 30.27
C THR A 382 -27.06 -15.39 29.07
N THR A 383 -25.97 -15.88 28.47
CA THR A 383 -25.53 -15.42 27.14
C THR A 383 -25.44 -16.61 26.18
N VAL A 384 -26.00 -16.48 25.00
CA VAL A 384 -25.86 -17.49 23.97
C VAL A 384 -24.90 -16.96 22.87
N ILE A 385 -23.84 -17.71 22.60
CA ILE A 385 -22.90 -17.45 21.51
C ILE A 385 -23.34 -18.30 20.32
N ALA A 386 -23.80 -17.68 19.24
CA ALA A 386 -24.45 -18.38 18.16
C ALA A 386 -23.57 -18.31 16.89
N GLU A 387 -23.04 -19.48 16.49
CA GLU A 387 -22.12 -19.58 15.34
C GLU A 387 -22.86 -19.42 14.02
N THR A 388 -22.10 -18.89 13.04
CA THR A 388 -22.52 -18.92 11.65
C THR A 388 -22.90 -20.36 11.25
N GLY A 389 -24.09 -20.48 10.70
CA GLY A 389 -24.64 -21.79 10.31
C GLY A 389 -26.14 -21.79 10.69
N ASP A 390 -26.78 -22.97 10.76
CA ASP A 390 -28.20 -22.96 11.15
C ASP A 390 -28.42 -22.49 12.59
N SER A 391 -27.40 -22.51 13.43
CA SER A 391 -27.45 -21.93 14.77
C SER A 391 -27.80 -20.43 14.73
N TRP A 392 -27.48 -19.69 13.66
CA TRP A 392 -27.99 -18.34 13.50
C TRP A 392 -29.53 -18.26 13.61
N PHE A 393 -30.20 -19.13 12.86
CA PHE A 393 -31.65 -19.16 12.76
C PHE A 393 -32.32 -19.82 13.99
N ASN A 394 -31.69 -20.84 14.55
CA ASN A 394 -32.23 -21.41 15.80
C ASN A 394 -32.22 -20.37 16.92
N ALA A 395 -31.08 -19.69 17.10
CA ALA A 395 -30.98 -18.64 18.13
C ALA A 395 -31.96 -17.50 17.87
N GLN A 396 -32.19 -17.12 16.61
CA GLN A 396 -33.04 -15.99 16.30
C GLN A 396 -34.50 -16.20 16.75
N ARG A 397 -34.94 -17.45 16.77
CA ARG A 397 -36.27 -17.88 17.15
C ARG A 397 -36.50 -17.92 18.67
N MET A 398 -35.47 -17.71 19.47
CA MET A 398 -35.62 -17.84 20.92
C MET A 398 -36.15 -16.58 21.59
N LYS A 399 -37.11 -16.72 22.52
CA LYS A 399 -37.61 -15.55 23.25
C LYS A 399 -36.67 -15.24 24.41
N LEU A 400 -36.12 -14.03 24.45
CA LEU A 400 -35.18 -13.67 25.50
C LEU A 400 -35.87 -12.98 26.68
N PRO A 401 -35.70 -13.56 27.87
CA PRO A 401 -36.09 -12.87 29.11
C PRO A 401 -35.22 -11.63 29.26
N ASN A 402 -35.79 -10.55 29.79
CA ASN A 402 -35.02 -9.31 29.92
C ASN A 402 -33.71 -9.56 30.65
N GLY A 403 -32.60 -9.10 30.06
CA GLY A 403 -31.28 -9.35 30.58
C GLY A 403 -30.46 -10.43 29.84
N ALA A 404 -31.14 -11.39 29.21
CA ALA A 404 -30.42 -12.44 28.47
C ALA A 404 -29.77 -11.82 27.21
N ARG A 405 -28.58 -12.31 26.85
CA ARG A 405 -27.87 -11.74 25.69
C ARG A 405 -27.63 -12.82 24.62
N VAL A 406 -27.56 -12.38 23.36
CA VAL A 406 -27.11 -13.20 22.24
C VAL A 406 -25.88 -12.51 21.59
N GLU A 407 -24.84 -13.30 21.26
CA GLU A 407 -23.67 -12.75 20.57
C GLU A 407 -23.60 -13.37 19.17
N TYR A 408 -23.62 -12.47 18.18
CA TYR A 408 -23.60 -12.88 16.78
C TYR A 408 -22.39 -12.26 16.05
N GLU A 409 -21.83 -12.97 15.08
CA GLU A 409 -20.73 -12.43 14.24
C GLU A 409 -21.23 -12.43 12.80
N MET A 410 -22.33 -11.71 12.57
CA MET A 410 -23.04 -11.77 11.30
C MET A 410 -22.41 -10.95 10.17
N GLN A 411 -21.58 -9.95 10.47
CA GLN A 411 -20.93 -9.17 9.42
C GLN A 411 -19.67 -9.90 8.91
N TRP A 412 -18.78 -10.30 9.82
CA TRP A 412 -17.58 -11.04 9.37
C TRP A 412 -17.95 -12.48 8.97
N GLY A 413 -18.66 -13.19 9.87
CA GLY A 413 -19.12 -14.54 9.58
C GLY A 413 -18.02 -15.56 9.30
N HIS A 414 -16.97 -15.58 10.10
CA HIS A 414 -15.89 -16.56 9.99
C HIS A 414 -16.27 -17.83 10.76
N ILE A 415 -16.62 -18.91 10.06
CA ILE A 415 -17.04 -20.13 10.78
C ILE A 415 -15.87 -20.56 11.66
N GLY A 416 -16.21 -20.98 12.90
CA GLY A 416 -15.17 -21.28 13.86
C GLY A 416 -14.90 -20.14 14.84
N TRP A 417 -15.33 -18.91 14.53
CA TRP A 417 -15.22 -17.78 15.46
C TRP A 417 -15.78 -18.16 16.84
N SER A 418 -16.93 -18.81 16.88
CA SER A 418 -17.66 -19.04 18.15
C SER A 418 -16.87 -19.76 19.23
N VAL A 419 -15.92 -20.65 18.89
CA VAL A 419 -15.24 -21.43 19.92
C VAL A 419 -14.28 -20.57 20.72
N PRO A 420 -13.34 -19.89 20.05
CA PRO A 420 -12.45 -18.96 20.76
C PRO A 420 -13.21 -17.75 21.32
N ALA A 421 -14.21 -17.25 20.58
CA ALA A 421 -15.01 -16.12 21.10
C ALA A 421 -15.74 -16.52 22.40
N ALA A 422 -16.31 -17.72 22.47
CA ALA A 422 -16.95 -18.20 23.70
C ALA A 422 -15.93 -18.34 24.81
N PHE A 423 -14.72 -18.83 24.51
CA PHE A 423 -13.65 -18.90 25.51
C PHE A 423 -13.37 -17.52 26.11
N GLY A 424 -13.07 -16.54 25.25
CA GLY A 424 -12.76 -15.17 25.68
C GLY A 424 -13.93 -14.52 26.42
N TYR A 425 -15.15 -14.72 25.95
CA TYR A 425 -16.35 -14.17 26.61
C TYR A 425 -16.52 -14.75 28.02
N ALA A 426 -16.37 -16.09 28.13
CA ALA A 426 -16.49 -16.73 29.44
C ALA A 426 -15.35 -16.36 30.36
N VAL A 427 -14.14 -16.04 29.88
CA VAL A 427 -13.12 -15.46 30.75
C VAL A 427 -13.56 -14.08 31.24
N GLY A 428 -14.15 -13.26 30.38
CA GLY A 428 -14.60 -11.92 30.75
C GLY A 428 -15.87 -11.89 31.59
N ALA A 429 -16.77 -12.84 31.45
CA ALA A 429 -18.04 -12.91 32.19
C ALA A 429 -18.35 -14.27 32.79
N PRO A 430 -17.53 -14.70 33.74
CA PRO A 430 -17.65 -16.02 34.35
C PRO A 430 -18.91 -16.22 35.19
N GLU A 431 -19.51 -15.11 35.66
CA GLU A 431 -20.74 -15.11 36.44
C GLU A 431 -21.97 -15.50 35.64
N ARG A 432 -21.93 -15.38 34.31
CA ARG A 432 -23.10 -15.71 33.51
C ARG A 432 -23.23 -17.19 33.15
N ARG A 433 -24.47 -17.58 32.79
CA ARG A 433 -24.62 -18.96 32.28
C ARG A 433 -24.22 -18.85 30.79
N ASN A 434 -23.07 -19.40 30.40
CA ASN A 434 -22.56 -19.22 29.03
C ASN A 434 -22.81 -20.47 28.17
N ILE A 435 -23.60 -20.29 27.13
CA ILE A 435 -24.02 -21.32 26.21
C ILE A 435 -23.44 -21.07 24.80
N LEU A 436 -22.78 -22.09 24.26
CA LEU A 436 -22.23 -22.00 22.89
C LEU A 436 -23.04 -22.90 21.97
N MET A 437 -23.63 -22.36 20.91
CA MET A 437 -24.28 -23.23 19.93
C MET A 437 -23.40 -23.24 18.66
N VAL A 438 -22.81 -24.39 18.35
CA VAL A 438 -21.80 -24.40 17.25
C VAL A 438 -21.99 -25.65 16.39
N GLY A 439 -22.02 -25.48 15.06
CA GLY A 439 -22.15 -26.63 14.18
C GLY A 439 -20.86 -27.43 14.06
N ASP A 440 -20.94 -28.68 13.58
CA ASP A 440 -19.78 -29.55 13.43
C ASP A 440 -18.73 -28.97 12.47
N GLY A 441 -19.17 -28.45 11.32
CA GLY A 441 -18.20 -27.90 10.35
C GLY A 441 -17.39 -26.75 10.92
N SER A 442 -18.08 -25.79 11.56
CA SER A 442 -17.40 -24.66 12.19
C SER A 442 -16.46 -25.11 13.30
N PHE A 443 -16.91 -26.06 14.13
CA PHE A 443 -16.13 -26.52 15.26
C PHE A 443 -14.73 -26.97 14.86
N GLN A 444 -14.60 -27.68 13.72
CA GLN A 444 -13.34 -28.19 13.22
C GLN A 444 -12.31 -27.12 12.87
N LEU A 445 -12.68 -25.85 12.67
CA LEU A 445 -11.65 -24.85 12.34
C LEU A 445 -10.82 -24.43 13.53
N THR A 446 -11.47 -24.40 14.70
CA THR A 446 -10.95 -23.81 15.94
C THR A 446 -11.18 -24.66 17.18
N ALA A 447 -11.46 -25.95 17.04
CA ALA A 447 -11.81 -26.80 18.20
C ALA A 447 -10.82 -26.81 19.33
N GLN A 448 -9.50 -26.65 19.06
CA GLN A 448 -8.49 -26.72 20.08
C GLN A 448 -8.70 -25.69 21.21
N GLU A 449 -9.42 -24.57 21.01
CA GLU A 449 -9.59 -23.60 22.08
C GLU A 449 -10.53 -24.09 23.21
N VAL A 450 -11.33 -25.14 23.01
CA VAL A 450 -12.03 -25.81 24.10
C VAL A 450 -11.05 -26.29 25.15
N ALA A 451 -9.82 -26.71 24.77
CA ALA A 451 -8.83 -27.09 25.76
C ALA A 451 -8.47 -25.97 26.72
N GLN A 452 -8.50 -24.71 26.27
CA GLN A 452 -8.26 -23.58 27.17
C GLN A 452 -9.40 -23.39 28.19
N MET A 453 -10.64 -23.61 27.75
CA MET A 453 -11.81 -23.66 28.63
C MET A 453 -11.61 -24.72 29.73
N VAL A 454 -11.11 -25.92 29.32
CA VAL A 454 -10.78 -26.95 30.29
C VAL A 454 -9.73 -26.46 31.28
N ARG A 455 -8.64 -25.88 30.75
CA ARG A 455 -7.52 -25.37 31.51
C ARG A 455 -7.94 -24.33 32.57
N LEU A 456 -8.81 -23.40 32.20
CA LEU A 456 -9.22 -22.33 33.12
C LEU A 456 -10.52 -22.69 33.86
N LYS A 457 -10.99 -23.94 33.73
CA LYS A 457 -12.16 -24.44 34.42
C LYS A 457 -13.44 -23.63 34.18
N LEU A 458 -13.69 -23.30 32.92
CA LEU A 458 -14.85 -22.49 32.55
C LEU A 458 -16.02 -23.40 32.20
N PRO A 459 -17.17 -23.23 32.87
CA PRO A 459 -18.32 -24.10 32.69
C PRO A 459 -19.23 -23.77 31.54
N VAL A 460 -18.63 -23.63 30.34
CA VAL A 460 -19.35 -23.34 29.12
C VAL A 460 -20.12 -24.58 28.68
N ILE A 461 -21.40 -24.38 28.38
CA ILE A 461 -22.24 -25.47 27.90
C ILE A 461 -22.26 -25.39 26.37
N ILE A 462 -21.71 -26.41 25.73
CA ILE A 462 -21.53 -26.40 24.27
C ILE A 462 -22.53 -27.33 23.60
N PHE A 463 -23.45 -26.80 22.80
CA PHE A 463 -24.29 -27.68 22.00
C PHE A 463 -23.62 -27.84 20.61
N LEU A 464 -23.00 -29.01 20.39
CA LEU A 464 -22.39 -29.35 19.09
C LEU A 464 -23.46 -29.96 18.19
N ILE A 465 -23.77 -29.26 17.10
CA ILE A 465 -24.85 -29.73 16.24
C ILE A 465 -24.25 -30.64 15.15
N ASN A 466 -24.33 -31.95 15.35
CA ASN A 466 -23.70 -32.90 14.40
C ASN A 466 -24.69 -33.36 13.35
N ASN A 467 -24.80 -32.56 12.28
CA ASN A 467 -25.59 -32.92 11.11
C ASN A 467 -24.67 -33.39 9.96
N TYR A 468 -23.44 -33.75 10.26
CA TYR A 468 -22.51 -34.34 9.27
C TYR A 468 -22.31 -33.44 8.06
N GLY A 469 -21.77 -32.23 8.26
CA GLY A 469 -21.37 -31.39 7.11
C GLY A 469 -21.86 -29.94 7.22
N TYR A 470 -21.78 -29.21 6.10
CA TYR A 470 -22.10 -27.78 6.07
C TYR A 470 -23.53 -27.53 5.59
N THR A 471 -24.54 -27.63 6.48
CA THR A 471 -25.93 -27.57 6.01
C THR A 471 -26.28 -26.21 5.42
N ILE A 472 -25.85 -25.11 6.04
CA ILE A 472 -26.17 -23.79 5.47
C ILE A 472 -25.60 -23.68 4.06
N GLU A 473 -24.39 -24.17 3.78
CA GLU A 473 -23.84 -24.19 2.42
C GLU A 473 -24.60 -25.13 1.49
N VAL A 474 -25.05 -26.29 1.99
CA VAL A 474 -25.99 -27.15 1.27
C VAL A 474 -27.25 -26.41 0.84
N MET A 475 -27.81 -25.55 1.70
CA MET A 475 -29.01 -24.79 1.39
C MET A 475 -28.74 -23.52 0.56
N ILE A 476 -27.47 -23.20 0.28
CA ILE A 476 -27.12 -22.14 -0.66
C ILE A 476 -26.80 -22.74 -2.04
N HIS A 477 -25.77 -23.59 -2.12
CA HIS A 477 -25.43 -24.29 -3.38
C HIS A 477 -24.66 -25.58 -3.02
N ASP A 478 -25.19 -26.75 -3.31
CA ASP A 478 -24.62 -28.01 -2.87
C ASP A 478 -23.53 -28.61 -3.79
N GLY A 479 -22.58 -29.31 -3.18
CA GLY A 479 -21.53 -30.02 -3.92
C GLY A 479 -20.75 -30.88 -2.93
N PRO A 480 -19.75 -31.65 -3.41
CA PRO A 480 -18.97 -32.55 -2.58
C PRO A 480 -18.10 -31.85 -1.55
N TYR A 481 -17.81 -30.56 -1.76
CA TYR A 481 -17.14 -29.68 -0.84
C TYR A 481 -17.92 -29.37 0.45
N ASN A 482 -19.19 -29.74 0.56
CA ASN A 482 -19.99 -29.53 1.78
C ASN A 482 -19.89 -30.71 2.73
N ASN A 483 -19.28 -31.81 2.28
CA ASN A 483 -19.04 -33.00 3.07
C ASN A 483 -17.76 -32.90 3.88
N ILE A 484 -17.79 -33.36 5.13
CA ILE A 484 -16.63 -33.35 6.00
C ILE A 484 -16.34 -34.73 6.60
N LYS A 485 -15.16 -34.92 7.17
CA LYS A 485 -14.82 -36.10 7.92
C LYS A 485 -15.45 -35.98 9.32
N ASN A 486 -16.25 -36.97 9.73
CA ASN A 486 -16.89 -36.93 11.05
C ASN A 486 -15.88 -37.22 12.15
N TRP A 487 -16.09 -36.65 13.35
CA TRP A 487 -15.26 -36.92 14.49
C TRP A 487 -16.18 -37.50 15.61
N ASP A 488 -15.57 -38.17 16.58
CA ASP A 488 -16.26 -38.42 17.87
C ASP A 488 -16.18 -37.13 18.70
N TYR A 489 -17.08 -36.18 18.52
CA TYR A 489 -16.94 -34.88 19.21
C TYR A 489 -17.04 -35.02 20.74
N ALA A 490 -17.96 -35.85 21.23
CA ALA A 490 -18.09 -36.13 22.67
C ALA A 490 -16.78 -36.62 23.24
N GLY A 491 -16.12 -37.57 22.56
CA GLY A 491 -14.86 -38.15 22.98
C GLY A 491 -13.71 -37.15 23.04
N LEU A 492 -13.78 -36.04 22.28
CA LEU A 492 -12.72 -35.02 22.29
C LEU A 492 -12.53 -34.39 23.66
N MET A 493 -13.60 -34.31 24.47
CA MET A 493 -13.48 -33.71 25.82
C MET A 493 -12.54 -34.47 26.71
N GLU A 494 -12.57 -35.82 26.72
CA GLU A 494 -11.57 -36.56 27.48
C GLU A 494 -10.16 -36.40 26.90
N VAL A 495 -10.03 -36.24 25.57
CA VAL A 495 -8.70 -35.93 25.01
C VAL A 495 -8.13 -34.63 25.58
N PHE A 496 -8.95 -33.57 25.64
CA PHE A 496 -8.50 -32.28 26.19
C PHE A 496 -8.33 -32.33 27.72
N ASN A 497 -9.08 -33.18 28.44
CA ASN A 497 -8.77 -33.41 29.83
C ASN A 497 -7.36 -33.98 30.04
N GLY A 498 -7.04 -35.09 29.35
CA GLY A 498 -5.75 -35.74 29.51
C GLY A 498 -5.54 -36.28 30.93
N ASN A 499 -6.62 -36.75 31.59
CA ASN A 499 -6.47 -37.31 32.93
C ASN A 499 -5.53 -38.52 32.86
N GLY A 500 -4.57 -38.56 33.77
CA GLY A 500 -3.53 -39.59 33.81
C GLY A 500 -2.26 -39.17 33.06
N GLY A 501 -2.29 -37.97 32.47
CA GLY A 501 -1.13 -37.42 31.75
C GLY A 501 -0.43 -36.41 32.66
N TYR A 502 0.15 -35.37 32.06
CA TYR A 502 0.90 -34.35 32.79
C TYR A 502 0.02 -33.43 33.64
N ASP A 503 -1.25 -33.29 33.32
CA ASP A 503 -2.16 -32.44 34.11
C ASP A 503 -3.54 -33.11 34.15
N SER A 504 -4.62 -32.33 34.20
CA SER A 504 -5.96 -32.91 34.30
C SER A 504 -7.03 -31.94 33.80
N GLY A 505 -8.27 -32.40 33.75
CA GLY A 505 -9.37 -31.50 33.37
C GLY A 505 -10.72 -32.09 33.84
N ALA A 506 -11.75 -31.24 33.83
CA ALA A 506 -13.08 -31.67 34.28
C ALA A 506 -14.13 -31.48 33.21
N ALA A 507 -13.70 -31.44 31.95
CA ALA A 507 -14.67 -31.40 30.85
C ALA A 507 -15.49 -32.69 30.79
N LYS A 508 -16.70 -32.65 30.27
CA LYS A 508 -17.49 -33.84 30.02
C LYS A 508 -18.01 -33.77 28.59
N GLY A 509 -17.98 -34.88 27.86
CA GLY A 509 -18.60 -34.91 26.53
C GLY A 509 -19.70 -36.00 26.55
N LEU A 510 -20.86 -35.65 26.03
CA LEU A 510 -22.06 -36.50 26.04
C LEU A 510 -22.67 -36.56 24.65
N LYS A 511 -23.33 -37.67 24.33
CA LYS A 511 -24.03 -37.79 23.06
C LYS A 511 -25.55 -37.75 23.30
N ALA A 512 -26.27 -37.11 22.39
CA ALA A 512 -27.72 -37.06 22.45
C ALA A 512 -28.33 -37.39 21.09
N LYS A 513 -29.09 -38.50 21.06
CA LYS A 513 -29.74 -38.98 19.85
C LYS A 513 -31.26 -38.97 19.97
N THR A 514 -31.77 -38.62 21.16
CA THR A 514 -33.20 -38.46 21.45
C THR A 514 -33.40 -37.26 22.40
N GLY A 515 -34.65 -36.82 22.53
CA GLY A 515 -35.00 -35.71 23.41
C GLY A 515 -34.73 -36.07 24.87
N GLY A 516 -35.04 -37.32 25.25
CA GLY A 516 -34.72 -37.81 26.58
C GLY A 516 -33.23 -37.78 26.87
N GLU A 517 -32.38 -38.21 25.92
CA GLU A 517 -30.93 -38.19 26.12
C GLU A 517 -30.44 -36.74 26.24
N LEU A 518 -31.02 -35.84 25.45
CA LEU A 518 -30.65 -34.42 25.50
C LEU A 518 -30.99 -33.82 26.86
N ALA A 519 -32.20 -34.14 27.37
CA ALA A 519 -32.64 -33.60 28.67
C ALA A 519 -31.72 -34.08 29.78
N GLU A 520 -31.36 -35.37 29.76
CA GLU A 520 -30.39 -35.88 30.72
C GLU A 520 -29.03 -35.22 30.55
N ALA A 521 -28.50 -35.06 29.32
CA ALA A 521 -27.20 -34.41 29.13
C ALA A 521 -27.21 -32.97 29.67
N ILE A 522 -28.29 -32.23 29.47
CA ILE A 522 -28.41 -30.85 29.98
C ILE A 522 -28.33 -30.84 31.50
N LYS A 523 -29.02 -31.75 32.21
CA LYS A 523 -28.86 -31.88 33.65
C LYS A 523 -27.41 -32.01 34.09
N VAL A 524 -26.66 -32.92 33.44
CA VAL A 524 -25.25 -33.12 33.74
C VAL A 524 -24.43 -31.85 33.43
N ALA A 525 -24.71 -31.17 32.33
CA ALA A 525 -24.04 -29.93 31.97
C ALA A 525 -24.24 -28.83 33.02
N LEU A 526 -25.49 -28.64 33.45
CA LEU A 526 -25.81 -27.64 34.47
C LEU A 526 -25.13 -27.94 35.80
N ALA A 527 -24.97 -29.22 36.14
CA ALA A 527 -24.30 -29.64 37.35
C ALA A 527 -22.78 -29.63 37.25
N ASN A 528 -22.21 -29.58 36.03
CA ASN A 528 -20.74 -29.54 35.89
C ASN A 528 -20.22 -28.11 35.99
N THR A 529 -19.73 -27.74 37.17
CA THR A 529 -19.27 -26.37 37.40
C THR A 529 -17.76 -26.24 37.20
N ASP A 530 -17.03 -27.32 36.93
CA ASP A 530 -15.57 -27.27 36.88
C ASP A 530 -14.92 -27.30 35.49
N GLY A 531 -15.72 -27.42 34.45
CA GLY A 531 -15.19 -27.49 33.08
C GLY A 531 -16.36 -27.40 32.11
N PRO A 532 -16.03 -27.32 30.82
CA PRO A 532 -17.05 -27.25 29.80
C PRO A 532 -17.76 -28.60 29.62
N THR A 533 -19.00 -28.55 29.17
CA THR A 533 -19.73 -29.80 28.85
C THR A 533 -20.15 -29.71 27.39
N LEU A 534 -19.63 -30.62 26.57
CA LEU A 534 -20.03 -30.62 25.16
C LEU A 534 -21.13 -31.68 24.96
N ILE A 535 -22.27 -31.24 24.44
CA ILE A 535 -23.36 -32.19 24.15
C ILE A 535 -23.42 -32.40 22.63
N GLU A 536 -23.01 -33.58 22.18
CA GLU A 536 -23.02 -33.88 20.74
C GLU A 536 -24.41 -34.31 20.31
N CYS A 537 -25.10 -33.40 19.60
CA CYS A 537 -26.48 -33.62 19.17
C CYS A 537 -26.53 -34.17 17.76
N PHE A 538 -27.17 -35.32 17.57
CA PHE A 538 -27.21 -35.97 16.26
C PHE A 538 -28.53 -35.71 15.55
N ILE A 539 -28.48 -34.99 14.42
CA ILE A 539 -29.67 -34.72 13.61
C ILE A 539 -29.29 -34.87 12.12
N GLY A 540 -30.29 -34.94 11.27
CA GLY A 540 -30.05 -35.12 9.84
C GLY A 540 -29.58 -33.83 9.14
N ARG A 541 -28.87 -33.97 8.03
CA ARG A 541 -28.40 -32.84 7.24
C ARG A 541 -29.51 -31.91 6.81
N GLU A 542 -30.65 -32.46 6.40
CA GLU A 542 -31.78 -31.68 5.93
C GLU A 542 -32.74 -31.22 7.05
N ASP A 543 -32.48 -31.62 8.29
CA ASP A 543 -33.35 -31.23 9.42
C ASP A 543 -32.91 -29.85 9.93
N CYS A 544 -33.31 -28.79 9.24
CA CYS A 544 -32.83 -27.44 9.55
C CYS A 544 -34.01 -26.49 9.63
N THR A 545 -33.80 -25.25 10.08
CA THR A 545 -34.93 -24.31 10.19
C THR A 545 -35.56 -24.09 8.82
N GLU A 546 -36.85 -23.70 8.85
CA GLU A 546 -37.54 -23.25 7.66
C GLU A 546 -36.93 -21.94 7.15
N GLU A 547 -36.53 -21.06 8.08
CA GLU A 547 -35.92 -19.78 7.74
C GLU A 547 -34.64 -19.93 6.90
N LEU A 548 -33.76 -20.87 7.23
CA LEU A 548 -32.52 -21.07 6.46
C LEU A 548 -32.81 -21.44 5.01
N VAL A 549 -33.75 -22.38 4.81
CA VAL A 549 -34.13 -22.74 3.45
C VAL A 549 -34.51 -21.53 2.61
N LYS A 550 -35.37 -20.64 3.12
CA LYS A 550 -35.83 -19.48 2.37
C LYS A 550 -34.71 -18.44 2.18
N TRP A 551 -34.00 -18.11 3.24
CA TRP A 551 -32.91 -17.14 3.16
C TRP A 551 -31.76 -17.61 2.26
N GLY A 552 -31.37 -18.87 2.33
CA GLY A 552 -30.28 -19.43 1.52
C GLY A 552 -30.51 -19.29 0.02
N LYS A 553 -31.76 -19.45 -0.42
CA LYS A 553 -32.10 -19.29 -1.83
C LYS A 553 -31.86 -17.86 -2.32
N ARG A 554 -32.22 -16.87 -1.50
CA ARG A 554 -32.01 -15.46 -1.88
C ARG A 554 -30.53 -15.08 -1.93
N VAL A 555 -29.76 -15.62 -1.00
CA VAL A 555 -28.31 -15.42 -0.95
C VAL A 555 -27.62 -16.01 -2.19
N ALA A 556 -27.98 -17.25 -2.55
CA ALA A 556 -27.44 -17.90 -3.74
C ALA A 556 -27.74 -17.07 -4.99
N ALA A 557 -28.97 -16.57 -5.12
CA ALA A 557 -29.34 -15.74 -6.26
C ALA A 557 -28.61 -14.41 -6.30
N ALA A 558 -28.44 -13.72 -5.16
CA ALA A 558 -27.67 -12.47 -5.16
C ALA A 558 -26.21 -12.73 -5.58
N ASN A 559 -25.60 -13.79 -5.07
CA ASN A 559 -24.20 -14.09 -5.36
C ASN A 559 -23.96 -14.38 -6.85
N SER A 560 -24.91 -15.06 -7.48
CA SER A 560 -24.67 -15.47 -8.87
C SER A 560 -25.30 -14.54 -9.89
N ARG A 561 -25.94 -13.42 -9.51
CA ARG A 561 -26.59 -12.58 -10.52
C ARG A 561 -25.57 -12.11 -11.57
N LYS A 562 -26.02 -12.09 -12.82
CA LYS A 562 -25.12 -11.84 -13.96
C LYS A 562 -24.55 -10.42 -13.99
N PRO A 563 -23.36 -10.27 -14.57
CA PRO A 563 -22.75 -8.97 -14.78
C PRO A 563 -23.72 -8.09 -15.56
N VAL A 564 -23.73 -6.78 -15.29
CA VAL A 564 -24.58 -5.84 -16.01
C VAL A 564 -23.73 -5.12 -17.06
N ASN A 565 -24.35 -4.52 -18.07
CA ASN A 565 -23.59 -3.87 -19.15
C ASN A 565 -22.96 -2.55 -18.72
N LYS A 566 -21.65 -2.43 -18.94
CA LYS A 566 -20.88 -1.25 -18.54
C LYS A 566 -20.53 -0.31 -19.71
N SER B 2 -17.15 -24.40 -24.77
CA SER B 2 -15.81 -23.73 -24.72
C SER B 2 -15.27 -23.72 -23.30
N TYR B 3 -14.02 -23.30 -23.11
CA TYR B 3 -13.49 -23.18 -21.76
C TYR B 3 -14.26 -22.08 -20.99
N THR B 4 -14.28 -22.20 -19.66
CA THR B 4 -14.76 -21.13 -18.79
C THR B 4 -13.58 -20.59 -17.99
N VAL B 5 -13.78 -19.46 -17.29
CA VAL B 5 -12.74 -18.93 -16.42
C VAL B 5 -12.22 -20.05 -15.53
N GLY B 6 -13.16 -20.77 -14.88
CA GLY B 6 -12.85 -21.88 -14.00
C GLY B 6 -12.14 -23.05 -14.67
N THR B 7 -12.60 -23.49 -15.86
CA THR B 7 -11.93 -24.64 -16.49
C THR B 7 -10.60 -24.27 -17.14
N TYR B 8 -10.45 -23.00 -17.50
CA TYR B 8 -9.17 -22.44 -17.99
C TYR B 8 -8.14 -22.57 -16.87
N LEU B 9 -8.47 -22.04 -15.69
CA LEU B 9 -7.61 -22.24 -14.54
C LEU B 9 -7.34 -23.73 -14.29
N ALA B 10 -8.36 -24.59 -14.31
CA ALA B 10 -8.16 -26.02 -14.07
C ALA B 10 -7.14 -26.65 -15.03
N GLU B 11 -7.28 -26.37 -16.32
CA GLU B 11 -6.38 -26.92 -17.35
C GLU B 11 -4.94 -26.43 -17.15
N ARG B 12 -4.73 -25.13 -16.86
CA ARG B 12 -3.39 -24.61 -16.59
C ARG B 12 -2.77 -25.32 -15.40
N LEU B 13 -3.55 -25.57 -14.33
CA LEU B 13 -3.02 -26.31 -13.18
C LEU B 13 -2.62 -27.74 -13.58
N VAL B 14 -3.45 -28.43 -14.35
CA VAL B 14 -3.06 -29.78 -14.82
C VAL B 14 -1.78 -29.69 -15.69
N GLN B 15 -1.70 -28.71 -16.58
CA GLN B 15 -0.51 -28.54 -17.45
C GLN B 15 0.80 -28.33 -16.71
N ILE B 16 0.81 -27.71 -15.52
CA ILE B 16 2.08 -27.56 -14.80
C ILE B 16 2.33 -28.76 -13.91
N GLY B 17 1.43 -29.75 -13.94
CA GLY B 17 1.77 -31.05 -13.30
C GLY B 17 0.97 -31.37 -12.05
N LEU B 18 0.01 -30.52 -11.64
CA LEU B 18 -0.79 -30.85 -10.44
C LEU B 18 -1.66 -32.08 -10.70
N LYS B 19 -1.72 -32.99 -9.72
CA LYS B 19 -2.71 -34.06 -9.75
C LYS B 19 -3.79 -33.86 -8.68
N HIS B 20 -3.58 -32.81 -7.86
CA HIS B 20 -4.50 -32.46 -6.78
C HIS B 20 -4.47 -30.94 -6.53
N HIS B 21 -5.57 -30.38 -6.02
CA HIS B 21 -5.57 -28.98 -5.56
C HIS B 21 -6.38 -29.01 -4.22
N PHE B 22 -6.08 -28.07 -3.33
CA PHE B 22 -6.67 -28.07 -1.97
C PHE B 22 -7.68 -26.92 -1.81
N ALA B 23 -8.74 -27.13 -1.01
CA ALA B 23 -9.82 -26.18 -0.90
C ALA B 23 -10.62 -26.16 0.40
N VAL B 24 -11.19 -24.98 0.70
CA VAL B 24 -12.22 -24.89 1.78
C VAL B 24 -13.38 -24.10 1.17
N ALA B 25 -14.56 -24.70 1.12
CA ALA B 25 -15.74 -24.09 0.52
C ALA B 25 -16.19 -22.81 1.25
N GLY B 26 -16.76 -21.93 0.47
CA GLY B 26 -17.44 -20.70 0.94
C GLY B 26 -18.31 -20.20 -0.19
N ASP B 27 -19.39 -19.44 0.09
CA ASP B 27 -20.32 -19.08 -0.98
C ASP B 27 -19.66 -18.27 -2.11
N TYR B 28 -18.62 -17.48 -1.85
CA TYR B 28 -17.91 -16.76 -2.92
C TYR B 28 -17.05 -17.67 -3.83
N ASN B 29 -16.87 -18.95 -3.53
CA ASN B 29 -16.06 -19.83 -4.41
C ASN B 29 -16.79 -21.11 -4.83
N LEU B 30 -18.06 -21.32 -4.48
CA LEU B 30 -18.67 -22.62 -4.79
C LEU B 30 -18.76 -22.93 -6.28
N VAL B 31 -19.17 -21.95 -7.06
CA VAL B 31 -19.25 -22.17 -8.53
C VAL B 31 -17.86 -22.40 -9.11
N LEU B 32 -16.87 -21.64 -8.64
CA LEU B 32 -15.47 -21.89 -9.05
C LEU B 32 -15.04 -23.32 -8.73
N LEU B 33 -15.34 -23.84 -7.53
CA LEU B 33 -15.03 -25.23 -7.18
C LEU B 33 -15.72 -26.20 -8.13
N ASP B 34 -16.99 -25.95 -8.49
CA ASP B 34 -17.68 -26.80 -9.45
C ASP B 34 -16.87 -26.90 -10.77
N ASN B 35 -16.42 -25.74 -11.27
CA ASN B 35 -15.67 -25.72 -12.54
C ASN B 35 -14.35 -26.47 -12.45
N LEU B 36 -13.61 -26.31 -11.35
CA LEU B 36 -12.37 -27.06 -11.15
C LEU B 36 -12.60 -28.57 -11.13
N LEU B 37 -13.73 -29.04 -10.56
CA LEU B 37 -14.09 -30.44 -10.49
C LEU B 37 -14.40 -31.06 -11.85
N LEU B 38 -14.73 -30.26 -12.85
CA LEU B 38 -14.94 -30.76 -14.22
C LEU B 38 -13.67 -31.33 -14.84
N ASN B 39 -12.49 -30.89 -14.41
CA ASN B 39 -11.25 -31.47 -14.93
C ASN B 39 -10.90 -32.73 -14.12
N LYS B 40 -11.04 -33.90 -14.75
CA LYS B 40 -10.86 -35.17 -14.06
C LYS B 40 -9.41 -35.63 -14.00
N ASN B 41 -8.47 -34.82 -14.50
CA ASN B 41 -7.04 -35.12 -14.41
C ASN B 41 -6.44 -34.69 -13.07
N MET B 42 -7.25 -34.06 -12.19
CA MET B 42 -6.78 -33.78 -10.85
C MET B 42 -7.93 -33.98 -9.85
N GLU B 43 -7.58 -34.23 -8.58
CA GLU B 43 -8.60 -34.39 -7.55
C GLU B 43 -8.68 -33.14 -6.66
N GLN B 44 -9.88 -32.83 -6.17
CA GLN B 44 -10.06 -31.66 -5.29
C GLN B 44 -10.06 -32.16 -3.84
N VAL B 45 -9.14 -31.69 -3.02
CA VAL B 45 -8.92 -32.22 -1.68
C VAL B 45 -9.37 -31.18 -0.65
N TYR B 46 -10.19 -31.58 0.33
CA TYR B 46 -10.74 -30.59 1.28
C TYR B 46 -9.99 -30.52 2.58
N CYS B 47 -9.94 -29.31 3.18
CA CYS B 47 -9.17 -29.09 4.39
C CYS B 47 -10.09 -28.57 5.52
N CYS B 48 -9.62 -28.63 6.74
CA CYS B 48 -10.46 -28.22 7.90
C CYS B 48 -10.58 -26.69 8.02
N ASN B 49 -9.47 -26.00 7.81
CA ASN B 49 -9.47 -24.53 7.85
C ASN B 49 -8.49 -23.96 6.79
N GLU B 50 -8.45 -22.64 6.61
CA GLU B 50 -7.69 -22.08 5.48
C GLU B 50 -6.20 -21.94 5.77
N LEU B 51 -5.78 -21.79 7.03
CA LEU B 51 -4.34 -21.77 7.29
C LEU B 51 -3.75 -23.15 6.92
N ASN B 52 -4.46 -24.20 7.35
CA ASN B 52 -4.06 -25.58 7.04
C ASN B 52 -4.15 -25.85 5.53
N CYS B 53 -5.17 -25.32 4.87
CA CYS B 53 -5.30 -25.47 3.42
C CYS B 53 -4.05 -24.90 2.72
N GLY B 54 -3.64 -23.68 3.07
CA GLY B 54 -2.41 -23.10 2.51
C GLY B 54 -1.16 -23.93 2.80
N PHE B 55 -1.00 -24.42 4.03
CA PHE B 55 0.17 -25.21 4.37
C PHE B 55 0.12 -26.60 3.72
N SER B 56 -1.07 -27.13 3.47
CA SER B 56 -1.21 -28.41 2.78
C SER B 56 -0.68 -28.24 1.32
N ALA B 57 -1.04 -27.11 0.70
CA ALA B 57 -0.50 -26.81 -0.65
C ALA B 57 1.02 -26.61 -0.61
N GLU B 58 1.57 -25.95 0.40
CA GLU B 58 3.02 -25.79 0.57
C GLU B 58 3.74 -27.14 0.59
N GLY B 59 3.21 -28.07 1.40
CA GLY B 59 3.74 -29.42 1.50
C GLY B 59 3.66 -30.16 0.16
N TYR B 60 2.53 -30.06 -0.52
CA TYR B 60 2.37 -30.69 -1.83
C TYR B 60 3.38 -30.14 -2.84
N ALA B 61 3.68 -28.85 -2.83
CA ALA B 61 4.70 -28.26 -3.72
C ALA B 61 6.11 -28.79 -3.44
N ARG B 62 6.43 -29.16 -2.20
CA ARG B 62 7.68 -29.83 -1.89
C ARG B 62 7.78 -31.22 -2.55
N ALA B 63 6.65 -31.93 -2.63
CA ALA B 63 6.61 -33.25 -3.24
C ALA B 63 6.63 -33.16 -4.76
N LYS B 64 5.81 -32.26 -5.30
CA LYS B 64 5.56 -32.26 -6.75
C LYS B 64 6.10 -31.04 -7.50
N GLY B 65 6.61 -30.02 -6.82
CA GLY B 65 7.17 -28.87 -7.56
C GLY B 65 6.27 -27.63 -7.56
N ALA B 66 4.95 -27.79 -7.48
CA ALA B 66 3.99 -26.69 -7.48
C ALA B 66 2.67 -27.15 -6.83
N ALA B 67 1.81 -26.19 -6.48
CA ALA B 67 0.54 -26.54 -5.84
C ALA B 67 -0.48 -25.40 -5.90
N ALA B 68 -1.74 -25.69 -5.57
CA ALA B 68 -2.77 -24.64 -5.56
C ALA B 68 -3.73 -24.82 -4.37
N ALA B 69 -4.19 -23.70 -3.82
CA ALA B 69 -5.16 -23.68 -2.71
C ALA B 69 -6.29 -22.68 -3.04
N VAL B 70 -7.54 -23.10 -2.81
CA VAL B 70 -8.72 -22.32 -3.11
C VAL B 70 -9.54 -21.99 -1.85
N VAL B 71 -9.70 -20.70 -1.56
CA VAL B 71 -10.39 -20.23 -0.36
C VAL B 71 -11.49 -19.20 -0.64
N THR B 72 -12.28 -18.83 0.40
CA THR B 72 -13.33 -17.83 0.22
C THR B 72 -12.82 -16.43 0.55
N TYR B 73 -13.47 -15.39 0.06
CA TYR B 73 -12.99 -14.00 0.27
C TYR B 73 -12.81 -13.58 1.71
N SER B 74 -11.70 -12.93 2.04
CA SER B 74 -11.45 -12.27 3.32
C SER B 74 -11.36 -13.17 4.51
N VAL B 75 -12.46 -13.79 4.97
CA VAL B 75 -12.36 -14.73 6.08
C VAL B 75 -11.54 -15.96 5.70
N GLY B 76 -11.53 -16.42 4.44
CA GLY B 76 -10.65 -17.53 4.08
C GLY B 76 -9.25 -17.08 3.65
N ALA B 77 -9.14 -15.98 2.90
CA ALA B 77 -7.83 -15.56 2.39
C ALA B 77 -6.90 -14.98 3.44
N LEU B 78 -7.43 -14.19 4.40
CA LEU B 78 -6.52 -13.54 5.35
C LEU B 78 -5.73 -14.52 6.18
N SER B 79 -6.33 -15.63 6.64
CA SER B 79 -5.55 -16.63 7.36
C SER B 79 -4.64 -17.40 6.37
N ALA B 80 -5.12 -17.70 5.18
CA ALA B 80 -4.27 -18.37 4.17
C ALA B 80 -3.02 -17.56 3.84
N PHE B 81 -3.08 -16.22 3.91
CA PHE B 81 -1.91 -15.37 3.69
C PHE B 81 -0.72 -15.71 4.56
N ASP B 82 -0.90 -16.18 5.80
CA ASP B 82 0.23 -16.62 6.60
C ASP B 82 1.00 -17.76 5.90
N ALA B 83 0.25 -18.73 5.40
CA ALA B 83 0.85 -19.88 4.67
C ALA B 83 1.45 -19.45 3.32
N ILE B 84 0.83 -18.48 2.66
CA ILE B 84 1.37 -17.98 1.37
C ILE B 84 2.67 -17.22 1.60
N GLY B 85 2.73 -16.39 2.67
CA GLY B 85 4.01 -15.77 3.03
C GLY B 85 5.05 -16.84 3.31
N GLY B 86 4.62 -17.95 3.95
CA GLY B 86 5.48 -19.11 4.16
C GLY B 86 6.00 -19.69 2.85
N ALA B 87 5.16 -19.86 1.85
CA ALA B 87 5.62 -20.35 0.53
C ALA B 87 6.65 -19.42 -0.11
N TYR B 88 6.46 -18.10 0.04
CA TYR B 88 7.40 -17.11 -0.48
C TYR B 88 8.76 -17.28 0.19
N ALA B 89 8.74 -17.39 1.53
CA ALA B 89 9.96 -17.57 2.30
C ALA B 89 10.70 -18.87 1.98
N GLU B 90 9.98 -19.92 1.64
CA GLU B 90 10.57 -21.24 1.36
C GLU B 90 10.69 -21.55 -0.13
N ASN B 91 10.49 -20.54 -0.98
CA ASN B 91 10.72 -20.66 -2.42
C ASN B 91 9.91 -21.75 -3.10
N LEU B 92 8.59 -21.78 -2.85
CA LEU B 92 7.70 -22.77 -3.43
C LEU B 92 6.58 -22.10 -4.23
N PRO B 93 6.35 -22.61 -5.44
CA PRO B 93 5.31 -22.05 -6.29
C PRO B 93 3.91 -22.51 -5.88
N VAL B 94 3.31 -21.78 -4.91
CA VAL B 94 1.95 -22.08 -4.44
C VAL B 94 1.01 -21.03 -5.03
N ILE B 95 -0.04 -21.48 -5.70
CA ILE B 95 -1.00 -20.54 -6.29
C ILE B 95 -2.22 -20.40 -5.37
N LEU B 96 -2.38 -19.22 -4.74
CA LEU B 96 -3.58 -19.01 -3.91
C LEU B 96 -4.69 -18.42 -4.79
N ILE B 97 -5.86 -19.07 -4.83
CA ILE B 97 -6.98 -18.52 -5.57
C ILE B 97 -8.15 -18.25 -4.59
N SER B 98 -8.58 -16.98 -4.54
CA SER B 98 -9.70 -16.60 -3.65
C SER B 98 -10.97 -16.35 -4.46
N GLY B 99 -12.12 -16.85 -3.94
CA GLY B 99 -13.40 -16.30 -4.47
C GLY B 99 -13.45 -14.81 -4.07
N ALA B 100 -14.32 -14.07 -4.72
CA ALA B 100 -14.45 -12.63 -4.47
C ALA B 100 -15.86 -12.19 -4.81
N PRO B 101 -16.21 -10.95 -4.47
CA PRO B 101 -17.55 -10.43 -4.67
C PRO B 101 -18.05 -10.46 -6.11
N ASN B 102 -19.37 -10.57 -6.22
CA ASN B 102 -20.07 -10.39 -7.49
C ASN B 102 -19.53 -9.11 -8.11
N ASN B 103 -19.31 -9.12 -9.43
CA ASN B 103 -18.63 -7.96 -10.06
C ASN B 103 -19.50 -6.71 -10.10
N ASN B 104 -20.81 -6.81 -9.86
CA ASN B 104 -21.72 -5.68 -9.80
C ASN B 104 -21.59 -4.88 -8.49
N ASP B 105 -20.92 -5.44 -7.50
CA ASP B 105 -20.81 -4.77 -6.20
C ASP B 105 -19.66 -3.78 -6.12
N HIS B 106 -18.82 -3.61 -7.17
CA HIS B 106 -17.76 -2.59 -7.11
C HIS B 106 -18.36 -1.24 -7.53
N ALA B 107 -17.94 -0.17 -6.87
CA ALA B 107 -18.46 1.17 -7.16
C ALA B 107 -19.99 1.25 -7.11
N ALA B 108 -20.62 0.65 -6.11
CA ALA B 108 -22.07 0.52 -6.03
C ALA B 108 -22.63 0.93 -4.64
N GLY B 109 -21.73 1.27 -3.74
CA GLY B 109 -22.09 1.62 -2.36
C GLY B 109 -22.67 0.40 -1.63
N HIS B 110 -22.13 -0.79 -1.92
CA HIS B 110 -22.68 -2.02 -1.34
C HIS B 110 -21.76 -2.57 -0.26
N VAL B 111 -22.36 -2.82 0.93
CA VAL B 111 -21.62 -3.44 2.02
C VAL B 111 -21.86 -4.95 1.92
N LEU B 112 -20.79 -5.75 1.92
CA LEU B 112 -20.93 -7.20 1.77
C LEU B 112 -20.47 -8.00 2.96
N HIS B 113 -21.09 -9.19 3.12
CA HIS B 113 -20.65 -10.15 4.15
C HIS B 113 -19.20 -10.59 3.94
N HIS B 114 -18.53 -10.92 5.02
CA HIS B 114 -17.13 -11.32 5.10
C HIS B 114 -16.13 -10.17 4.94
N ALA B 115 -16.56 -8.95 4.65
CA ALA B 115 -15.64 -7.82 4.47
C ALA B 115 -15.74 -6.89 5.68
N LEU B 116 -15.05 -5.76 5.62
CA LEU B 116 -14.87 -4.87 6.76
C LEU B 116 -16.05 -4.01 7.15
N GLY B 117 -17.13 -3.98 6.37
CA GLY B 117 -18.27 -3.12 6.65
C GLY B 117 -18.24 -1.86 5.78
N LYS B 118 -17.20 -1.73 4.95
CA LYS B 118 -17.11 -0.61 4.02
C LYS B 118 -17.50 -1.07 2.63
N THR B 119 -17.44 -0.19 1.64
CA THR B 119 -18.04 -0.51 0.35
C THR B 119 -16.98 -0.73 -0.75
N ASP B 120 -15.71 -0.80 -0.39
CA ASP B 120 -14.66 -1.05 -1.41
C ASP B 120 -13.89 -2.33 -1.11
N TYR B 121 -13.48 -3.04 -2.19
CA TYR B 121 -13.01 -4.42 -2.09
C TYR B 121 -11.63 -4.67 -2.71
N HIS B 122 -10.73 -3.68 -2.66
CA HIS B 122 -9.35 -3.89 -3.13
C HIS B 122 -8.38 -4.16 -2.00
N TYR B 123 -8.82 -4.11 -0.72
CA TYR B 123 -7.87 -4.30 0.38
C TYR B 123 -7.18 -5.66 0.36
N GLN B 124 -7.91 -6.74 0.06
CA GLN B 124 -7.32 -8.08 0.04
C GLN B 124 -6.22 -8.22 -1.04
N LEU B 125 -6.51 -7.76 -2.25
CA LEU B 125 -5.50 -7.73 -3.32
C LEU B 125 -4.26 -6.93 -2.92
N GLU B 126 -4.45 -5.73 -2.35
CA GLU B 126 -3.34 -4.88 -1.95
C GLU B 126 -2.51 -5.52 -0.85
N MET B 127 -3.16 -6.19 0.11
CA MET B 127 -2.46 -6.99 1.10
C MET B 127 -1.64 -8.12 0.46
N ALA B 128 -2.24 -8.87 -0.47
CA ALA B 128 -1.56 -10.00 -1.13
C ALA B 128 -0.30 -9.58 -1.90
N LYS B 129 -0.24 -8.35 -2.44
CA LYS B 129 0.94 -7.89 -3.18
C LYS B 129 2.20 -7.88 -2.34
N ASN B 130 2.10 -7.71 -1.03
CA ASN B 130 3.24 -7.70 -0.15
C ASN B 130 3.93 -9.05 0.02
N ILE B 131 3.27 -10.17 -0.25
CA ILE B 131 3.81 -11.49 0.06
C ILE B 131 3.82 -12.45 -1.12
N THR B 132 3.62 -11.92 -2.32
CA THR B 132 3.57 -12.74 -3.54
C THR B 132 4.50 -12.17 -4.63
N ALA B 133 4.84 -12.96 -5.64
CA ALA B 133 5.65 -12.48 -6.76
C ALA B 133 4.78 -11.85 -7.84
N ALA B 134 3.51 -12.20 -7.88
CA ALA B 134 2.50 -11.64 -8.76
C ALA B 134 1.11 -11.77 -8.09
N ALA B 135 0.24 -10.80 -8.35
CA ALA B 135 -1.08 -10.77 -7.70
C ALA B 135 -2.05 -10.05 -8.61
N GLU B 136 -3.08 -10.77 -9.03
CA GLU B 136 -4.04 -10.25 -9.98
C GLU B 136 -5.49 -10.49 -9.54
N ALA B 137 -6.33 -9.46 -9.66
CA ALA B 137 -7.76 -9.64 -9.42
C ALA B 137 -8.45 -9.74 -10.78
N ILE B 138 -9.37 -10.70 -10.92
CA ILE B 138 -10.11 -10.88 -12.15
C ILE B 138 -11.58 -10.51 -11.93
N TYR B 139 -12.02 -9.47 -12.63
CA TYR B 139 -13.38 -8.94 -12.52
C TYR B 139 -14.25 -9.26 -13.72
N THR B 140 -13.66 -9.53 -14.89
CA THR B 140 -14.42 -9.88 -16.09
C THR B 140 -13.77 -11.12 -16.73
N PRO B 141 -14.55 -11.96 -17.38
CA PRO B 141 -14.05 -13.20 -17.99
C PRO B 141 -12.97 -12.99 -19.06
N GLU B 142 -13.05 -11.91 -19.84
CA GLU B 142 -12.08 -11.65 -20.92
C GLU B 142 -10.68 -11.39 -20.38
N GLU B 143 -10.58 -10.89 -19.14
CA GLU B 143 -9.31 -10.61 -18.50
C GLU B 143 -8.65 -11.80 -17.84
N ALA B 144 -9.35 -12.92 -17.71
CA ALA B 144 -8.86 -14.06 -16.94
C ALA B 144 -7.65 -14.77 -17.53
N PRO B 145 -7.68 -15.13 -18.82
CA PRO B 145 -6.59 -15.89 -19.44
C PRO B 145 -5.24 -15.22 -19.26
N ALA B 146 -5.13 -13.92 -19.54
CA ALA B 146 -3.86 -13.21 -19.38
C ALA B 146 -3.41 -13.15 -17.92
N LYS B 147 -4.31 -12.87 -16.98
CA LYS B 147 -3.88 -12.81 -15.57
C LYS B 147 -3.49 -14.19 -15.06
N ILE B 148 -4.23 -15.24 -15.43
CA ILE B 148 -3.89 -16.61 -15.00
C ILE B 148 -2.53 -17.03 -15.58
N ASP B 149 -2.34 -16.87 -16.89
CA ASP B 149 -1.03 -17.19 -17.49
C ASP B 149 0.12 -16.41 -16.88
N HIS B 150 -0.01 -15.10 -16.66
CA HIS B 150 1.03 -14.29 -16.05
C HIS B 150 1.42 -14.80 -14.66
N VAL B 151 0.44 -15.03 -13.77
CA VAL B 151 0.81 -15.45 -12.41
C VAL B 151 1.40 -16.87 -12.43
N ILE B 152 0.86 -17.79 -13.23
CA ILE B 152 1.46 -19.14 -13.25
C ILE B 152 2.87 -19.14 -13.81
N LYS B 153 3.13 -18.49 -14.98
CA LYS B 153 4.52 -18.34 -15.43
C LYS B 153 5.42 -17.72 -14.37
N THR B 154 4.98 -16.64 -13.72
CA THR B 154 5.76 -15.97 -12.68
C THR B 154 6.09 -16.92 -11.55
N ALA B 155 5.10 -17.68 -11.05
CA ALA B 155 5.36 -18.59 -9.94
C ALA B 155 6.46 -19.61 -10.27
N LEU B 156 6.34 -20.25 -11.44
CA LEU B 156 7.30 -21.27 -11.88
C LEU B 156 8.71 -20.72 -12.09
N ARG B 157 8.84 -19.56 -12.76
CA ARG B 157 10.20 -19.06 -13.04
C ARG B 157 10.84 -18.45 -11.80
N GLU B 158 10.05 -17.80 -10.93
CA GLU B 158 10.64 -17.20 -9.73
C GLU B 158 10.68 -18.17 -8.54
N LYS B 159 9.98 -19.29 -8.62
CA LYS B 159 9.84 -20.24 -7.51
C LYS B 159 9.27 -19.48 -6.30
N LYS B 160 8.13 -18.83 -6.48
CA LYS B 160 7.48 -18.02 -5.46
C LYS B 160 5.97 -18.17 -5.64
N PRO B 161 5.20 -17.98 -4.55
CA PRO B 161 3.75 -18.02 -4.58
C PRO B 161 3.19 -16.80 -5.28
N VAL B 162 1.94 -16.94 -5.75
CA VAL B 162 1.21 -15.92 -6.46
C VAL B 162 -0.26 -15.94 -5.98
N TYR B 163 -0.97 -14.87 -6.29
CA TYR B 163 -2.35 -14.65 -5.89
C TYR B 163 -3.26 -14.37 -7.07
N LEU B 164 -4.45 -14.99 -7.02
CA LEU B 164 -5.55 -14.65 -7.90
C LEU B 164 -6.86 -14.47 -7.09
N GLU B 165 -7.71 -13.55 -7.52
CA GLU B 165 -9.10 -13.63 -7.00
C GLU B 165 -10.01 -13.58 -8.21
N ILE B 166 -11.16 -14.24 -8.10
CA ILE B 166 -12.10 -14.36 -9.20
C ILE B 166 -13.52 -13.98 -8.72
N ALA B 167 -14.10 -12.95 -9.32
CA ALA B 167 -15.48 -12.56 -9.00
C ALA B 167 -16.38 -13.80 -9.00
N CYS B 168 -17.25 -13.99 -7.99
CA CYS B 168 -18.01 -15.25 -7.93
C CYS B 168 -18.98 -15.46 -9.05
N ASN B 169 -19.50 -14.42 -9.69
CA ASN B 169 -20.45 -14.56 -10.78
C ASN B 169 -19.81 -14.72 -12.16
N ILE B 170 -18.47 -14.86 -12.28
CA ILE B 170 -17.86 -15.03 -13.61
C ILE B 170 -17.18 -16.38 -13.77
N ALA B 171 -17.14 -17.20 -12.73
CA ALA B 171 -16.43 -18.47 -12.75
C ALA B 171 -16.88 -19.43 -13.86
N SER B 172 -18.15 -19.40 -14.25
CA SER B 172 -18.64 -20.27 -15.31
C SER B 172 -18.77 -19.55 -16.65
N MET B 173 -18.32 -18.31 -16.75
CA MET B 173 -18.38 -17.56 -18.01
C MET B 173 -17.31 -18.02 -19.00
N PRO B 174 -17.65 -18.04 -20.28
CA PRO B 174 -16.73 -18.49 -21.33
C PRO B 174 -15.54 -17.56 -21.56
N CYS B 175 -14.41 -18.15 -21.95
CA CYS B 175 -13.18 -17.43 -22.28
C CYS B 175 -12.39 -18.25 -23.31
N ALA B 176 -11.29 -17.69 -23.83
CA ALA B 176 -10.44 -18.38 -24.81
C ALA B 176 -9.88 -19.67 -24.21
N ALA B 177 -9.44 -20.59 -25.07
CA ALA B 177 -8.82 -21.83 -24.62
C ALA B 177 -7.33 -21.63 -24.38
N PRO B 178 -6.74 -22.43 -23.50
CA PRO B 178 -5.32 -22.35 -23.21
C PRO B 178 -4.43 -23.01 -24.28
N GLY B 179 -3.31 -22.38 -24.61
CA GLY B 179 -2.38 -22.96 -25.62
C GLY B 179 -1.54 -24.08 -25.01
N PRO B 180 -0.44 -24.46 -25.68
CA PRO B 180 0.44 -25.53 -25.23
C PRO B 180 1.03 -25.30 -23.85
N ALA B 181 1.24 -26.39 -23.12
CA ALA B 181 1.84 -26.35 -21.80
C ALA B 181 3.30 -25.86 -21.83
N SER B 182 4.06 -26.14 -22.90
CA SER B 182 5.45 -25.71 -23.01
C SER B 182 5.64 -24.21 -22.77
N ALA B 183 4.70 -23.36 -23.16
CA ALA B 183 4.77 -21.91 -22.93
C ALA B 183 4.92 -21.49 -21.48
N LEU B 184 4.36 -22.28 -20.54
CA LEU B 184 4.36 -21.96 -19.11
C LEU B 184 5.73 -22.12 -18.49
N PHE B 185 6.59 -22.98 -19.08
CA PHE B 185 7.93 -23.23 -18.55
C PHE B 185 9.02 -22.40 -19.22
N ASN B 186 8.64 -21.56 -20.17
CA ASN B 186 9.50 -20.66 -20.92
C ASN B 186 10.19 -19.67 -19.98
N ASP B 187 11.51 -19.73 -19.93
CA ASP B 187 12.31 -18.87 -19.05
C ASP B 187 13.60 -18.44 -19.77
N GLU B 188 14.24 -17.39 -19.30
CA GLU B 188 15.53 -16.94 -19.87
C GLU B 188 16.50 -18.14 -19.82
N ALA B 189 17.38 -18.24 -20.84
CA ALA B 189 18.59 -19.08 -20.67
C ALA B 189 19.70 -18.26 -20.04
N SER B 190 20.76 -18.91 -19.60
CA SER B 190 21.95 -18.20 -19.10
C SER B 190 22.49 -17.33 -20.24
N ASP B 191 22.92 -16.10 -19.96
CA ASP B 191 23.68 -15.33 -20.97
C ASP B 191 25.04 -16.03 -21.17
N GLU B 192 25.29 -16.36 -22.42
CA GLU B 192 26.47 -17.18 -22.77
C GLU B 192 27.78 -16.53 -22.38
N ALA B 193 28.01 -15.26 -22.74
CA ALA B 193 29.27 -14.60 -22.38
C ALA B 193 29.43 -14.53 -20.86
N SER B 194 28.36 -14.18 -20.13
CA SER B 194 28.45 -14.13 -18.66
C SER B 194 28.74 -15.49 -18.02
N LEU B 195 28.04 -16.53 -18.49
CA LEU B 195 28.25 -17.90 -17.98
C LEU B 195 29.72 -18.29 -18.13
N ASN B 196 30.27 -18.10 -19.34
CA ASN B 196 31.67 -18.49 -19.59
C ASN B 196 32.62 -17.61 -18.80
N ALA B 197 32.32 -16.31 -18.70
CA ALA B 197 33.19 -15.42 -17.91
C ALA B 197 33.11 -15.76 -16.43
N ALA B 198 31.90 -16.05 -15.91
CA ALA B 198 31.77 -16.44 -14.51
C ALA B 198 32.59 -17.71 -14.24
N VAL B 199 32.51 -18.70 -15.15
CA VAL B 199 33.33 -19.91 -14.98
C VAL B 199 34.83 -19.57 -14.98
N ASP B 200 35.30 -18.87 -16.03
CA ASP B 200 36.71 -18.48 -16.12
C ASP B 200 37.19 -17.66 -14.93
N GLU B 201 36.40 -16.73 -14.39
CA GLU B 201 36.84 -15.96 -13.22
C GLU B 201 36.89 -16.82 -11.96
N THR B 202 36.01 -17.83 -11.86
CA THR B 202 36.12 -18.79 -10.75
C THR B 202 37.44 -19.57 -10.83
N LEU B 203 37.80 -20.04 -12.04
CA LEU B 203 39.09 -20.74 -12.23
C LEU B 203 40.26 -19.83 -11.87
N LYS B 204 40.22 -18.57 -12.32
CA LYS B 204 41.23 -17.57 -11.96
C LYS B 204 41.29 -17.40 -10.45
N PHE B 205 40.13 -17.30 -9.78
CA PHE B 205 40.11 -17.07 -8.33
C PHE B 205 40.71 -18.23 -7.55
N ILE B 206 40.44 -19.48 -7.94
CA ILE B 206 40.96 -20.62 -7.19
C ILE B 206 42.30 -21.13 -7.75
N ALA B 207 42.86 -20.47 -8.78
CA ALA B 207 44.11 -20.97 -9.40
C ALA B 207 45.22 -21.15 -8.38
N ASN B 208 45.45 -20.16 -7.50
CA ASN B 208 46.48 -20.35 -6.49
C ASN B 208 45.92 -20.45 -5.07
N ARG B 209 44.74 -21.07 -4.92
CA ARG B 209 44.14 -21.32 -3.60
C ARG B 209 43.99 -22.83 -3.42
N ASP B 210 44.75 -23.42 -2.52
CA ASP B 210 44.85 -24.87 -2.36
C ASP B 210 43.58 -25.51 -1.77
N LYS B 211 43.05 -24.91 -0.70
CA LYS B 211 41.88 -25.52 -0.03
C LYS B 211 40.59 -24.83 -0.43
N VAL B 212 39.84 -25.54 -1.27
CA VAL B 212 38.56 -25.07 -1.81
C VAL B 212 37.45 -25.94 -1.21
N ALA B 213 36.58 -25.30 -0.42
CA ALA B 213 35.45 -26.02 0.20
C ALA B 213 34.13 -25.58 -0.42
N VAL B 214 33.19 -26.52 -0.54
CA VAL B 214 31.90 -26.24 -1.13
C VAL B 214 30.80 -26.24 -0.04
N LEU B 215 30.04 -25.14 0.02
CA LEU B 215 28.98 -25.02 1.06
C LEU B 215 27.62 -25.02 0.36
N VAL B 216 26.83 -26.08 0.59
CA VAL B 216 25.56 -26.29 -0.08
C VAL B 216 24.41 -25.56 0.64
N GLY B 217 23.67 -24.73 -0.08
CA GLY B 217 22.67 -23.85 0.50
C GLY B 217 21.23 -24.27 0.26
N SER B 218 20.27 -23.67 0.99
CA SER B 218 18.88 -24.12 0.92
C SER B 218 18.06 -23.60 -0.24
N LYS B 219 18.65 -22.84 -1.17
CA LYS B 219 17.94 -22.57 -2.43
C LYS B 219 18.47 -23.44 -3.57
N LEU B 220 19.22 -24.49 -3.26
CA LEU B 220 19.76 -25.36 -4.34
C LEU B 220 18.68 -26.05 -5.13
N ARG B 221 17.62 -26.55 -4.49
CA ARG B 221 16.50 -27.20 -5.15
C ARG B 221 15.68 -26.20 -5.96
N ALA B 222 15.50 -24.97 -5.44
CA ALA B 222 14.79 -23.93 -6.15
C ALA B 222 15.54 -23.61 -7.47
N ALA B 223 16.87 -23.66 -7.44
CA ALA B 223 17.66 -23.48 -8.67
C ALA B 223 17.66 -24.71 -9.58
N GLY B 224 17.13 -25.84 -9.14
CA GLY B 224 17.09 -27.08 -9.92
C GLY B 224 18.50 -27.60 -10.22
N ALA B 225 19.39 -27.39 -9.27
CA ALA B 225 20.82 -27.64 -9.41
C ALA B 225 21.42 -28.72 -8.53
N GLU B 226 20.61 -29.62 -7.95
CA GLU B 226 21.14 -30.63 -7.05
C GLU B 226 22.06 -31.59 -7.82
N GLU B 227 21.60 -32.06 -8.97
CA GLU B 227 22.41 -33.03 -9.77
C GLU B 227 23.68 -32.38 -10.33
N ALA B 228 23.59 -31.13 -10.79
CA ALA B 228 24.76 -30.40 -11.30
C ALA B 228 25.78 -30.18 -10.21
N ALA B 229 25.32 -29.90 -8.96
CA ALA B 229 26.24 -29.75 -7.85
C ALA B 229 27.15 -30.96 -7.70
N VAL B 230 26.59 -32.17 -7.77
CA VAL B 230 27.37 -33.41 -7.66
C VAL B 230 28.36 -33.57 -8.83
N LYS B 231 27.98 -33.20 -10.04
CA LYS B 231 28.96 -33.22 -11.15
C LYS B 231 30.16 -32.35 -10.81
N PHE B 232 29.91 -31.12 -10.35
CA PHE B 232 30.98 -30.20 -9.98
C PHE B 232 31.80 -30.73 -8.80
N THR B 233 31.14 -31.18 -7.72
CA THR B 233 31.92 -31.57 -6.53
C THR B 233 32.73 -32.83 -6.81
N ASP B 234 32.23 -33.78 -7.62
CA ASP B 234 33.02 -34.97 -7.98
C ASP B 234 34.26 -34.56 -8.81
N ALA B 235 34.12 -33.55 -9.65
CA ALA B 235 35.27 -33.07 -10.45
C ALA B 235 36.30 -32.35 -9.60
N LEU B 236 35.85 -31.47 -8.69
CA LEU B 236 36.75 -30.72 -7.82
C LEU B 236 37.46 -31.63 -6.81
N GLY B 237 36.72 -32.55 -6.18
CA GLY B 237 37.27 -33.38 -5.13
C GLY B 237 37.58 -32.67 -3.82
N GLY B 238 37.02 -31.48 -3.59
CA GLY B 238 37.18 -30.76 -2.33
C GLY B 238 36.10 -31.16 -1.31
N ALA B 239 36.27 -30.80 -0.06
CA ALA B 239 35.28 -31.06 0.99
C ALA B 239 33.95 -30.37 0.70
N VAL B 240 32.83 -31.08 0.92
CA VAL B 240 31.47 -30.57 0.73
C VAL B 240 30.67 -30.64 2.05
N ALA B 241 30.13 -29.51 2.50
CA ALA B 241 29.26 -29.46 3.70
C ALA B 241 27.90 -28.86 3.35
N THR B 242 26.83 -29.24 4.07
CA THR B 242 25.49 -28.67 3.85
C THR B 242 25.13 -27.69 4.99
N MET B 243 24.58 -26.53 4.62
CA MET B 243 23.96 -25.68 5.67
C MET B 243 22.77 -26.43 6.28
N ALA B 244 22.32 -26.09 7.49
CA ALA B 244 21.23 -26.82 8.14
C ALA B 244 19.99 -27.00 7.30
N ALA B 245 19.49 -25.93 6.68
CA ALA B 245 18.25 -25.96 5.92
C ALA B 245 18.36 -26.67 4.56
N ALA B 246 19.58 -27.01 4.16
CA ALA B 246 19.86 -27.72 2.91
C ALA B 246 20.02 -29.22 3.12
N LYS B 247 19.65 -29.72 4.31
CA LYS B 247 19.75 -31.17 4.53
C LYS B 247 18.97 -31.98 3.50
N SER B 248 19.67 -32.94 2.87
CA SER B 248 19.17 -33.85 1.85
C SER B 248 19.25 -33.25 0.44
N PHE B 249 19.82 -32.05 0.30
CA PHE B 249 20.00 -31.46 -1.05
C PHE B 249 21.37 -31.83 -1.63
N PHE B 250 22.13 -32.64 -0.90
CA PHE B 250 23.39 -33.23 -1.35
C PHE B 250 23.48 -34.66 -0.83
N PRO B 251 24.06 -35.59 -1.58
CA PRO B 251 24.08 -36.99 -1.19
C PRO B 251 25.07 -37.25 -0.09
N GLU B 252 24.60 -37.79 1.05
CA GLU B 252 25.43 -37.96 2.23
C GLU B 252 26.32 -39.20 2.12
N GLU B 253 26.13 -40.09 1.13
CA GLU B 253 27.04 -41.23 0.91
C GLU B 253 28.21 -40.86 0.00
N ASN B 254 28.12 -39.69 -0.60
CA ASN B 254 29.18 -39.14 -1.47
C ASN B 254 30.49 -39.08 -0.71
N ALA B 255 31.59 -39.54 -1.37
CA ALA B 255 32.90 -39.58 -0.76
C ALA B 255 33.44 -38.22 -0.31
N LEU B 256 33.04 -37.11 -0.89
CA LEU B 256 33.50 -35.79 -0.46
C LEU B 256 32.64 -35.10 0.59
N TYR B 257 31.51 -35.70 1.00
CA TYR B 257 30.65 -35.09 2.01
C TYR B 257 31.24 -35.14 3.40
N ILE B 258 31.26 -34.00 4.12
CA ILE B 258 31.84 -33.99 5.45
C ILE B 258 30.80 -33.69 6.55
N GLY B 259 29.54 -33.45 6.20
CA GLY B 259 28.48 -33.26 7.20
C GLY B 259 27.93 -31.83 7.25
N THR B 260 27.26 -31.50 8.35
CA THR B 260 26.55 -30.22 8.53
C THR B 260 27.52 -29.09 8.90
N SER B 261 27.40 -27.97 8.20
CA SER B 261 28.04 -26.71 8.58
C SER B 261 26.99 -25.77 9.21
N TRP B 262 27.14 -25.49 10.51
CA TRP B 262 26.16 -24.65 11.23
C TRP B 262 26.84 -24.00 12.42
N GLY B 263 27.93 -23.27 12.14
CA GLY B 263 28.66 -22.57 13.20
C GLY B 263 29.14 -23.51 14.28
N GLU B 264 28.87 -23.14 15.54
CA GLU B 264 29.33 -23.96 16.66
C GLU B 264 28.49 -25.22 16.87
N VAL B 265 27.42 -25.45 16.12
CA VAL B 265 26.74 -26.75 16.17
C VAL B 265 26.94 -27.54 14.88
N SER B 266 28.12 -27.37 14.27
CA SER B 266 28.50 -28.13 13.05
C SER B 266 28.84 -29.58 13.45
N TYR B 267 28.92 -30.47 12.46
CA TYR B 267 29.50 -31.81 12.71
C TYR B 267 30.99 -31.70 13.01
N PRO B 268 31.57 -32.71 13.68
CA PRO B 268 32.96 -32.63 14.10
C PRO B 268 33.91 -32.35 12.95
N GLY B 269 34.80 -31.36 13.10
CA GLY B 269 35.79 -31.04 12.08
C GLY B 269 35.33 -30.08 10.98
N VAL B 270 34.03 -29.88 10.82
CA VAL B 270 33.52 -29.07 9.73
C VAL B 270 33.76 -27.58 9.95
N GLU B 271 33.46 -27.09 11.16
CA GLU B 271 33.72 -25.66 11.43
C GLU B 271 35.17 -25.28 11.17
N LYS B 272 36.12 -26.08 11.67
CA LYS B 272 37.55 -25.82 11.46
C LYS B 272 37.93 -25.89 9.98
N THR B 273 37.39 -26.84 9.23
CA THR B 273 37.67 -26.98 7.80
C THR B 273 37.20 -25.77 7.02
N MET B 274 35.97 -25.30 7.29
CA MET B 274 35.46 -24.09 6.65
C MET B 274 36.32 -22.86 6.98
N LYS B 275 36.73 -22.74 8.23
CA LYS B 275 37.55 -21.61 8.68
C LYS B 275 38.92 -21.59 8.00
N GLU B 276 39.54 -22.76 7.77
CA GLU B 276 40.87 -22.82 7.15
C GLU B 276 40.88 -22.86 5.63
N ALA B 277 39.72 -22.97 5.00
CA ALA B 277 39.62 -22.97 3.56
C ALA B 277 40.23 -21.70 2.96
N ASP B 278 40.84 -21.80 1.79
CA ASP B 278 41.35 -20.62 1.07
C ASP B 278 40.25 -20.00 0.23
N ALA B 279 39.26 -20.82 -0.11
CA ALA B 279 38.11 -20.36 -0.87
C ALA B 279 36.85 -21.15 -0.48
N VAL B 280 35.72 -20.45 -0.39
CA VAL B 280 34.45 -21.15 -0.11
C VAL B 280 33.52 -20.92 -1.30
N ILE B 281 33.11 -21.99 -1.97
CA ILE B 281 32.11 -21.85 -3.03
C ILE B 281 30.73 -22.15 -2.44
N ALA B 282 29.93 -21.09 -2.23
CA ALA B 282 28.59 -21.26 -1.62
C ALA B 282 27.53 -21.38 -2.69
N LEU B 283 26.81 -22.52 -2.69
CA LEU B 283 25.80 -22.78 -3.69
C LEU B 283 24.39 -22.43 -3.17
N ALA B 284 23.87 -21.33 -3.66
CA ALA B 284 22.56 -20.80 -3.31
C ALA B 284 22.25 -20.81 -1.82
N PRO B 285 23.05 -20.12 -1.04
CA PRO B 285 22.84 -20.02 0.40
C PRO B 285 21.78 -19.03 0.86
N VAL B 286 21.22 -19.25 2.07
CA VAL B 286 20.44 -18.17 2.72
C VAL B 286 21.12 -17.87 4.05
N PHE B 287 21.69 -16.69 4.19
CA PHE B 287 22.40 -16.30 5.39
C PHE B 287 21.49 -15.36 6.21
N ASN B 288 20.88 -15.89 7.27
CA ASN B 288 19.96 -15.10 8.11
C ASN B 288 20.40 -15.22 9.56
N ASP B 289 19.60 -14.68 10.51
CA ASP B 289 20.04 -14.70 11.91
C ASP B 289 20.08 -16.11 12.49
N TYR B 290 19.25 -17.03 12.02
CA TYR B 290 19.27 -18.41 12.49
C TYR B 290 20.36 -19.28 11.83
N SER B 291 20.57 -19.11 10.52
CA SER B 291 21.53 -19.96 9.78
C SER B 291 22.97 -19.57 10.08
N THR B 292 23.18 -18.34 10.54
CA THR B 292 24.47 -17.82 10.95
C THR B 292 24.65 -17.98 12.48
N THR B 293 23.73 -18.66 13.14
CA THR B 293 23.81 -18.94 14.58
C THR B 293 23.93 -17.63 15.36
N GLY B 294 22.90 -16.80 15.20
CA GLY B 294 22.84 -15.47 15.83
C GLY B 294 23.94 -14.54 15.35
N TRP B 295 24.29 -14.59 14.06
CA TRP B 295 25.31 -13.77 13.42
C TRP B 295 26.75 -14.04 13.90
N THR B 296 27.02 -15.24 14.43
CA THR B 296 28.35 -15.59 14.87
C THR B 296 29.14 -16.32 13.78
N ASP B 297 28.46 -16.82 12.77
CA ASP B 297 29.11 -17.62 11.72
C ASP B 297 28.73 -17.11 10.34
N ILE B 298 29.54 -16.17 9.85
CA ILE B 298 29.33 -15.49 8.57
C ILE B 298 30.57 -15.74 7.69
N PRO B 299 30.37 -16.14 6.44
CA PRO B 299 31.49 -16.45 5.55
C PRO B 299 32.40 -15.23 5.30
N ASP B 300 33.70 -15.49 5.29
CA ASP B 300 34.73 -14.49 5.00
C ASP B 300 34.53 -13.96 3.59
N PRO B 301 34.21 -12.67 3.47
CA PRO B 301 33.92 -12.02 2.22
C PRO B 301 35.04 -12.11 1.18
N LYS B 302 36.31 -12.11 1.59
CA LYS B 302 37.45 -12.20 0.69
C LYS B 302 37.69 -13.63 0.19
N LYS B 303 37.05 -14.64 0.79
CA LYS B 303 37.25 -16.01 0.36
C LYS B 303 36.05 -16.61 -0.34
N LEU B 304 34.98 -15.86 -0.42
CA LEU B 304 33.69 -16.29 -0.93
C LEU B 304 33.49 -16.19 -2.44
N VAL B 305 33.07 -17.33 -3.01
CA VAL B 305 32.43 -17.35 -4.33
C VAL B 305 30.92 -17.55 -4.10
N LEU B 306 30.12 -16.54 -4.46
CA LEU B 306 28.68 -16.57 -4.16
C LEU B 306 27.89 -16.92 -5.41
N ALA B 307 27.55 -18.21 -5.50
CA ALA B 307 26.79 -18.71 -6.64
C ALA B 307 25.32 -18.88 -6.29
N GLU B 308 24.54 -17.81 -6.49
CA GLU B 308 23.10 -17.83 -6.26
C GLU B 308 22.40 -18.54 -7.40
N PRO B 309 21.08 -18.72 -7.30
CA PRO B 309 20.33 -19.40 -8.34
C PRO B 309 20.53 -18.78 -9.72
N ARG B 310 20.55 -17.44 -9.82
CA ARG B 310 20.53 -16.77 -11.11
C ARG B 310 21.62 -15.69 -11.26
N SER B 311 22.64 -15.76 -10.42
CA SER B 311 23.77 -14.85 -10.52
C SER B 311 24.98 -15.44 -9.80
N VAL B 312 26.19 -15.01 -10.20
CA VAL B 312 27.41 -15.38 -9.51
C VAL B 312 28.16 -14.11 -9.12
N VAL B 313 28.65 -14.04 -7.89
CA VAL B 313 29.63 -12.99 -7.58
C VAL B 313 30.97 -13.65 -7.31
N VAL B 314 32.00 -13.32 -8.11
CA VAL B 314 33.28 -14.03 -7.99
C VAL B 314 34.43 -13.12 -8.43
N ASN B 315 35.52 -13.15 -7.69
CA ASN B 315 36.74 -12.40 -8.01
C ASN B 315 36.47 -10.90 -8.13
N GLY B 316 35.52 -10.38 -7.33
CA GLY B 316 35.18 -8.96 -7.34
C GLY B 316 34.22 -8.52 -8.42
N ILE B 317 33.70 -9.46 -9.20
CA ILE B 317 32.80 -9.14 -10.30
C ILE B 317 31.41 -9.76 -10.13
N ARG B 318 30.36 -9.01 -10.46
CA ARG B 318 29.00 -9.53 -10.41
C ARG B 318 28.47 -9.90 -11.79
N PHE B 319 27.95 -11.13 -11.87
CA PHE B 319 27.41 -11.71 -13.07
C PHE B 319 25.93 -12.06 -12.95
N PRO B 320 25.02 -11.15 -13.29
CA PRO B 320 23.61 -11.49 -13.41
C PRO B 320 23.41 -12.40 -14.63
N SER B 321 22.23 -12.98 -14.76
CA SER B 321 21.81 -13.83 -15.86
C SER B 321 22.67 -15.08 -16.02
N VAL B 322 23.11 -15.67 -14.92
CA VAL B 322 23.91 -16.91 -14.97
C VAL B 322 23.18 -17.97 -14.15
N HIS B 323 22.58 -18.97 -14.78
CA HIS B 323 21.79 -19.95 -13.98
C HIS B 323 22.70 -20.97 -13.34
N LEU B 324 22.47 -21.26 -12.06
CA LEU B 324 23.35 -22.06 -11.24
C LEU B 324 23.57 -23.47 -11.82
N LYS B 325 22.54 -24.10 -12.38
CA LYS B 325 22.73 -25.43 -12.98
C LYS B 325 23.77 -25.37 -14.13
N ASP B 326 23.68 -24.33 -14.96
CA ASP B 326 24.62 -24.19 -16.09
C ASP B 326 26.04 -23.89 -15.63
N TYR B 327 26.15 -22.98 -14.66
CA TYR B 327 27.44 -22.61 -14.08
C TYR B 327 28.16 -23.84 -13.52
N LEU B 328 27.43 -24.64 -12.71
CA LEU B 328 28.03 -25.83 -12.12
C LEU B 328 28.41 -26.87 -13.19
N THR B 329 27.55 -27.07 -14.18
CA THR B 329 27.81 -28.06 -15.23
C THR B 329 29.07 -27.72 -16.01
N ARG B 330 29.22 -26.47 -16.46
CA ARG B 330 30.42 -26.05 -17.21
C ARG B 330 31.66 -25.96 -16.34
N LEU B 331 31.48 -25.51 -15.08
CA LEU B 331 32.64 -25.47 -14.19
C LEU B 331 33.15 -26.89 -13.96
N ALA B 332 32.22 -27.86 -13.84
CA ALA B 332 32.62 -29.26 -13.65
C ALA B 332 33.49 -29.78 -14.81
N GLN B 333 33.21 -29.38 -16.04
CA GLN B 333 34.01 -29.74 -17.20
C GLN B 333 35.41 -29.10 -17.29
N LYS B 334 35.66 -27.99 -16.60
CA LYS B 334 36.95 -27.32 -16.77
C LYS B 334 37.80 -27.27 -15.52
N VAL B 335 37.20 -27.49 -14.36
CA VAL B 335 37.93 -27.37 -13.10
C VAL B 335 38.95 -28.51 -12.93
N SER B 336 40.05 -28.19 -12.25
CA SER B 336 41.06 -29.21 -11.97
C SER B 336 40.79 -29.81 -10.59
N LYS B 337 41.43 -30.95 -10.33
CA LYS B 337 41.23 -31.67 -9.08
C LYS B 337 41.94 -30.97 -7.94
N LYS B 338 41.18 -30.52 -6.93
CA LYS B 338 41.76 -29.81 -5.79
C LYS B 338 41.28 -30.45 -4.48
N THR B 339 42.05 -31.42 -3.99
CA THR B 339 41.62 -32.24 -2.85
C THR B 339 42.04 -31.68 -1.51
N GLY B 340 42.78 -30.56 -1.49
CA GLY B 340 43.35 -29.99 -0.30
C GLY B 340 42.38 -29.81 0.87
N SER B 341 41.15 -29.35 0.64
CA SER B 341 40.20 -29.11 1.75
C SER B 341 39.74 -30.43 2.38
N LEU B 342 39.52 -31.46 1.55
CA LEU B 342 39.21 -32.79 2.08
C LEU B 342 40.39 -33.44 2.79
N ASP B 343 41.61 -33.32 2.23
CA ASP B 343 42.81 -33.79 2.92
C ASP B 343 42.92 -33.14 4.29
N PHE B 344 42.80 -31.79 4.32
CA PHE B 344 42.72 -31.07 5.59
C PHE B 344 41.69 -31.64 6.55
N PHE B 345 40.42 -31.79 6.13
CA PHE B 345 39.39 -32.36 6.99
C PHE B 345 39.79 -33.71 7.57
N LYS B 346 40.26 -34.62 6.71
CA LYS B 346 40.71 -35.93 7.16
C LYS B 346 41.87 -35.85 8.13
N SER B 347 42.78 -34.88 7.95
CA SER B 347 43.95 -34.71 8.78
C SER B 347 43.63 -34.31 10.23
N LEU B 348 42.43 -33.76 10.47
CA LEU B 348 41.97 -33.42 11.80
C LEU B 348 41.67 -34.64 12.66
N ASN B 349 41.19 -35.71 11.99
CA ASN B 349 40.86 -36.94 12.73
C ASN B 349 39.80 -36.60 13.78
N ALA B 350 38.75 -35.90 13.38
CA ALA B 350 37.75 -35.38 14.34
C ALA B 350 36.71 -36.47 14.66
N GLY B 351 36.66 -37.48 13.80
CA GLY B 351 35.76 -38.62 13.98
C GLY B 351 34.35 -38.26 13.51
N GLU B 352 33.46 -39.24 13.53
CA GLU B 352 32.08 -39.03 13.14
C GLU B 352 31.28 -38.43 14.31
N LEU B 353 30.13 -37.87 13.96
CA LEU B 353 29.15 -37.38 14.95
C LEU B 353 28.90 -38.48 15.96
N LYS B 354 29.08 -38.18 17.23
CA LYS B 354 28.86 -39.17 18.30
C LYS B 354 27.36 -39.41 18.52
N LYS B 355 26.91 -40.65 18.32
CA LYS B 355 25.51 -41.03 18.48
C LYS B 355 25.32 -42.08 19.58
N ALA B 356 24.17 -42.08 20.26
CA ALA B 356 23.96 -42.97 21.40
C ALA B 356 23.73 -44.42 20.97
N ALA B 357 24.21 -45.37 21.78
CA ALA B 357 23.91 -46.78 21.57
C ALA B 357 22.45 -47.08 21.97
N PRO B 358 21.93 -48.20 21.50
CA PRO B 358 20.57 -48.62 21.83
C PRO B 358 20.33 -48.59 23.33
N ALA B 359 19.21 -48.03 23.77
CA ALA B 359 18.87 -47.94 25.18
C ALA B 359 18.42 -49.32 25.69
N ASP B 360 18.62 -49.52 26.97
CA ASP B 360 17.83 -50.51 27.73
C ASP B 360 16.35 -50.23 27.42
N PRO B 361 15.68 -51.19 26.78
CA PRO B 361 14.30 -51.05 26.38
C PRO B 361 13.26 -50.83 27.47
N SER B 362 13.54 -51.21 28.71
CA SER B 362 12.57 -50.98 29.79
C SER B 362 12.83 -49.65 30.50
N ALA B 363 13.98 -48.99 30.24
CA ALA B 363 14.26 -47.71 30.89
C ALA B 363 13.35 -46.61 30.33
N PRO B 364 13.17 -45.54 31.09
CA PRO B 364 12.36 -44.40 30.67
C PRO B 364 12.88 -43.83 29.36
N LEU B 365 11.97 -43.58 28.42
CA LEU B 365 12.35 -43.05 27.12
C LEU B 365 13.12 -41.73 27.22
N VAL B 366 14.18 -41.57 26.41
CA VAL B 366 14.92 -40.30 26.36
C VAL B 366 14.95 -39.83 24.89
N ASN B 367 15.19 -38.53 24.70
CA ASN B 367 15.23 -37.93 23.38
C ASN B 367 16.16 -38.66 22.40
N ALA B 368 17.39 -38.98 22.80
CA ALA B 368 18.38 -39.68 21.97
C ALA B 368 17.90 -41.05 21.46
N GLU B 369 17.12 -41.79 22.26
CA GLU B 369 16.57 -43.09 21.89
C GLU B 369 15.45 -42.94 20.88
N ILE B 370 14.61 -41.88 21.01
CA ILE B 370 13.62 -41.58 20.00
C ILE B 370 14.34 -41.35 18.65
N ALA B 371 15.35 -40.47 18.68
CA ALA B 371 16.11 -40.14 17.47
C ALA B 371 16.79 -41.36 16.84
N ARG B 372 17.38 -42.25 17.64
CA ARG B 372 17.95 -43.49 17.13
C ARG B 372 16.94 -44.37 16.39
N GLN B 373 15.77 -44.62 16.99
CA GLN B 373 14.77 -45.48 16.36
C GLN B 373 14.17 -44.84 15.11
N VAL B 374 13.99 -43.51 15.10
CA VAL B 374 13.52 -42.87 13.87
C VAL B 374 14.58 -42.99 12.77
N GLU B 375 15.84 -42.72 13.12
CA GLU B 375 16.95 -42.79 12.17
C GLU B 375 17.08 -44.18 11.54
N ALA B 376 16.81 -45.24 12.32
CA ALA B 376 16.84 -46.61 11.84
C ALA B 376 15.77 -46.91 10.80
N LEU B 377 14.70 -46.13 10.69
CA LEU B 377 13.64 -46.31 9.73
C LEU B 377 13.94 -45.66 8.38
N LEU B 378 15.04 -44.90 8.27
CA LEU B 378 15.30 -44.16 7.03
C LEU B 378 15.74 -45.10 5.89
N THR B 379 15.04 -45.04 4.77
CA THR B 379 15.45 -45.81 3.60
C THR B 379 15.60 -44.81 2.44
N PRO B 380 16.03 -45.29 1.26
CA PRO B 380 16.08 -44.47 0.07
C PRO B 380 14.74 -43.93 -0.36
N ASN B 381 13.62 -44.52 0.10
CA ASN B 381 12.27 -44.10 -0.23
C ASN B 381 11.59 -43.31 0.91
N THR B 382 12.35 -42.83 1.88
CA THR B 382 11.75 -42.13 3.03
C THR B 382 11.83 -40.61 2.94
N THR B 383 10.83 -39.92 3.48
CA THR B 383 10.88 -38.46 3.62
C THR B 383 10.53 -38.15 5.09
N VAL B 384 11.37 -37.33 5.71
CA VAL B 384 11.08 -36.88 7.07
C VAL B 384 10.63 -35.42 7.05
N ILE B 385 9.44 -35.13 7.60
CA ILE B 385 8.97 -33.74 7.72
C ILE B 385 9.31 -33.30 9.16
N ALA B 386 10.23 -32.36 9.30
CA ALA B 386 10.76 -31.97 10.58
C ALA B 386 10.29 -30.56 11.00
N GLU B 387 9.43 -30.54 12.03
CA GLU B 387 8.85 -29.30 12.57
C GLU B 387 9.86 -28.44 13.31
N THR B 388 9.62 -27.12 13.24
CA THR B 388 10.30 -26.13 14.07
C THR B 388 10.18 -26.56 15.55
N GLY B 389 11.32 -26.61 16.22
CA GLY B 389 11.40 -27.09 17.59
C GLY B 389 12.67 -27.92 17.73
N ASP B 390 12.76 -28.76 18.77
CA ASP B 390 13.96 -29.63 18.87
C ASP B 390 14.00 -30.65 17.75
N SER B 391 12.90 -30.94 17.07
CA SER B 391 12.87 -31.84 15.92
C SER B 391 13.81 -31.31 14.82
N TRP B 392 14.03 -30.00 14.72
CA TRP B 392 15.03 -29.45 13.79
C TRP B 392 16.39 -30.14 13.98
N PHE B 393 16.84 -30.12 15.23
CA PHE B 393 18.14 -30.61 15.63
C PHE B 393 18.23 -32.13 15.63
N ASN B 394 17.14 -32.82 16.02
CA ASN B 394 17.14 -34.28 15.99
C ASN B 394 17.26 -34.77 14.54
N ALA B 395 16.46 -34.20 13.64
CA ALA B 395 16.54 -34.54 12.23
C ALA B 395 17.91 -34.22 11.61
N GLN B 396 18.54 -33.10 11.99
CA GLN B 396 19.84 -32.70 11.45
C GLN B 396 20.95 -33.71 11.71
N ARG B 397 20.85 -34.45 12.81
CA ARG B 397 21.80 -35.45 13.24
C ARG B 397 21.67 -36.80 12.53
N MET B 398 20.63 -36.98 11.72
CA MET B 398 20.38 -38.27 11.08
C MET B 398 21.19 -38.46 9.79
N LYS B 399 21.82 -39.64 9.65
CA LYS B 399 22.53 -39.96 8.40
C LYS B 399 21.54 -40.41 7.33
N LEU B 400 21.56 -39.76 6.18
CA LEU B 400 20.56 -40.07 5.16
C LEU B 400 21.14 -40.99 4.08
N PRO B 401 20.51 -42.13 3.87
CA PRO B 401 20.88 -43.03 2.77
C PRO B 401 20.55 -42.29 1.48
N ASN B 402 21.33 -42.46 0.41
CA ASN B 402 21.10 -41.67 -0.80
C ASN B 402 19.66 -41.89 -1.25
N GLY B 403 18.96 -40.80 -1.55
CA GLY B 403 17.56 -40.83 -1.95
C GLY B 403 16.60 -40.40 -0.83
N ALA B 404 16.99 -40.56 0.43
CA ALA B 404 16.13 -40.14 1.55
C ALA B 404 16.06 -38.61 1.56
N ARG B 405 14.87 -38.05 1.86
CA ARG B 405 14.70 -36.60 1.89
C ARG B 405 14.30 -36.05 3.26
N VAL B 406 14.69 -34.80 3.54
CA VAL B 406 14.26 -34.12 4.77
C VAL B 406 13.55 -32.84 4.31
N GLU B 407 12.35 -32.56 4.88
CA GLU B 407 11.70 -31.27 4.54
C GLU B 407 11.74 -30.34 5.76
N TYR B 408 12.32 -29.16 5.58
CA TYR B 408 12.45 -28.18 6.65
C TYR B 408 11.72 -26.88 6.28
N GLU B 409 11.15 -26.19 7.28
CA GLU B 409 10.63 -24.83 7.02
C GLU B 409 11.39 -23.83 7.90
N MET B 410 12.72 -23.77 7.67
CA MET B 410 13.62 -22.99 8.50
C MET B 410 13.65 -21.48 8.29
N GLN B 411 13.21 -20.98 7.15
CA GLN B 411 13.14 -19.53 6.97
C GLN B 411 11.83 -18.97 7.57
N TRP B 412 10.68 -19.51 7.21
CA TRP B 412 9.41 -18.99 7.79
C TRP B 412 9.27 -19.44 9.25
N GLY B 413 9.33 -20.75 9.49
CA GLY B 413 9.40 -21.27 10.85
C GLY B 413 8.09 -21.06 11.65
N HIS B 414 6.96 -21.31 11.02
CA HIS B 414 5.63 -21.25 11.63
C HIS B 414 5.30 -22.58 12.33
N ILE B 415 5.38 -22.61 13.67
CA ILE B 415 5.09 -23.90 14.35
C ILE B 415 3.68 -24.33 13.97
N GLY B 416 3.54 -25.64 13.71
CA GLY B 416 2.29 -26.22 13.26
C GLY B 416 2.26 -26.40 11.75
N TRP B 417 3.19 -25.79 11.01
CA TRP B 417 3.34 -26.02 9.56
C TRP B 417 3.37 -27.51 9.22
N SER B 418 4.12 -28.28 9.98
CA SER B 418 4.42 -29.68 9.70
C SER B 418 3.21 -30.59 9.57
N VAL B 419 2.08 -30.33 10.26
CA VAL B 419 0.93 -31.23 10.17
C VAL B 419 0.22 -31.17 8.83
N PRO B 420 -0.23 -29.98 8.43
CA PRO B 420 -0.82 -29.81 7.11
C PRO B 420 0.23 -30.05 6.02
N ALA B 421 1.48 -29.60 6.21
CA ALA B 421 2.52 -29.85 5.17
C ALA B 421 2.75 -31.35 4.96
N ALA B 422 2.76 -32.15 6.03
CA ALA B 422 2.84 -33.60 5.92
C ALA B 422 1.64 -34.20 5.22
N PHE B 423 0.43 -33.69 5.49
CA PHE B 423 -0.76 -34.17 4.81
C PHE B 423 -0.61 -33.94 3.31
N GLY B 424 -0.30 -32.70 2.91
CA GLY B 424 -0.20 -32.36 1.48
C GLY B 424 0.95 -33.13 0.80
N TYR B 425 2.06 -33.30 1.48
CA TYR B 425 3.21 -34.04 0.92
C TYR B 425 2.82 -35.49 0.68
N ALA B 426 2.18 -36.11 1.68
CA ALA B 426 1.75 -37.51 1.55
C ALA B 426 0.67 -37.67 0.49
N VAL B 427 -0.19 -36.69 0.23
CA VAL B 427 -1.10 -36.74 -0.88
C VAL B 427 -0.30 -36.73 -2.20
N GLY B 428 0.73 -35.88 -2.27
CA GLY B 428 1.59 -35.77 -3.45
C GLY B 428 2.54 -36.96 -3.67
N ALA B 429 3.01 -37.62 -2.61
CA ALA B 429 3.97 -38.71 -2.68
C ALA B 429 3.57 -39.90 -1.80
N PRO B 430 2.48 -40.58 -2.15
CA PRO B 430 1.92 -41.66 -1.35
C PRO B 430 2.76 -42.93 -1.36
N GLU B 431 3.60 -43.12 -2.37
CA GLU B 431 4.58 -44.18 -2.52
C GLU B 431 5.70 -44.13 -1.50
N ARG B 432 6.02 -42.96 -0.94
CA ARG B 432 7.12 -42.86 0.02
C ARG B 432 6.71 -43.27 1.44
N ARG B 433 7.71 -43.62 2.22
CA ARG B 433 7.53 -43.71 3.68
C ARG B 433 7.58 -42.28 4.26
N ASN B 434 6.40 -41.74 4.62
CA ASN B 434 6.31 -40.37 5.11
C ASN B 434 6.24 -40.31 6.64
N ILE B 435 7.30 -39.76 7.21
CA ILE B 435 7.46 -39.65 8.64
C ILE B 435 7.33 -38.17 9.07
N LEU B 436 6.46 -37.91 10.05
CA LEU B 436 6.33 -36.54 10.58
C LEU B 436 6.90 -36.50 11.98
N MET B 437 7.88 -35.65 12.24
CA MET B 437 8.36 -35.43 13.60
C MET B 437 7.85 -34.04 14.06
N VAL B 438 6.94 -34.06 15.03
CA VAL B 438 6.27 -32.81 15.46
C VAL B 438 6.15 -32.73 16.98
N GLY B 439 6.54 -31.58 17.54
CA GLY B 439 6.42 -31.36 18.98
C GLY B 439 4.98 -31.12 19.40
N ASP B 440 4.69 -31.27 20.71
CA ASP B 440 3.32 -31.08 21.23
C ASP B 440 2.82 -29.66 21.03
N GLY B 441 3.68 -28.67 21.30
CA GLY B 441 3.26 -27.27 21.19
C GLY B 441 2.84 -26.93 19.77
N SER B 442 3.67 -27.32 18.79
CA SER B 442 3.35 -27.09 17.38
C SER B 442 2.09 -27.82 16.95
N PHE B 443 1.94 -29.08 17.40
CA PHE B 443 0.80 -29.92 17.01
C PHE B 443 -0.53 -29.24 17.30
N GLN B 444 -0.64 -28.57 18.46
CA GLN B 444 -1.90 -27.92 18.85
C GLN B 444 -2.35 -26.79 17.95
N LEU B 445 -1.48 -26.19 17.12
CA LEU B 445 -1.94 -25.11 16.25
C LEU B 445 -2.77 -25.61 15.07
N THR B 446 -2.45 -26.82 14.58
CA THR B 446 -2.95 -27.35 13.33
C THR B 446 -3.34 -28.84 13.40
N ALA B 447 -3.53 -29.40 14.59
CA ALA B 447 -3.80 -30.83 14.73
C ALA B 447 -4.99 -31.37 13.96
N GLN B 448 -6.03 -30.59 13.70
CA GLN B 448 -7.20 -31.08 12.98
C GLN B 448 -6.87 -31.63 11.59
N GLU B 449 -5.75 -31.27 10.94
CA GLU B 449 -5.47 -31.82 9.60
C GLU B 449 -5.03 -33.28 9.62
N VAL B 450 -4.67 -33.88 10.75
CA VAL B 450 -4.57 -35.35 10.83
C VAL B 450 -5.87 -36.05 10.44
N ALA B 451 -7.04 -35.46 10.73
CA ALA B 451 -8.31 -36.05 10.35
C ALA B 451 -8.41 -36.24 8.84
N GLN B 452 -7.81 -35.33 8.05
CA GLN B 452 -7.80 -35.50 6.58
C GLN B 452 -6.89 -36.66 6.19
N MET B 453 -5.79 -36.88 6.89
CA MET B 453 -4.97 -38.07 6.66
C MET B 453 -5.79 -39.34 6.88
N VAL B 454 -6.60 -39.35 7.96
CA VAL B 454 -7.52 -40.46 8.23
C VAL B 454 -8.50 -40.64 7.08
N ARG B 455 -9.11 -39.55 6.64
CA ARG B 455 -10.12 -39.53 5.60
C ARG B 455 -9.59 -40.12 4.28
N LEU B 456 -8.37 -39.74 3.87
CA LEU B 456 -7.79 -40.21 2.61
C LEU B 456 -6.90 -41.43 2.80
N LYS B 457 -6.88 -42.02 3.99
CA LYS B 457 -6.23 -43.29 4.28
C LYS B 457 -4.71 -43.23 4.03
N LEU B 458 -4.08 -42.14 4.45
CA LEU B 458 -2.65 -41.94 4.26
C LEU B 458 -1.87 -42.46 5.46
N PRO B 459 -0.91 -43.36 5.22
CA PRO B 459 -0.19 -44.04 6.27
C PRO B 459 1.01 -43.27 6.81
N VAL B 460 0.79 -42.01 7.20
CA VAL B 460 1.80 -41.15 7.76
C VAL B 460 2.14 -41.61 9.17
N ILE B 461 3.43 -41.76 9.44
CA ILE B 461 3.90 -42.17 10.76
C ILE B 461 4.26 -40.87 11.50
N ILE B 462 3.48 -40.57 12.55
CA ILE B 462 3.66 -39.33 13.31
C ILE B 462 4.36 -39.58 14.64
N PHE B 463 5.57 -39.00 14.78
CA PHE B 463 6.20 -39.02 16.11
C PHE B 463 5.84 -37.73 16.86
N LEU B 464 4.89 -37.84 17.81
CA LEU B 464 4.49 -36.67 18.61
C LEU B 464 5.42 -36.58 19.81
N ILE B 465 6.20 -35.49 19.89
CA ILE B 465 7.17 -35.39 20.98
C ILE B 465 6.52 -34.65 22.16
N ASN B 466 6.00 -35.42 23.13
CA ASN B 466 5.33 -34.83 24.29
C ASN B 466 6.27 -34.53 25.44
N ASN B 467 6.91 -33.34 25.39
CA ASN B 467 7.76 -32.85 26.45
C ASN B 467 7.06 -31.74 27.26
N TYR B 468 5.73 -31.71 27.17
CA TYR B 468 4.87 -30.77 27.92
C TYR B 468 5.31 -29.32 27.77
N GLY B 469 5.26 -28.75 26.57
CA GLY B 469 5.47 -27.31 26.41
C GLY B 469 6.43 -26.96 25.25
N TYR B 470 6.86 -25.70 25.20
CA TYR B 470 7.74 -25.18 24.16
C TYR B 470 9.22 -25.22 24.55
N THR B 471 9.88 -26.38 24.43
CA THR B 471 11.27 -26.50 24.86
C THR B 471 12.25 -25.59 24.13
N ILE B 472 12.15 -25.45 22.80
CA ILE B 472 13.08 -24.53 22.11
C ILE B 472 12.92 -23.12 22.66
N GLU B 473 11.71 -22.63 22.95
CA GLU B 473 11.51 -21.30 23.54
C GLU B 473 12.03 -21.24 24.98
N VAL B 474 11.91 -22.33 25.74
CA VAL B 474 12.56 -22.45 27.04
C VAL B 474 14.07 -22.25 26.94
N MET B 475 14.71 -22.78 25.87
CA MET B 475 16.17 -22.67 25.68
C MET B 475 16.60 -21.36 25.04
N ILE B 476 15.65 -20.49 24.68
CA ILE B 476 15.97 -19.14 24.21
C ILE B 476 15.76 -18.16 25.38
N HIS B 477 14.53 -18.10 25.91
CA HIS B 477 14.20 -17.23 27.04
C HIS B 477 12.94 -17.76 27.77
N ASP B 478 13.04 -18.18 29.02
CA ASP B 478 11.93 -18.90 29.65
C ASP B 478 10.93 -18.00 30.40
N GLY B 479 9.68 -18.45 30.48
CA GLY B 479 8.60 -17.73 31.19
C GLY B 479 7.36 -18.62 31.23
N PRO B 480 6.28 -18.18 31.89
CA PRO B 480 5.05 -18.95 32.01
C PRO B 480 4.31 -19.14 30.70
N TYR B 481 4.61 -18.32 29.69
CA TYR B 481 4.10 -18.46 28.34
C TYR B 481 4.65 -19.67 27.58
N ASN B 482 5.64 -20.41 28.10
CA ASN B 482 6.15 -21.62 27.43
C ASN B 482 5.39 -22.87 27.85
N ASN B 483 4.50 -22.74 28.85
CA ASN B 483 3.67 -23.82 29.37
C ASN B 483 2.37 -23.95 28.60
N ILE B 484 1.94 -25.18 28.32
CA ILE B 484 0.71 -25.43 27.59
C ILE B 484 -0.23 -26.40 28.35
N LYS B 485 -1.49 -26.45 27.94
CA LYS B 485 -2.42 -27.51 28.43
C LYS B 485 -2.11 -28.84 27.73
N ASN B 486 -1.85 -29.90 28.48
CA ASN B 486 -1.57 -31.22 27.89
C ASN B 486 -2.83 -31.85 27.33
N TRP B 487 -2.67 -32.71 26.31
CA TRP B 487 -3.79 -33.43 25.72
C TRP B 487 -3.45 -34.92 25.73
N ASP B 488 -4.47 -35.77 25.63
CA ASP B 488 -4.23 -37.21 25.39
C ASP B 488 -4.02 -37.31 23.86
N TYR B 489 -2.80 -37.09 23.36
CA TYR B 489 -2.56 -37.06 21.91
C TYR B 489 -2.84 -38.41 21.24
N ALA B 490 -2.43 -39.54 21.85
CA ALA B 490 -2.79 -40.85 21.33
C ALA B 490 -4.30 -41.04 21.14
N GLY B 491 -5.10 -40.67 22.16
CA GLY B 491 -6.56 -40.79 22.10
C GLY B 491 -7.22 -39.95 21.04
N LEU B 492 -6.59 -38.87 20.57
CA LEU B 492 -7.14 -38.05 19.51
C LEU B 492 -7.34 -38.83 18.21
N MET B 493 -6.53 -39.85 17.93
CA MET B 493 -6.70 -40.64 16.72
C MET B 493 -8.05 -41.35 16.67
N GLU B 494 -8.56 -41.91 17.78
CA GLU B 494 -9.91 -42.50 17.77
C GLU B 494 -10.99 -41.43 17.61
N VAL B 495 -10.75 -40.23 18.15
CA VAL B 495 -11.70 -39.12 17.94
C VAL B 495 -11.81 -38.82 16.45
N PHE B 496 -10.67 -38.75 15.73
CA PHE B 496 -10.71 -38.50 14.28
C PHE B 496 -11.20 -39.71 13.51
N ASN B 497 -11.03 -40.96 13.98
CA ASN B 497 -11.73 -42.08 13.33
C ASN B 497 -13.25 -41.95 13.39
N GLY B 498 -13.80 -41.74 14.61
CA GLY B 498 -15.25 -41.65 14.78
C GLY B 498 -15.95 -42.97 14.45
N ASN B 499 -15.32 -44.10 14.70
CA ASN B 499 -15.97 -45.40 14.41
C ASN B 499 -17.26 -45.52 15.23
N GLY B 500 -18.36 -45.90 14.58
CA GLY B 500 -19.67 -45.95 15.23
C GLY B 500 -20.50 -44.70 14.97
N GLY B 501 -19.89 -43.70 14.32
CA GLY B 501 -20.58 -42.45 13.99
C GLY B 501 -21.03 -42.51 12.54
N TYR B 502 -21.06 -41.36 11.88
CA TYR B 502 -21.46 -41.26 10.49
C TYR B 502 -20.48 -41.92 9.49
N ASP B 503 -19.20 -42.03 9.81
CA ASP B 503 -18.24 -42.68 8.89
C ASP B 503 -17.27 -43.52 9.70
N SER B 504 -16.01 -43.63 9.27
CA SER B 504 -15.04 -44.48 9.98
C SER B 504 -13.62 -44.04 9.65
N GLY B 505 -12.65 -44.63 10.36
CA GLY B 505 -11.23 -44.38 10.05
C GLY B 505 -10.36 -45.53 10.54
N ALA B 506 -9.09 -45.54 10.09
CA ALA B 506 -8.15 -46.59 10.47
C ALA B 506 -6.91 -46.03 11.11
N ALA B 507 -7.02 -44.81 11.68
CA ALA B 507 -5.87 -44.25 12.40
C ALA B 507 -5.64 -45.10 13.67
N LYS B 508 -4.41 -45.12 14.13
CA LYS B 508 -4.07 -45.67 15.43
C LYS B 508 -3.29 -44.67 16.27
N GLY B 509 -3.57 -44.60 17.58
CA GLY B 509 -2.74 -43.72 18.42
C GLY B 509 -2.17 -44.57 19.54
N LEU B 510 -0.87 -44.45 19.78
CA LEU B 510 -0.14 -45.29 20.71
C LEU B 510 0.68 -44.40 21.64
N LYS B 511 0.94 -44.88 22.84
CA LYS B 511 1.81 -44.15 23.76
C LYS B 511 3.13 -44.88 23.93
N ALA B 512 4.22 -44.13 24.11
CA ALA B 512 5.55 -44.72 24.30
C ALA B 512 6.29 -43.98 25.39
N LYS B 513 6.55 -44.71 26.47
CA LYS B 513 7.22 -44.17 27.64
C LYS B 513 8.55 -44.87 27.87
N THR B 514 8.85 -45.91 27.09
CA THR B 514 10.14 -46.61 27.15
C THR B 514 10.61 -46.92 25.71
N GLY B 515 11.86 -47.32 25.54
CA GLY B 515 12.37 -47.72 24.22
C GLY B 515 11.65 -48.96 23.70
N GLY B 516 11.36 -49.92 24.59
CA GLY B 516 10.58 -51.11 24.23
C GLY B 516 9.20 -50.75 23.73
N GLU B 517 8.52 -49.80 24.39
CA GLU B 517 7.17 -49.40 23.98
C GLU B 517 7.25 -48.68 22.63
N LEU B 518 8.29 -47.86 22.44
CA LEU B 518 8.50 -47.21 21.15
C LEU B 518 8.74 -48.20 20.02
N ALA B 519 9.58 -49.21 20.26
CA ALA B 519 9.86 -50.24 19.24
C ALA B 519 8.57 -50.95 18.87
N GLU B 520 7.74 -51.27 19.88
CA GLU B 520 6.44 -51.89 19.74
C GLU B 520 5.46 -51.03 18.95
N ALA B 521 5.45 -49.72 19.26
CA ALA B 521 4.60 -48.80 18.52
C ALA B 521 5.05 -48.66 17.06
N ILE B 522 6.37 -48.60 16.81
CA ILE B 522 6.87 -48.50 15.44
C ILE B 522 6.48 -49.73 14.62
N LYS B 523 6.60 -50.92 15.24
CA LYS B 523 6.09 -52.14 14.60
C LYS B 523 4.68 -52.00 14.08
N VAL B 524 3.74 -51.59 14.95
CA VAL B 524 2.34 -51.37 14.60
C VAL B 524 2.16 -50.28 13.55
N ALA B 525 2.89 -49.17 13.67
CA ALA B 525 2.87 -48.10 12.67
C ALA B 525 3.24 -48.59 11.27
N LEU B 526 4.33 -49.36 11.16
CA LEU B 526 4.80 -49.88 9.88
C LEU B 526 3.80 -50.84 9.27
N ALA B 527 3.04 -51.58 10.09
CA ALA B 527 2.02 -52.52 9.64
C ALA B 527 0.68 -51.84 9.34
N ASN B 528 0.47 -50.61 9.82
CA ASN B 528 -0.80 -49.92 9.54
C ASN B 528 -0.71 -49.21 8.20
N THR B 529 -1.29 -49.84 7.17
CA THR B 529 -1.26 -49.28 5.83
C THR B 529 -2.48 -48.45 5.50
N ASP B 530 -3.47 -48.38 6.41
CA ASP B 530 -4.78 -47.83 6.06
C ASP B 530 -5.06 -46.45 6.67
N GLY B 531 -4.16 -45.95 7.50
CA GLY B 531 -4.36 -44.64 8.15
C GLY B 531 -3.07 -44.23 8.84
N PRO B 532 -3.03 -43.00 9.37
CA PRO B 532 -1.87 -42.53 10.09
C PRO B 532 -1.74 -43.24 11.43
N THR B 533 -0.52 -43.31 11.92
CA THR B 533 -0.24 -43.84 13.25
C THR B 533 0.49 -42.77 14.06
N LEU B 534 -0.17 -42.29 15.14
CA LEU B 534 0.50 -41.29 15.98
C LEU B 534 1.13 -41.99 17.17
N ILE B 535 2.44 -41.82 17.34
CA ILE B 535 3.14 -42.37 18.48
C ILE B 535 3.46 -41.24 19.45
N GLU B 536 2.74 -41.23 20.58
CA GLU B 536 2.95 -40.17 21.59
C GLU B 536 4.14 -40.51 22.46
N CYS B 537 5.25 -39.80 22.27
CA CYS B 537 6.51 -40.10 22.95
C CYS B 537 6.68 -39.18 24.16
N PHE B 538 6.82 -39.75 25.34
CA PHE B 538 6.92 -38.96 26.58
C PHE B 538 8.35 -38.79 27.03
N ILE B 539 8.85 -37.54 27.04
CA ILE B 539 10.19 -37.20 27.49
C ILE B 539 10.14 -35.90 28.30
N GLY B 540 11.18 -35.60 29.05
CA GLY B 540 11.21 -34.40 29.89
C GLY B 540 11.44 -33.12 29.11
N ARG B 541 11.00 -31.98 29.67
CA ARG B 541 11.21 -30.67 29.05
C ARG B 541 12.67 -30.39 28.73
N GLU B 542 13.56 -30.72 29.65
CA GLU B 542 14.99 -30.41 29.52
C GLU B 542 15.78 -31.48 28.76
N ASP B 543 15.14 -32.59 28.39
CA ASP B 543 15.81 -33.67 27.64
C ASP B 543 15.81 -33.35 26.14
N CYS B 544 16.71 -32.46 25.74
CA CYS B 544 16.73 -31.95 24.37
C CYS B 544 18.16 -32.07 23.81
N THR B 545 18.34 -31.82 22.51
CA THR B 545 19.69 -31.94 21.94
C THR B 545 20.66 -30.93 22.57
N GLU B 546 21.95 -31.31 22.51
CA GLU B 546 23.01 -30.41 22.96
C GLU B 546 23.09 -29.19 22.04
N GLU B 547 22.86 -29.43 20.75
CA GLU B 547 22.89 -28.37 19.75
C GLU B 547 21.87 -27.26 20.04
N LEU B 548 20.64 -27.60 20.43
CA LEU B 548 19.62 -26.59 20.72
C LEU B 548 20.07 -25.66 21.86
N VAL B 549 20.62 -26.24 22.91
CA VAL B 549 21.11 -25.43 24.03
C VAL B 549 22.12 -24.37 23.59
N LYS B 550 23.10 -24.76 22.76
CA LYS B 550 24.14 -23.83 22.29
C LYS B 550 23.58 -22.78 21.33
N TRP B 551 22.81 -23.26 20.35
CA TRP B 551 22.22 -22.35 19.36
C TRP B 551 21.22 -21.37 19.97
N GLY B 552 20.39 -21.82 20.90
CA GLY B 552 19.35 -20.99 21.54
C GLY B 552 19.95 -19.78 22.26
N LYS B 553 21.12 -19.96 22.88
CA LYS B 553 21.80 -18.87 23.57
C LYS B 553 22.26 -17.76 22.62
N ARG B 554 22.78 -18.14 21.43
CA ARG B 554 23.22 -17.15 20.44
C ARG B 554 22.04 -16.39 19.84
N VAL B 555 20.93 -17.09 19.64
CA VAL B 555 19.69 -16.49 19.13
C VAL B 555 19.13 -15.47 20.12
N ALA B 556 19.06 -15.86 21.40
CA ALA B 556 18.60 -14.93 22.44
C ALA B 556 19.47 -13.66 22.46
N ALA B 557 20.80 -13.80 22.40
CA ALA B 557 21.69 -12.65 22.42
C ALA B 557 21.56 -11.76 21.20
N ALA B 558 21.43 -12.34 20.00
CA ALA B 558 21.21 -11.52 18.81
C ALA B 558 19.89 -10.73 18.92
N ASN B 559 18.82 -11.39 19.38
CA ASN B 559 17.50 -10.74 19.48
C ASN B 559 17.53 -9.56 20.45
N SER B 560 18.25 -9.72 21.57
CA SER B 560 18.19 -8.64 22.57
C SER B 560 19.33 -7.64 22.51
N ARG B 561 20.26 -7.71 21.54
CA ARG B 561 21.38 -6.76 21.50
C ARG B 561 20.89 -5.31 21.49
N LYS B 562 21.58 -4.44 22.23
CA LYS B 562 21.12 -3.06 22.38
C LYS B 562 21.16 -2.24 21.11
N PRO B 563 20.27 -1.25 21.03
CA PRO B 563 20.31 -0.25 19.97
C PRO B 563 21.70 0.38 19.87
N VAL B 564 22.14 0.69 18.65
CA VAL B 564 23.44 1.37 18.46
C VAL B 564 23.18 2.86 18.27
N ASN B 565 24.15 3.73 18.52
CA ASN B 565 23.96 5.18 18.36
C ASN B 565 23.78 5.60 16.91
N LYS B 566 22.75 6.41 16.65
CA LYS B 566 22.42 6.82 15.29
C LYS B 566 22.77 8.29 15.04
N SER C 2 38.33 0.64 -6.83
CA SER C 2 37.23 -0.29 -7.26
C SER C 2 35.98 0.51 -7.61
N TYR C 3 34.92 -0.16 -8.08
CA TYR C 3 33.67 0.54 -8.37
C TYR C 3 33.04 1.05 -7.06
N THR C 4 32.22 2.11 -7.15
CA THR C 4 31.38 2.51 -6.02
C THR C 4 29.91 2.30 -6.39
N VAL C 5 28.98 2.41 -5.41
CA VAL C 5 27.55 2.34 -5.69
C VAL C 5 27.22 3.27 -6.86
N GLY C 6 27.67 4.52 -6.78
CA GLY C 6 27.48 5.51 -7.83
C GLY C 6 28.12 5.13 -9.17
N THR C 7 29.38 4.68 -9.19
CA THR C 7 30.01 4.38 -10.49
C THR C 7 29.53 3.06 -11.11
N TYR C 8 29.07 2.15 -10.25
CA TYR C 8 28.38 0.93 -10.67
C TYR C 8 27.13 1.30 -11.47
N LEU C 9 26.26 2.15 -10.87
CA LEU C 9 25.11 2.67 -11.56
C LEU C 9 25.52 3.36 -12.87
N ALA C 10 26.54 4.24 -12.82
CA ALA C 10 27.00 4.94 -14.02
C ALA C 10 27.38 3.97 -15.15
N GLU C 11 28.18 2.96 -14.87
CA GLU C 11 28.62 1.97 -15.86
C GLU C 11 27.47 1.17 -16.44
N ARG C 12 26.51 0.72 -15.59
CA ARG C 12 25.31 0.05 -16.08
C ARG C 12 24.51 0.93 -17.03
N LEU C 13 24.31 2.22 -16.72
CA LEU C 13 23.63 3.12 -17.62
C LEU C 13 24.40 3.27 -18.95
N VAL C 14 25.72 3.41 -18.90
CA VAL C 14 26.52 3.45 -20.16
C VAL C 14 26.36 2.14 -20.93
N GLN C 15 26.37 1.00 -20.23
CA GLN C 15 26.21 -0.30 -20.90
C GLN C 15 24.89 -0.49 -21.60
N ILE C 16 23.77 0.12 -21.15
CA ILE C 16 22.51 -0.03 -21.86
C ILE C 16 22.37 1.02 -22.97
N GLY C 17 23.35 1.92 -23.11
CA GLY C 17 23.43 2.75 -24.31
C GLY C 17 23.22 4.23 -24.04
N LEU C 18 23.03 4.65 -22.77
CA LEU C 18 22.86 6.09 -22.53
C LEU C 18 24.15 6.85 -22.86
N LYS C 19 23.98 8.00 -23.50
CA LYS C 19 25.04 8.98 -23.72
C LYS C 19 24.85 10.20 -22.83
N HIS C 20 23.68 10.26 -22.17
CA HIS C 20 23.29 11.38 -21.29
C HIS C 20 22.36 10.87 -20.17
N HIS C 21 22.36 11.55 -19.04
CA HIS C 21 21.33 11.33 -17.98
C HIS C 21 20.92 12.74 -17.51
N PHE C 22 19.69 12.87 -16.99
CA PHE C 22 19.12 14.16 -16.58
C PHE C 22 18.99 14.28 -15.06
N ALA C 23 19.13 15.52 -14.53
CA ALA C 23 19.24 15.67 -13.10
C ALA C 23 18.79 17.03 -12.55
N VAL C 24 18.29 17.05 -11.29
CA VAL C 24 18.13 18.31 -10.58
C VAL C 24 18.77 18.11 -9.20
N ALA C 25 19.75 18.93 -8.87
CA ALA C 25 20.53 18.77 -7.66
C ALA C 25 19.64 18.93 -6.41
N GLY C 26 20.09 18.30 -5.34
CA GLY C 26 19.52 18.47 -3.99
C GLY C 26 20.51 17.82 -3.05
N ASP C 27 20.55 18.25 -1.78
CA ASP C 27 21.55 17.73 -0.86
C ASP C 27 21.53 16.22 -0.72
N TYR C 28 20.40 15.53 -0.83
CA TYR C 28 20.35 14.07 -0.75
C TYR C 28 20.91 13.34 -1.99
N ASN C 29 21.28 14.05 -3.06
CA ASN C 29 21.86 13.38 -4.24
C ASN C 29 23.18 13.97 -4.74
N LEU C 30 23.77 14.94 -4.06
CA LEU C 30 24.97 15.62 -4.61
C LEU C 30 26.16 14.68 -4.78
N VAL C 31 26.44 13.84 -3.79
CA VAL C 31 27.55 12.89 -3.86
C VAL C 31 27.30 11.86 -4.97
N LEU C 32 26.05 11.40 -5.07
CA LEU C 32 25.66 10.50 -6.14
C LEU C 32 25.92 11.15 -7.50
N LEU C 33 25.57 12.41 -7.69
CA LEU C 33 25.85 13.12 -8.96
C LEU C 33 27.35 13.21 -9.22
N ASP C 34 28.17 13.44 -8.20
CA ASP C 34 29.62 13.44 -8.38
C ASP C 34 30.12 12.10 -8.96
N ASN C 35 29.62 10.98 -8.41
CA ASN C 35 30.01 9.66 -8.87
C ASN C 35 29.60 9.40 -10.32
N LEU C 36 28.39 9.80 -10.70
CA LEU C 36 27.91 9.65 -12.06
C LEU C 36 28.78 10.45 -13.04
N LEU C 37 29.26 11.63 -12.63
CA LEU C 37 30.12 12.47 -13.45
C LEU C 37 31.52 11.88 -13.70
N LEU C 38 31.96 10.93 -12.90
CA LEU C 38 33.22 10.23 -13.11
C LEU C 38 33.25 9.39 -14.39
N ASN C 39 32.07 8.95 -14.85
CA ASN C 39 32.00 8.19 -16.09
C ASN C 39 31.88 9.15 -17.26
N LYS C 40 32.98 9.27 -18.04
CA LYS C 40 33.05 10.27 -19.11
C LYS C 40 32.47 9.78 -20.41
N ASN C 41 31.87 8.58 -20.42
CA ASN C 41 31.12 8.09 -21.57
C ASN C 41 29.68 8.57 -21.65
N MET C 42 29.26 9.39 -20.67
CA MET C 42 27.94 10.03 -20.75
C MET C 42 27.99 11.43 -20.15
N GLU C 43 27.09 12.31 -20.56
CA GLU C 43 27.07 13.68 -20.03
C GLU C 43 25.90 13.83 -19.04
N GLN C 44 26.07 14.66 -18.03
CA GLN C 44 25.01 14.91 -17.03
C GLN C 44 24.30 16.21 -17.45
N VAL C 45 23.00 16.17 -17.74
CA VAL C 45 22.26 17.32 -18.23
C VAL C 45 21.31 17.83 -17.13
N TYR C 46 21.28 19.15 -16.90
CA TYR C 46 20.47 19.70 -15.78
C TYR C 46 19.15 20.27 -16.24
N CYS C 47 18.11 20.17 -15.38
CA CYS C 47 16.77 20.60 -15.71
C CYS C 47 16.24 21.67 -14.74
N CYS C 48 15.18 22.37 -15.09
CA CYS C 48 14.68 23.49 -14.25
C CYS C 48 13.95 22.95 -13.00
N ASN C 49 13.11 21.94 -13.22
CA ASN C 49 12.33 21.35 -12.12
C ASN C 49 12.20 19.84 -12.35
N GLU C 50 11.69 19.09 -11.37
CA GLU C 50 11.71 17.62 -11.47
C GLU C 50 10.62 17.05 -12.35
N LEU C 51 9.46 17.68 -12.49
CA LEU C 51 8.46 17.17 -13.41
C LEU C 51 9.05 17.22 -14.85
N ASN C 52 9.67 18.36 -15.18
CA ASN C 52 10.37 18.51 -16.47
C ASN C 52 11.57 17.57 -16.61
N CYS C 53 12.31 17.33 -15.53
CA CYS C 53 13.42 16.37 -15.58
C CYS C 53 12.93 14.99 -16.02
N GLY C 54 11.88 14.50 -15.36
CA GLY C 54 11.24 13.22 -15.71
C GLY C 54 10.76 13.20 -17.16
N PHE C 55 10.06 14.24 -17.60
CA PHE C 55 9.60 14.29 -18.99
C PHE C 55 10.77 14.44 -19.97
N SER C 56 11.87 15.08 -19.59
CA SER C 56 13.06 15.14 -20.46
C SER C 56 13.65 13.74 -20.67
N ALA C 57 13.73 12.95 -19.59
CA ALA C 57 14.13 11.54 -19.70
C ALA C 57 13.17 10.75 -20.56
N GLU C 58 11.84 10.97 -20.43
CA GLU C 58 10.84 10.30 -21.25
C GLU C 58 11.12 10.56 -22.74
N GLY C 59 11.35 11.83 -23.08
CA GLY C 59 11.65 12.22 -24.47
C GLY C 59 12.96 11.59 -24.97
N TYR C 60 13.99 11.57 -24.15
CA TYR C 60 15.26 10.93 -24.52
C TYR C 60 15.12 9.44 -24.79
N ALA C 61 14.31 8.71 -23.99
CA ALA C 61 14.03 7.29 -24.21
C ALA C 61 13.32 7.04 -25.54
N ARG C 62 12.52 7.98 -26.02
CA ARG C 62 11.91 7.90 -27.32
C ARG C 62 12.98 7.96 -28.44
N ALA C 63 14.01 8.78 -28.24
CA ALA C 63 15.12 8.91 -29.20
C ALA C 63 16.09 7.72 -29.14
N LYS C 64 16.47 7.32 -27.94
CA LYS C 64 17.55 6.35 -27.75
C LYS C 64 17.14 4.99 -27.19
N GLY C 65 15.89 4.78 -26.75
CA GLY C 65 15.49 3.46 -26.26
C GLY C 65 15.35 3.38 -24.74
N ALA C 66 16.14 4.14 -23.99
CA ALA C 66 16.15 4.12 -22.54
C ALA C 66 16.70 5.46 -22.02
N ALA C 67 16.44 5.75 -20.74
CA ALA C 67 16.90 7.03 -20.18
C ALA C 67 16.94 6.97 -18.66
N ALA C 68 17.52 8.00 -18.05
CA ALA C 68 17.59 8.05 -16.59
C ALA C 68 17.43 9.49 -16.09
N ALA C 69 16.75 9.63 -14.94
CA ALA C 69 16.56 10.94 -14.31
C ALA C 69 16.91 10.84 -12.82
N VAL C 70 17.65 11.81 -12.31
CA VAL C 70 18.12 11.80 -10.94
C VAL C 70 17.56 13.00 -10.16
N VAL C 71 16.84 12.73 -9.06
CA VAL C 71 16.16 13.76 -8.28
C VAL C 71 16.45 13.65 -6.78
N THR C 72 16.05 14.67 -6.00
CA THR C 72 16.22 14.60 -4.55
C THR C 72 15.00 14.01 -3.84
N TYR C 73 15.19 13.53 -2.61
CA TYR C 73 14.12 12.81 -1.91
C TYR C 73 12.84 13.61 -1.68
N SER C 74 11.69 13.01 -1.92
CA SER C 74 10.35 13.55 -1.65
C SER C 74 9.93 14.80 -2.39
N VAL C 75 10.54 15.97 -2.12
CA VAL C 75 10.21 17.17 -2.88
C VAL C 75 10.62 17.02 -4.35
N GLY C 76 11.70 16.28 -4.67
CA GLY C 76 12.04 16.06 -6.08
C GLY C 76 11.30 14.85 -6.67
N ALA C 77 11.20 13.74 -5.92
CA ALA C 77 10.60 12.51 -6.49
C ALA C 77 9.09 12.59 -6.65
N LEU C 78 8.34 13.23 -5.72
CA LEU C 78 6.86 13.20 -5.85
C LEU C 78 6.35 13.88 -7.10
N SER C 79 6.90 15.01 -7.53
CA SER C 79 6.49 15.59 -8.81
C SER C 79 7.01 14.74 -9.99
N ALA C 80 8.24 14.23 -9.90
CA ALA C 80 8.79 13.36 -10.95
C ALA C 80 7.94 12.11 -11.15
N PHE C 81 7.24 11.63 -10.09
CA PHE C 81 6.30 10.51 -10.23
C PHE C 81 5.24 10.73 -11.29
N ASP C 82 4.75 11.95 -11.51
CA ASP C 82 3.78 12.16 -12.59
C ASP C 82 4.41 11.78 -13.95
N ALA C 83 5.65 12.19 -14.19
CA ALA C 83 6.38 11.82 -15.42
C ALA C 83 6.72 10.33 -15.49
N ILE C 84 7.05 9.71 -14.36
CA ILE C 84 7.33 8.26 -14.34
C ILE C 84 6.07 7.45 -14.66
N GLY C 85 4.92 7.83 -14.05
CA GLY C 85 3.63 7.23 -14.40
C GLY C 85 3.44 7.40 -15.92
N GLY C 86 3.77 8.59 -16.44
CA GLY C 86 3.76 8.82 -17.89
C GLY C 86 4.61 7.80 -18.67
N ALA C 87 5.83 7.56 -18.25
CA ALA C 87 6.70 6.56 -18.92
C ALA C 87 6.09 5.17 -18.87
N TYR C 88 5.43 4.81 -17.76
CA TYR C 88 4.73 3.52 -17.65
C TYR C 88 3.63 3.40 -18.68
N ALA C 89 2.81 4.46 -18.78
CA ALA C 89 1.67 4.51 -19.69
C ALA C 89 2.12 4.47 -21.17
N GLU C 90 3.29 5.07 -21.45
CA GLU C 90 3.82 5.12 -22.81
C GLU C 90 4.89 4.08 -23.14
N ASN C 91 5.10 3.10 -22.26
CA ASN C 91 5.98 1.95 -22.49
C ASN C 91 7.44 2.31 -22.76
N LEU C 92 8.02 3.18 -21.92
CA LEU C 92 9.41 3.61 -22.07
C LEU C 92 10.23 3.29 -20.84
N PRO C 93 11.40 2.69 -21.04
CA PRO C 93 12.26 2.32 -19.93
C PRO C 93 13.00 3.53 -19.37
N VAL C 94 12.35 4.23 -18.43
CA VAL C 94 12.95 5.40 -17.77
C VAL C 94 13.31 4.98 -16.35
N ILE C 95 14.58 5.17 -16.01
CA ILE C 95 15.05 4.80 -14.67
C ILE C 95 15.05 6.02 -13.76
N LEU C 96 14.12 6.06 -12.77
CA LEU C 96 14.14 7.20 -11.84
C LEU C 96 15.05 6.83 -10.65
N ILE C 97 16.05 7.68 -10.36
CA ILE C 97 16.92 7.44 -9.24
C ILE C 97 16.76 8.62 -8.27
N SER C 98 16.36 8.32 -7.03
CA SER C 98 16.18 9.37 -6.03
C SER C 98 17.27 9.26 -4.96
N GLY C 99 17.85 10.43 -4.62
CA GLY C 99 18.63 10.50 -3.38
C GLY C 99 17.65 10.17 -2.20
N ALA C 100 18.20 9.78 -1.08
CA ALA C 100 17.40 9.37 0.08
C ALA C 100 18.21 9.61 1.35
N PRO C 101 17.54 9.50 2.51
CA PRO C 101 18.17 9.79 3.78
C PRO C 101 19.42 8.98 4.11
N ASN C 102 20.29 9.60 4.89
CA ASN C 102 21.43 8.93 5.47
C ASN C 102 20.94 7.62 6.07
N ASN C 103 21.68 6.51 5.93
CA ASN C 103 21.13 5.21 6.37
C ASN C 103 21.06 5.04 7.87
N ASN C 104 21.67 5.93 8.63
CA ASN C 104 21.54 5.95 10.10
C ASN C 104 20.20 6.52 10.57
N ASP C 105 19.42 7.15 9.71
CA ASP C 105 18.17 7.78 10.15
C ASP C 105 16.97 6.84 10.14
N HIS C 106 17.11 5.59 9.69
CA HIS C 106 15.98 4.65 9.78
C HIS C 106 15.92 4.03 11.18
N ALA C 107 14.71 3.86 11.71
CA ALA C 107 14.52 3.31 13.05
C ALA C 107 15.30 4.07 14.09
N ALA C 108 15.29 5.41 14.05
CA ALA C 108 16.12 6.21 14.96
C ALA C 108 15.30 7.34 15.61
N GLY C 109 14.01 7.43 15.29
CA GLY C 109 13.15 8.50 15.77
C GLY C 109 13.57 9.87 15.24
N HIS C 110 14.07 9.91 14.00
CA HIS C 110 14.59 11.17 13.45
C HIS C 110 13.63 11.76 12.42
N VAL C 111 13.30 13.03 12.61
CA VAL C 111 12.46 13.75 11.65
C VAL C 111 13.42 14.45 10.68
N LEU C 112 13.18 14.31 9.39
CA LEU C 112 14.12 14.88 8.40
C LEU C 112 13.47 15.89 7.46
N HIS C 113 14.30 16.85 7.00
CA HIS C 113 13.87 17.81 5.99
C HIS C 113 13.43 17.13 4.71
N HIS C 114 12.47 17.74 4.04
CA HIS C 114 11.84 17.31 2.82
C HIS C 114 10.80 16.19 3.03
N ALA C 115 10.64 15.64 4.23
CA ALA C 115 9.68 14.55 4.45
C ALA C 115 8.46 15.10 5.21
N LEU C 116 7.52 14.23 5.56
CA LEU C 116 6.22 14.58 6.14
C LEU C 116 6.20 15.09 7.57
N GLY C 117 7.29 15.02 8.30
CA GLY C 117 7.32 15.43 9.70
C GLY C 117 7.26 14.22 10.62
N LYS C 118 7.16 13.03 10.03
CA LYS C 118 7.17 11.78 10.78
C LYS C 118 8.55 11.12 10.74
N THR C 119 8.74 9.96 11.38
CA THR C 119 10.11 9.46 11.49
C THR C 119 10.37 8.21 10.65
N ASP C 120 9.47 7.88 9.74
CA ASP C 120 9.66 6.70 8.88
C ASP C 120 9.68 7.12 7.40
N TYR C 121 10.49 6.39 6.60
CA TYR C 121 10.87 6.87 5.25
C TYR C 121 10.63 5.83 4.17
N HIS C 122 9.60 4.97 4.32
CA HIS C 122 9.26 4.02 3.28
C HIS C 122 8.10 4.52 2.44
N TYR C 123 7.48 5.67 2.75
CA TYR C 123 6.31 6.10 1.98
C TYR C 123 6.62 6.33 0.50
N GLN C 124 7.76 6.96 0.18
CA GLN C 124 8.12 7.21 -1.22
C GLN C 124 8.28 5.92 -2.00
N LEU C 125 9.05 4.96 -1.48
CA LEU C 125 9.18 3.65 -2.14
C LEU C 125 7.82 3.00 -2.37
N GLU C 126 6.97 2.94 -1.33
CA GLU C 126 5.63 2.35 -1.44
C GLU C 126 4.79 3.05 -2.48
N MET C 127 4.82 4.38 -2.55
CA MET C 127 4.13 5.13 -3.58
C MET C 127 4.68 4.74 -4.98
N ALA C 128 6.01 4.67 -5.12
CA ALA C 128 6.65 4.33 -6.40
C ALA C 128 6.29 2.95 -6.92
N LYS C 129 5.96 1.99 -6.04
CA LYS C 129 5.55 0.65 -6.49
C LYS C 129 4.29 0.66 -7.31
N ASN C 130 3.40 1.65 -7.15
CA ASN C 130 2.14 1.72 -7.87
C ASN C 130 2.33 2.05 -9.36
N ILE C 131 3.45 2.69 -9.73
CA ILE C 131 3.57 3.25 -11.08
C ILE C 131 4.86 2.78 -11.77
N THR C 132 5.50 1.73 -11.27
CA THR C 132 6.74 1.19 -11.86
C THR C 132 6.66 -0.33 -12.00
N ALA C 133 7.53 -0.92 -12.83
CA ALA C 133 7.61 -2.38 -13.01
C ALA C 133 8.50 -3.02 -11.94
N ALA C 134 9.41 -2.24 -11.38
CA ALA C 134 10.28 -2.63 -10.30
C ALA C 134 10.67 -1.41 -9.48
N ALA C 135 10.88 -1.62 -8.18
CA ALA C 135 11.15 -0.48 -7.30
C ALA C 135 11.91 -0.99 -6.09
N GLU C 136 13.15 -0.49 -5.96
CA GLU C 136 14.07 -0.98 -4.96
C GLU C 136 14.70 0.19 -4.18
N ALA C 137 14.69 0.07 -2.86
CA ALA C 137 15.46 1.03 -2.05
C ALA C 137 16.81 0.39 -1.71
N ILE C 138 17.88 1.18 -1.78
CA ILE C 138 19.23 0.72 -1.45
C ILE C 138 19.73 1.44 -0.20
N TYR C 139 19.92 0.66 0.86
CA TYR C 139 20.33 1.20 2.15
C TYR C 139 21.77 0.85 2.49
N THR C 140 22.35 -0.22 1.91
CA THR C 140 23.75 -0.57 2.15
C THR C 140 24.45 -0.83 0.80
N PRO C 141 25.75 -0.55 0.70
CA PRO C 141 26.50 -0.72 -0.55
C PRO C 141 26.53 -2.13 -1.11
N GLU C 142 26.54 -3.17 -0.25
CA GLU C 142 26.56 -4.56 -0.67
C GLU C 142 25.28 -4.95 -1.40
N GLU C 143 24.16 -4.28 -1.08
CA GLU C 143 22.88 -4.58 -1.71
C GLU C 143 22.69 -3.90 -3.06
N ALA C 144 23.58 -2.97 -3.43
CA ALA C 144 23.34 -2.12 -4.60
C ALA C 144 23.39 -2.85 -5.94
N PRO C 145 24.45 -3.63 -6.19
CA PRO C 145 24.63 -4.33 -7.46
C PRO C 145 23.42 -5.15 -7.85
N ALA C 146 22.92 -6.02 -6.96
CA ALA C 146 21.71 -6.81 -7.26
C ALA C 146 20.47 -5.96 -7.51
N LYS C 147 20.22 -4.92 -6.72
CA LYS C 147 18.99 -4.12 -6.95
C LYS C 147 19.11 -3.33 -8.24
N ILE C 148 20.28 -2.76 -8.52
CA ILE C 148 20.50 -2.03 -9.79
C ILE C 148 20.33 -2.96 -10.98
N ASP C 149 21.02 -4.11 -10.98
CA ASP C 149 20.87 -5.06 -12.09
C ASP C 149 19.41 -5.49 -12.28
N HIS C 150 18.72 -5.86 -11.20
CA HIS C 150 17.30 -6.26 -11.28
C HIS C 150 16.41 -5.21 -11.91
N VAL C 151 16.44 -3.95 -11.45
CA VAL C 151 15.57 -2.93 -12.01
C VAL C 151 15.96 -2.58 -13.47
N ILE C 152 17.25 -2.53 -13.80
CA ILE C 152 17.60 -2.24 -15.21
C ILE C 152 17.19 -3.39 -16.12
N LYS C 153 17.44 -4.66 -15.77
CA LYS C 153 16.93 -5.76 -16.59
C LYS C 153 15.40 -5.70 -16.75
N THR C 154 14.68 -5.48 -15.63
CA THR C 154 13.21 -5.37 -15.67
C THR C 154 12.74 -4.26 -16.60
N ALA C 155 13.31 -3.05 -16.52
CA ALA C 155 12.93 -1.95 -17.38
C ALA C 155 13.07 -2.31 -18.86
N LEU C 156 14.23 -2.85 -19.24
CA LEU C 156 14.49 -3.21 -20.64
C LEU C 156 13.57 -4.30 -21.15
N ARG C 157 13.34 -5.36 -20.35
CA ARG C 157 12.54 -6.48 -20.86
C ARG C 157 11.05 -6.13 -20.84
N GLU C 158 10.57 -5.35 -19.85
CA GLU C 158 9.14 -5.00 -19.81
C GLU C 158 8.82 -3.72 -20.56
N LYS C 159 9.85 -2.96 -20.95
CA LYS C 159 9.65 -1.64 -21.57
C LYS C 159 8.80 -0.78 -20.62
N LYS C 160 9.24 -0.66 -19.37
CA LYS C 160 8.50 0.10 -18.35
C LYS C 160 9.54 0.80 -17.46
N PRO C 161 9.12 1.89 -16.80
CA PRO C 161 9.99 2.63 -15.91
C PRO C 161 10.15 1.88 -14.59
N VAL C 162 11.24 2.16 -13.92
CA VAL C 162 11.61 1.56 -12.66
C VAL C 162 12.13 2.64 -11.72
N TYR C 163 12.25 2.28 -10.44
CA TYR C 163 12.59 3.19 -9.37
C TYR C 163 13.73 2.63 -8.52
N LEU C 164 14.67 3.52 -8.21
CA LEU C 164 15.72 3.28 -7.26
C LEU C 164 15.79 4.49 -6.29
N GLU C 165 16.10 4.18 -5.03
CA GLU C 165 16.58 5.25 -4.14
C GLU C 165 17.88 4.79 -3.52
N ILE C 166 18.78 5.75 -3.29
CA ILE C 166 20.10 5.44 -2.74
C ILE C 166 20.38 6.33 -1.53
N ALA C 167 20.64 5.72 -0.38
CA ALA C 167 20.96 6.48 0.83
C ALA C 167 22.12 7.43 0.48
N CYS C 168 22.03 8.71 0.90
CA CYS C 168 23.01 9.69 0.49
C CYS C 168 24.43 9.45 0.98
N ASN C 169 24.63 8.71 2.08
CA ASN C 169 25.94 8.46 2.61
C ASN C 169 26.58 7.16 2.08
N ILE C 170 26.01 6.49 1.08
CA ILE C 170 26.62 5.27 0.57
C ILE C 170 27.00 5.38 -0.92
N ALA C 171 26.68 6.52 -1.54
CA ALA C 171 26.96 6.71 -2.97
C ALA C 171 28.43 6.54 -3.36
N SER C 172 29.38 6.86 -2.52
CA SER C 172 30.80 6.67 -2.83
C SER C 172 31.42 5.42 -2.20
N MET C 173 30.62 4.58 -1.57
CA MET C 173 31.11 3.34 -0.97
C MET C 173 31.39 2.25 -2.02
N PRO C 174 32.45 1.49 -1.81
CA PRO C 174 32.86 0.43 -2.74
C PRO C 174 31.84 -0.72 -2.79
N CYS C 175 31.74 -1.31 -3.96
CA CYS C 175 30.97 -2.51 -4.24
C CYS C 175 31.61 -3.29 -5.40
N ALA C 176 31.10 -4.50 -5.68
CA ALA C 176 31.63 -5.33 -6.76
C ALA C 176 31.54 -4.59 -8.10
N ALA C 177 32.29 -5.08 -9.10
CA ALA C 177 32.29 -4.49 -10.43
C ALA C 177 31.20 -5.14 -11.26
N PRO C 178 30.62 -4.40 -12.19
CA PRO C 178 29.62 -4.93 -13.09
C PRO C 178 30.19 -5.89 -14.16
N GLY C 179 29.46 -6.97 -14.45
CA GLY C 179 29.89 -7.95 -15.45
C GLY C 179 29.63 -7.41 -16.87
N PRO C 180 29.61 -8.32 -17.86
CA PRO C 180 29.39 -7.95 -19.24
C PRO C 180 28.02 -7.31 -19.46
N ALA C 181 27.96 -6.35 -20.37
CA ALA C 181 26.72 -5.70 -20.76
C ALA C 181 25.69 -6.66 -21.33
N SER C 182 26.09 -7.71 -22.06
CA SER C 182 25.16 -8.65 -22.67
C SER C 182 24.14 -9.21 -21.68
N ALA C 183 24.50 -9.42 -20.42
CA ALA C 183 23.58 -9.93 -19.39
C ALA C 183 22.32 -9.09 -19.17
N LEU C 184 22.39 -7.79 -19.36
CA LEU C 184 21.31 -6.83 -19.17
C LEU C 184 20.21 -6.98 -20.20
N PHE C 185 20.55 -7.50 -21.39
CA PHE C 185 19.57 -7.65 -22.45
C PHE C 185 18.98 -9.05 -22.55
N ASN C 186 19.46 -9.93 -21.68
CA ASN C 186 19.00 -11.33 -21.60
C ASN C 186 17.51 -11.41 -21.32
N ASP C 187 16.77 -12.05 -22.22
CA ASP C 187 15.31 -12.13 -22.09
C ASP C 187 14.84 -13.50 -22.62
N GLU C 188 13.62 -13.91 -22.27
CA GLU C 188 13.04 -15.16 -22.77
C GLU C 188 13.06 -15.13 -24.30
N ALA C 189 13.26 -16.28 -24.94
CA ALA C 189 12.94 -16.36 -26.38
C ALA C 189 11.48 -16.78 -26.51
N SER C 190 10.92 -16.72 -27.72
CA SER C 190 9.60 -17.28 -27.97
C SER C 190 9.63 -18.79 -27.73
N ASP C 191 8.57 -19.33 -27.13
CA ASP C 191 8.43 -20.79 -27.00
C ASP C 191 8.18 -21.31 -28.43
N GLU C 192 9.07 -22.20 -28.92
CA GLU C 192 9.06 -22.66 -30.30
C GLU C 192 7.77 -23.37 -30.71
N ALA C 193 7.23 -24.29 -29.89
CA ALA C 193 5.93 -24.90 -30.20
C ALA C 193 4.80 -23.87 -30.20
N SER C 194 4.79 -22.89 -29.28
CA SER C 194 3.69 -21.90 -29.28
C SER C 194 3.76 -20.96 -30.48
N LEU C 195 5.00 -20.55 -30.82
CA LEU C 195 5.23 -19.67 -31.97
C LEU C 195 4.69 -20.34 -33.23
N ASN C 196 5.07 -21.62 -33.45
CA ASN C 196 4.59 -22.33 -34.65
C ASN C 196 3.08 -22.52 -34.62
N ALA C 197 2.50 -22.87 -33.46
CA ALA C 197 1.05 -23.08 -33.35
C ALA C 197 0.29 -21.77 -33.54
N ALA C 198 0.80 -20.65 -32.98
CA ALA C 198 0.13 -19.37 -33.19
C ALA C 198 0.11 -19.02 -34.68
N VAL C 199 1.25 -19.24 -35.36
CA VAL C 199 1.26 -19.01 -36.83
C VAL C 199 0.25 -19.91 -37.53
N ASP C 200 0.30 -21.22 -37.28
CA ASP C 200 -0.64 -22.16 -37.89
C ASP C 200 -2.10 -21.82 -37.63
N GLU C 201 -2.50 -21.42 -36.40
CA GLU C 201 -3.90 -21.11 -36.13
C GLU C 201 -4.33 -19.81 -36.81
N THR C 202 -3.39 -18.89 -37.03
CA THR C 202 -3.69 -17.69 -37.81
C THR C 202 -4.01 -18.09 -39.25
N LEU C 203 -3.18 -18.95 -39.85
CA LEU C 203 -3.45 -19.46 -41.20
C LEU C 203 -4.82 -20.14 -41.27
N LYS C 204 -5.13 -20.98 -40.27
CA LYS C 204 -6.43 -21.64 -40.18
C LYS C 204 -7.55 -20.62 -40.09
N PHE C 205 -7.39 -19.56 -39.28
CA PHE C 205 -8.43 -18.55 -39.09
C PHE C 205 -8.72 -17.76 -40.35
N ILE C 206 -7.67 -17.38 -41.11
CA ILE C 206 -7.91 -16.61 -42.33
C ILE C 206 -8.04 -17.47 -43.58
N ALA C 207 -8.03 -18.79 -43.44
CA ALA C 207 -8.06 -19.68 -44.61
C ALA C 207 -9.28 -19.40 -45.48
N ASN C 208 -10.47 -19.24 -44.88
CA ASN C 208 -11.65 -18.94 -45.66
C ASN C 208 -12.15 -17.51 -45.42
N ARG C 209 -11.23 -16.58 -45.16
CA ARG C 209 -11.59 -15.19 -44.93
C ARG C 209 -10.88 -14.29 -45.95
N ASP C 210 -11.64 -13.70 -46.86
CA ASP C 210 -11.04 -13.04 -48.03
C ASP C 210 -10.38 -11.71 -47.68
N LYS C 211 -11.10 -10.88 -46.91
CA LYS C 211 -10.61 -9.54 -46.58
C LYS C 211 -9.96 -9.51 -45.20
N VAL C 212 -8.63 -9.48 -45.22
CA VAL C 212 -7.80 -9.44 -44.04
C VAL C 212 -7.14 -8.06 -43.94
N ALA C 213 -7.52 -7.30 -42.91
CA ALA C 213 -6.94 -5.96 -42.71
C ALA C 213 -5.98 -5.97 -41.52
N VAL C 214 -4.93 -5.15 -41.59
CA VAL C 214 -3.93 -5.11 -40.53
C VAL C 214 -4.07 -3.75 -39.81
N LEU C 215 -4.20 -3.81 -38.49
CA LEU C 215 -4.37 -2.58 -37.70
C LEU C 215 -3.17 -2.40 -36.80
N VAL C 216 -2.34 -1.39 -37.09
CA VAL C 216 -1.09 -1.17 -36.39
C VAL C 216 -1.30 -0.38 -35.09
N GLY C 217 -0.79 -0.91 -33.99
CA GLY C 217 -1.09 -0.32 -32.67
C GLY C 217 0.13 0.34 -32.06
N SER C 218 -0.10 1.13 -31.00
CA SER C 218 0.91 1.95 -30.37
C SER C 218 1.87 1.27 -29.45
N LYS C 219 1.82 -0.06 -29.29
CA LYS C 219 2.88 -0.79 -28.59
C LYS C 219 3.80 -1.55 -29.56
N LEU C 220 3.72 -1.20 -30.86
CA LEU C 220 4.54 -1.92 -31.86
C LEU C 220 6.04 -1.67 -31.65
N ARG C 221 6.43 -0.41 -31.35
CA ARG C 221 7.82 -0.10 -31.10
C ARG C 221 8.32 -0.73 -29.80
N ALA C 222 7.47 -0.77 -28.77
CA ALA C 222 7.82 -1.44 -27.51
C ALA C 222 8.13 -2.92 -27.74
N ALA C 223 7.44 -3.55 -28.68
CA ALA C 223 7.69 -4.95 -29.02
C ALA C 223 8.91 -5.11 -29.96
N GLY C 224 9.50 -4.03 -30.44
CA GLY C 224 10.66 -4.07 -31.35
C GLY C 224 10.31 -4.74 -32.67
N ALA C 225 9.07 -4.54 -33.10
CA ALA C 225 8.49 -5.24 -34.23
C ALA C 225 8.13 -4.39 -35.44
N GLU C 226 8.66 -3.17 -35.56
CA GLU C 226 8.27 -2.32 -36.68
C GLU C 226 8.75 -2.93 -38.01
N GLU C 227 10.00 -3.38 -38.05
CA GLU C 227 10.55 -3.95 -39.30
C GLU C 227 9.91 -5.29 -39.65
N ALA C 228 9.62 -6.13 -38.64
CA ALA C 228 8.93 -7.41 -38.88
C ALA C 228 7.50 -7.20 -39.37
N ALA C 229 6.83 -6.13 -38.91
CA ALA C 229 5.48 -5.82 -39.35
C ALA C 229 5.45 -5.64 -40.87
N VAL C 230 6.44 -4.89 -41.38
CA VAL C 230 6.54 -4.67 -42.84
C VAL C 230 6.82 -5.98 -43.58
N LYS C 231 7.69 -6.84 -43.07
CA LYS C 231 7.89 -8.15 -43.70
C LYS C 231 6.54 -8.87 -43.87
N PHE C 232 5.75 -8.94 -42.80
CA PHE C 232 4.44 -9.58 -42.83
C PHE C 232 3.46 -8.88 -43.74
N THR C 233 3.31 -7.55 -43.64
CA THR C 233 2.29 -6.86 -44.45
C THR C 233 2.67 -6.93 -45.93
N ASP C 234 3.97 -6.88 -46.26
CA ASP C 234 4.39 -7.03 -47.68
C ASP C 234 4.04 -8.42 -48.20
N ALA C 235 4.16 -9.46 -47.36
CA ALA C 235 3.82 -10.83 -47.78
C ALA C 235 2.31 -11.03 -47.92
N LEU C 236 1.52 -10.52 -46.97
CA LEU C 236 0.07 -10.61 -47.02
C LEU C 236 -0.55 -9.81 -48.14
N GLY C 237 -0.12 -8.56 -48.32
CA GLY C 237 -0.68 -7.68 -49.33
C GLY C 237 -2.10 -7.17 -49.03
N GLY C 238 -2.55 -7.25 -47.76
CA GLY C 238 -3.80 -6.66 -47.32
C GLY C 238 -3.68 -5.19 -46.91
N ALA C 239 -4.81 -4.52 -46.77
CA ALA C 239 -4.84 -3.11 -46.35
C ALA C 239 -4.25 -2.95 -44.95
N VAL C 240 -3.39 -1.95 -44.78
CA VAL C 240 -2.77 -1.63 -43.51
C VAL C 240 -3.17 -0.22 -43.03
N ALA C 241 -3.69 -0.10 -41.80
CA ALA C 241 -4.03 1.20 -41.23
C ALA C 241 -3.39 1.35 -39.86
N THR C 242 -3.09 2.60 -39.45
CA THR C 242 -2.46 2.84 -38.16
C THR C 242 -3.52 3.44 -37.20
N MET C 243 -3.54 2.93 -35.96
CA MET C 243 -4.30 3.68 -34.92
C MET C 243 -3.66 5.04 -34.72
N ALA C 244 -4.39 6.04 -34.20
CA ALA C 244 -3.87 7.39 -34.00
C ALA C 244 -2.52 7.42 -33.32
N ALA C 245 -2.35 6.72 -32.20
CA ALA C 245 -1.13 6.84 -31.40
C ALA C 245 0.07 6.07 -31.99
N ALA C 246 -0.15 5.32 -33.05
CA ALA C 246 0.87 4.53 -33.74
C ALA C 246 1.38 5.25 -34.99
N LYS C 247 1.08 6.54 -35.14
CA LYS C 247 1.58 7.29 -36.29
C LYS C 247 3.11 7.25 -36.36
N SER C 248 3.61 6.83 -37.54
CA SER C 248 5.04 6.72 -37.85
C SER C 248 5.64 5.38 -37.47
N PHE C 249 4.84 4.44 -36.93
CA PHE C 249 5.33 3.09 -36.60
C PHE C 249 5.15 2.15 -37.79
N PHE C 250 4.64 2.68 -38.89
CA PHE C 250 4.50 1.96 -40.14
C PHE C 250 4.77 2.95 -41.28
N PRO C 251 5.46 2.49 -42.33
CA PRO C 251 5.87 3.38 -43.43
C PRO C 251 4.67 3.82 -44.24
N GLU C 252 4.43 5.14 -44.28
CA GLU C 252 3.27 5.67 -44.98
C GLU C 252 3.41 5.68 -46.49
N GLU C 253 4.62 5.50 -47.04
CA GLU C 253 4.74 5.41 -48.51
C GLU C 253 4.63 3.96 -48.98
N ASN C 254 4.54 3.03 -48.05
CA ASN C 254 4.29 1.62 -48.37
C ASN C 254 3.03 1.49 -49.20
N ALA C 255 3.07 0.60 -50.21
CA ALA C 255 1.97 0.46 -51.14
C ALA C 255 0.67 -0.07 -50.52
N LEU C 256 0.74 -0.78 -49.39
CA LEU C 256 -0.49 -1.28 -48.72
C LEU C 256 -1.06 -0.36 -47.65
N TYR C 257 -0.43 0.77 -47.37
CA TYR C 257 -0.91 1.70 -46.34
C TYR C 257 -2.13 2.49 -46.80
N ILE C 258 -3.18 2.50 -45.96
CA ILE C 258 -4.42 3.20 -46.31
C ILE C 258 -4.69 4.42 -45.42
N GLY C 259 -3.85 4.70 -44.44
CA GLY C 259 -4.04 5.89 -43.59
C GLY C 259 -4.48 5.58 -42.16
N THR C 260 -5.01 6.60 -41.48
CA THR C 260 -5.41 6.53 -40.07
C THR C 260 -6.73 5.81 -39.84
N SER C 261 -6.74 4.83 -38.91
CA SER C 261 -8.01 4.28 -38.41
C SER C 261 -8.32 4.87 -37.02
N TRP C 262 -9.39 5.65 -36.92
CA TRP C 262 -9.75 6.32 -35.66
C TRP C 262 -11.26 6.59 -35.67
N GLY C 263 -12.05 5.50 -35.78
CA GLY C 263 -13.51 5.62 -35.77
C GLY C 263 -14.02 6.61 -36.78
N GLU C 264 -14.92 7.53 -36.36
CA GLU C 264 -15.50 8.51 -37.26
C GLU C 264 -14.55 9.64 -37.67
N VAL C 265 -13.34 9.70 -37.11
CA VAL C 265 -12.32 10.63 -37.61
C VAL C 265 -11.17 9.90 -38.34
N SER C 266 -11.50 8.78 -39.00
CA SER C 266 -10.54 8.01 -39.79
C SER C 266 -10.28 8.77 -41.12
N TYR C 267 -9.22 8.40 -41.83
CA TYR C 267 -9.03 8.90 -43.21
C TYR C 267 -10.12 8.32 -44.09
N PRO C 268 -10.36 8.95 -45.25
CA PRO C 268 -11.48 8.58 -46.10
C PRO C 268 -11.39 7.10 -46.49
N GLY C 269 -12.49 6.34 -46.40
CA GLY C 269 -12.52 4.94 -46.75
C GLY C 269 -12.01 3.94 -45.74
N VAL C 270 -11.28 4.38 -44.73
CA VAL C 270 -10.65 3.45 -43.78
C VAL C 270 -11.71 2.83 -42.86
N GLU C 271 -12.59 3.67 -42.31
CA GLU C 271 -13.64 3.15 -41.38
C GLU C 271 -14.47 2.05 -42.03
N LYS C 272 -14.97 2.32 -43.24
CA LYS C 272 -15.71 1.33 -44.02
C LYS C 272 -14.89 0.07 -44.32
N THR C 273 -13.60 0.21 -44.64
CA THR C 273 -12.74 -0.95 -44.94
C THR C 273 -12.59 -1.85 -43.71
N MET C 274 -12.33 -1.24 -42.56
CA MET C 274 -12.20 -2.00 -41.32
C MET C 274 -13.51 -2.71 -40.96
N LYS C 275 -14.63 -2.02 -41.12
CA LYS C 275 -15.97 -2.58 -40.85
C LYS C 275 -16.27 -3.78 -41.73
N GLU C 276 -15.89 -3.74 -43.02
CA GLU C 276 -16.19 -4.82 -43.94
C GLU C 276 -15.17 -5.95 -43.94
N ALA C 277 -14.04 -5.80 -43.27
CA ALA C 277 -13.02 -6.86 -43.22
C ALA C 277 -13.62 -8.16 -42.64
N ASP C 278 -13.10 -9.31 -43.09
CA ASP C 278 -13.50 -10.60 -42.57
C ASP C 278 -12.66 -10.96 -41.35
N ALA C 279 -11.46 -10.37 -41.29
CA ALA C 279 -10.52 -10.60 -40.20
C ALA C 279 -9.65 -9.35 -40.00
N VAL C 280 -9.48 -8.96 -38.73
CA VAL C 280 -8.59 -7.83 -38.44
C VAL C 280 -7.42 -8.39 -37.65
N ILE C 281 -6.19 -8.20 -38.14
CA ILE C 281 -5.00 -8.58 -37.38
C ILE C 281 -4.47 -7.32 -36.69
N ALA C 282 -4.70 -7.26 -35.37
CA ALA C 282 -4.29 -6.05 -34.62
C ALA C 282 -2.90 -6.26 -34.03
N LEU C 283 -1.95 -5.39 -34.38
CA LEU C 283 -0.56 -5.55 -33.91
C LEU C 283 -0.29 -4.61 -32.74
N ALA C 284 -0.20 -5.19 -31.55
CA ALA C 284 0.01 -4.50 -30.29
C ALA C 284 -0.80 -3.22 -30.10
N PRO C 285 -2.13 -3.33 -30.11
CA PRO C 285 -3.03 -2.20 -29.94
C PRO C 285 -3.24 -1.78 -28.48
N VAL C 286 -3.59 -0.51 -28.30
CA VAL C 286 -4.14 -0.07 -26.98
C VAL C 286 -5.56 0.46 -27.23
N PHE C 287 -6.57 -0.26 -26.72
CA PHE C 287 -7.97 0.14 -26.88
C PHE C 287 -8.47 0.81 -25.59
N ASN C 288 -8.59 2.12 -25.61
CA ASN C 288 -9.01 2.87 -24.42
C ASN C 288 -10.15 3.81 -24.79
N ASP C 289 -10.62 4.66 -23.87
CA ASP C 289 -11.79 5.50 -24.18
C ASP C 289 -11.51 6.55 -25.27
N TYR C 290 -10.27 7.00 -25.42
CA TYR C 290 -9.90 7.95 -26.47
C TYR C 290 -9.61 7.30 -27.82
N SER C 291 -8.94 6.14 -27.83
CA SER C 291 -8.57 5.48 -29.09
C SER C 291 -9.75 4.81 -29.76
N THR C 292 -10.79 4.48 -29.00
CA THR C 292 -12.07 3.96 -29.46
C THR C 292 -13.09 5.09 -29.69
N THR C 293 -12.66 6.35 -29.65
CA THR C 293 -13.55 7.50 -29.86
C THR C 293 -14.79 7.43 -28.97
N GLY C 294 -14.52 7.45 -27.66
CA GLY C 294 -15.59 7.40 -26.65
C GLY C 294 -16.35 6.08 -26.67
N TRP C 295 -15.68 4.96 -26.91
CA TRP C 295 -16.22 3.62 -26.97
C TRP C 295 -17.20 3.39 -28.12
N THR C 296 -17.07 4.17 -29.20
CA THR C 296 -17.96 4.01 -30.33
C THR C 296 -17.33 3.10 -31.39
N ASP C 297 -16.01 2.92 -31.33
CA ASP C 297 -15.27 2.15 -32.34
C ASP C 297 -14.41 1.09 -31.67
N ILE C 298 -14.99 -0.11 -31.51
CA ILE C 298 -14.35 -1.25 -30.87
C ILE C 298 -14.34 -2.41 -31.88
N PRO C 299 -13.21 -3.08 -32.04
CA PRO C 299 -13.07 -4.18 -32.99
C PRO C 299 -14.03 -5.33 -32.68
N ASP C 300 -14.64 -5.85 -33.73
CA ASP C 300 -15.51 -7.04 -33.66
C ASP C 300 -14.72 -8.22 -33.10
N PRO C 301 -15.10 -8.70 -31.92
CA PRO C 301 -14.42 -9.79 -31.24
C PRO C 301 -14.31 -11.08 -32.05
N LYS C 302 -15.30 -11.35 -32.88
CA LYS C 302 -15.34 -12.56 -33.70
C LYS C 302 -14.41 -12.49 -34.92
N LYS C 303 -13.91 -11.32 -35.29
CA LYS C 303 -13.04 -11.18 -36.47
C LYS C 303 -11.58 -10.88 -36.15
N LEU C 304 -11.28 -10.79 -34.86
CA LEU C 304 -10.04 -10.28 -34.33
C LEU C 304 -8.98 -11.34 -34.05
N VAL C 305 -7.79 -11.07 -34.60
CA VAL C 305 -6.53 -11.70 -34.27
C VAL C 305 -5.73 -10.72 -33.40
N LEU C 306 -5.54 -11.06 -32.14
CA LEU C 306 -4.95 -10.09 -31.20
C LEU C 306 -3.50 -10.47 -30.95
N ALA C 307 -2.59 -9.78 -31.66
CA ALA C 307 -1.15 -10.08 -31.55
C ALA C 307 -0.47 -8.99 -30.71
N GLU C 308 -0.41 -9.25 -29.41
CA GLU C 308 0.20 -8.34 -28.46
C GLU C 308 1.72 -8.53 -28.52
N PRO C 309 2.46 -7.73 -27.77
CA PRO C 309 3.92 -7.82 -27.75
C PRO C 309 4.45 -9.19 -27.40
N ARG C 310 3.82 -9.90 -26.43
CA ARG C 310 4.37 -11.17 -25.96
C ARG C 310 3.32 -12.29 -25.88
N SER C 311 2.23 -12.16 -26.61
CA SER C 311 1.20 -13.21 -26.67
C SER C 311 0.37 -12.99 -27.91
N VAL C 312 -0.28 -14.06 -28.38
CA VAL C 312 -1.24 -13.96 -29.47
C VAL C 312 -2.56 -14.63 -29.06
N VAL C 313 -3.70 -13.99 -29.31
CA VAL C 313 -4.97 -14.73 -29.14
C VAL C 313 -5.55 -14.87 -30.54
N VAL C 314 -5.71 -16.12 -30.99
CA VAL C 314 -6.16 -16.35 -32.36
C VAL C 314 -6.94 -17.66 -32.49
N ASN C 315 -8.04 -17.62 -33.21
CA ASN C 315 -8.89 -18.80 -33.44
C ASN C 315 -9.40 -19.43 -32.14
N GLY C 316 -9.70 -18.60 -31.13
CA GLY C 316 -10.24 -19.10 -29.86
C GLY C 316 -9.21 -19.61 -28.89
N ILE C 317 -7.91 -19.45 -29.20
CA ILE C 317 -6.83 -20.02 -28.39
C ILE C 317 -5.85 -18.92 -27.97
N ARG C 318 -5.44 -18.96 -26.71
CA ARG C 318 -4.45 -18.01 -26.20
C ARG C 318 -3.05 -18.63 -26.14
N PHE C 319 -2.09 -17.90 -26.71
CA PHE C 319 -0.68 -18.28 -26.75
C PHE C 319 0.21 -17.28 -26.03
N PRO C 320 0.48 -17.49 -24.74
CA PRO C 320 1.55 -16.77 -24.08
C PRO C 320 2.94 -17.16 -24.61
N SER C 321 3.96 -16.39 -24.28
CA SER C 321 5.35 -16.66 -24.61
C SER C 321 5.62 -16.68 -26.13
N VAL C 322 4.93 -15.82 -26.85
CA VAL C 322 5.15 -15.68 -28.30
C VAL C 322 5.49 -14.22 -28.57
N HIS C 323 6.75 -13.94 -28.92
CA HIS C 323 7.14 -12.54 -29.12
C HIS C 323 6.74 -12.05 -30.50
N LEU C 324 6.18 -10.85 -30.54
CA LEU C 324 5.54 -10.31 -31.74
C LEU C 324 6.51 -10.22 -32.93
N LYS C 325 7.77 -9.87 -32.70
CA LYS C 325 8.74 -9.82 -33.82
C LYS C 325 8.89 -11.22 -34.47
N ASP C 326 8.95 -12.26 -33.64
CA ASP C 326 9.12 -13.62 -34.14
C ASP C 326 7.88 -14.14 -34.87
N TYR C 327 6.71 -13.83 -34.29
CA TYR C 327 5.43 -14.21 -34.84
C TYR C 327 5.26 -13.58 -36.22
N LEU C 328 5.50 -12.28 -36.34
CA LEU C 328 5.38 -11.62 -37.64
C LEU C 328 6.41 -12.13 -38.66
N THR C 329 7.65 -12.36 -38.23
CA THR C 329 8.72 -12.83 -39.14
C THR C 329 8.36 -14.21 -39.69
N ARG C 330 7.91 -15.10 -38.79
CA ARG C 330 7.58 -16.47 -39.21
C ARG C 330 6.29 -16.50 -40.02
N LEU C 331 5.28 -15.72 -39.63
CA LEU C 331 4.03 -15.64 -40.37
C LEU C 331 4.26 -15.04 -41.76
N ALA C 332 5.17 -14.07 -41.87
CA ALA C 332 5.57 -13.53 -43.18
C ALA C 332 6.10 -14.62 -44.13
N GLN C 333 6.88 -15.58 -43.63
CA GLN C 333 7.38 -16.69 -44.43
C GLN C 333 6.31 -17.71 -44.82
N LYS C 334 5.19 -17.83 -44.07
CA LYS C 334 4.19 -18.85 -44.34
C LYS C 334 2.87 -18.38 -44.92
N VAL C 335 2.58 -17.09 -44.83
CA VAL C 335 1.29 -16.56 -45.28
C VAL C 335 1.20 -16.45 -46.81
N SER C 336 -0.01 -16.60 -47.32
CA SER C 336 -0.27 -16.45 -48.75
C SER C 336 -0.73 -15.01 -49.03
N LYS C 337 -0.65 -14.64 -50.30
CA LYS C 337 -1.01 -13.29 -50.73
C LYS C 337 -2.53 -13.14 -50.70
N LYS C 338 -3.03 -12.20 -49.88
CA LYS C 338 -4.46 -11.94 -49.73
C LYS C 338 -4.75 -10.45 -49.89
N THR C 339 -5.04 -10.02 -51.12
CA THR C 339 -5.16 -8.60 -51.43
C THR C 339 -6.57 -8.06 -51.32
N GLY C 340 -7.56 -8.90 -51.01
CA GLY C 340 -8.97 -8.54 -50.92
C GLY C 340 -9.29 -7.25 -50.16
N SER C 341 -8.69 -7.03 -48.99
CA SER C 341 -9.04 -5.82 -48.21
C SER C 341 -8.55 -4.55 -48.91
N LEU C 342 -7.35 -4.61 -49.51
CA LEU C 342 -6.84 -3.45 -50.26
C LEU C 342 -7.65 -3.23 -51.53
N ASP C 343 -7.99 -4.30 -52.25
CA ASP C 343 -8.88 -4.17 -53.40
C ASP C 343 -10.21 -3.51 -52.99
N PHE C 344 -10.81 -3.97 -51.89
CA PHE C 344 -12.01 -3.34 -51.34
C PHE C 344 -11.80 -1.85 -51.06
N PHE C 345 -10.72 -1.49 -50.35
CA PHE C 345 -10.45 -0.07 -50.07
C PHE C 345 -10.41 0.75 -51.36
N LYS C 346 -9.62 0.29 -52.34
CA LYS C 346 -9.50 0.99 -53.63
C LYS C 346 -10.84 1.13 -54.33
N SER C 347 -11.70 0.09 -54.22
CA SER C 347 -13.00 0.04 -54.86
C SER C 347 -13.98 1.12 -54.37
N LEU C 348 -13.75 1.66 -53.18
CA LEU C 348 -14.56 2.74 -52.61
C LEU C 348 -14.37 4.06 -53.34
N ASN C 349 -13.18 4.30 -53.93
CA ASN C 349 -12.88 5.57 -54.59
C ASN C 349 -13.16 6.71 -53.59
N ALA C 350 -12.63 6.59 -52.38
CA ALA C 350 -12.96 7.56 -51.33
C ALA C 350 -12.04 8.79 -51.48
N GLY C 351 -10.94 8.61 -52.22
CA GLY C 351 -10.00 9.69 -52.47
C GLY C 351 -9.08 9.87 -51.27
N GLU C 352 -8.09 10.74 -51.41
CA GLU C 352 -7.17 11.05 -50.34
C GLU C 352 -7.82 12.06 -49.37
N LEU C 353 -7.23 12.13 -48.19
CA LEU C 353 -7.59 13.12 -47.18
C LEU C 353 -7.57 14.51 -47.83
N LYS C 354 -8.68 15.24 -47.77
CA LYS C 354 -8.76 16.57 -48.36
C LYS C 354 -7.96 17.60 -47.56
N LYS C 355 -6.94 18.21 -48.18
CA LYS C 355 -6.08 19.20 -47.53
C LYS C 355 -6.20 20.58 -48.19
N ALA C 356 -6.05 21.66 -47.42
CA ALA C 356 -6.21 23.02 -47.98
C ALA C 356 -5.04 23.40 -48.90
N ALA C 357 -5.37 24.17 -49.93
CA ALA C 357 -4.37 24.82 -50.80
C ALA C 357 -3.69 25.97 -50.07
N PRO C 358 -2.52 26.38 -50.56
CA PRO C 358 -1.77 27.48 -49.97
C PRO C 358 -2.67 28.71 -49.81
N ALA C 359 -2.63 29.33 -48.63
CA ALA C 359 -3.43 30.53 -48.38
C ALA C 359 -2.82 31.75 -49.06
N ASP C 360 -3.71 32.71 -49.28
CA ASP C 360 -3.25 34.09 -49.63
C ASP C 360 -2.36 34.48 -48.44
N PRO C 361 -1.10 34.80 -48.71
CA PRO C 361 -0.11 35.07 -47.71
C PRO C 361 -0.36 36.30 -46.85
N SER C 362 -1.17 37.26 -47.31
CA SER C 362 -1.46 38.44 -46.50
C SER C 362 -2.76 38.27 -45.70
N ALA C 363 -3.53 37.21 -45.93
CA ALA C 363 -4.77 36.99 -45.16
C ALA C 363 -4.43 36.55 -43.74
N PRO C 364 -5.37 36.78 -42.82
CA PRO C 364 -5.19 36.36 -41.43
C PRO C 364 -4.90 34.86 -41.35
N LEU C 365 -3.91 34.48 -40.56
CA LEU C 365 -3.50 33.09 -40.42
C LEU C 365 -4.65 32.21 -39.91
N VAL C 366 -4.78 31.02 -40.51
CA VAL C 366 -5.77 30.06 -40.05
C VAL C 366 -5.05 28.74 -39.72
N ASN C 367 -5.71 27.90 -38.92
CA ASN C 367 -5.16 26.62 -38.50
C ASN C 367 -4.67 25.74 -39.65
N ALA C 368 -5.47 25.58 -40.69
CA ALA C 368 -5.10 24.76 -41.85
C ALA C 368 -3.82 25.24 -42.56
N GLU C 369 -3.54 26.55 -42.58
CA GLU C 369 -2.33 27.10 -43.19
C GLU C 369 -1.11 26.85 -42.33
N ILE C 370 -1.28 26.87 -41.00
CA ILE C 370 -0.18 26.47 -40.13
C ILE C 370 0.20 25.02 -40.44
N ALA C 371 -0.81 24.14 -40.42
CA ALA C 371 -0.58 22.72 -40.69
C ALA C 371 0.05 22.44 -42.06
N ARG C 372 -0.39 23.14 -43.10
CA ARG C 372 0.26 23.01 -44.42
C ARG C 372 1.75 23.35 -44.41
N GLN C 373 2.14 24.51 -43.85
CA GLN C 373 3.56 24.87 -43.83
C GLN C 373 4.41 23.97 -42.96
N VAL C 374 3.88 23.47 -41.83
CA VAL C 374 4.64 22.50 -41.04
C VAL C 374 4.82 21.18 -41.83
N GLU C 375 3.74 20.74 -42.47
CA GLU C 375 3.79 19.50 -43.26
C GLU C 375 4.84 19.58 -44.37
N ALA C 376 4.96 20.74 -45.00
CA ALA C 376 5.98 20.99 -46.04
C ALA C 376 7.42 20.89 -45.54
N LEU C 377 7.69 21.02 -44.25
CA LEU C 377 9.04 20.90 -43.70
C LEU C 377 9.46 19.45 -43.42
N LEU C 378 8.55 18.49 -43.51
CA LEU C 378 8.87 17.10 -43.19
C LEU C 378 9.84 16.47 -44.18
N THR C 379 10.96 15.94 -43.69
CA THR C 379 11.91 15.18 -44.51
C THR C 379 12.08 13.81 -43.86
N PRO C 380 12.89 12.94 -44.48
CA PRO C 380 13.22 11.64 -43.92
C PRO C 380 14.00 11.75 -42.62
N ASN C 381 14.60 12.89 -42.33
CA ASN C 381 15.38 13.15 -41.15
C ASN C 381 14.63 14.00 -40.11
N THR C 382 13.31 14.15 -40.25
CA THR C 382 12.54 14.99 -39.30
C THR C 382 11.83 14.18 -38.23
N THR C 383 11.68 14.78 -37.04
CA THR C 383 10.78 14.24 -35.99
C THR C 383 9.84 15.36 -35.53
N VAL C 384 8.55 15.06 -35.45
CA VAL C 384 7.55 16.00 -34.94
C VAL C 384 7.11 15.54 -33.55
N ILE C 385 7.26 16.40 -32.56
CA ILE C 385 6.73 16.15 -31.20
C ILE C 385 5.37 16.89 -31.12
N ALA C 386 4.29 16.12 -30.99
CA ALA C 386 2.94 16.64 -31.04
C ALA C 386 2.22 16.58 -29.67
N GLU C 387 1.96 17.78 -29.14
CA GLU C 387 1.35 17.93 -27.80
C GLU C 387 -0.13 17.56 -27.82
N THR C 388 -0.60 17.04 -26.67
CA THR C 388 -2.04 16.94 -26.39
C THR C 388 -2.74 18.28 -26.64
N GLY C 389 -3.80 18.21 -27.44
CA GLY C 389 -4.54 19.43 -27.82
C GLY C 389 -4.93 19.27 -29.28
N ASP C 390 -5.27 20.37 -29.96
CA ASP C 390 -5.56 20.24 -31.40
C ASP C 390 -4.31 19.85 -32.20
N SER C 391 -3.10 20.02 -31.68
CA SER C 391 -1.89 19.55 -32.36
C SER C 391 -1.91 18.03 -32.58
N TRP C 392 -2.64 17.26 -31.75
CA TRP C 392 -2.84 15.82 -31.97
C TRP C 392 -3.41 15.58 -33.37
N PHE C 393 -4.48 16.29 -33.68
CA PHE C 393 -5.25 16.17 -34.89
C PHE C 393 -4.54 16.80 -36.09
N ASN C 394 -3.90 17.97 -35.90
CA ASN C 394 -3.09 18.54 -37.00
C ASN C 394 -1.95 17.60 -37.41
N ALA C 395 -1.20 17.06 -36.44
CA ALA C 395 -0.13 16.12 -36.77
C ALA C 395 -0.65 14.86 -37.44
N GLN C 396 -1.80 14.33 -36.98
CA GLN C 396 -2.37 13.10 -37.55
C GLN C 396 -2.63 13.19 -39.05
N ARG C 397 -2.96 14.39 -39.53
CA ARG C 397 -3.29 14.67 -40.91
C ARG C 397 -2.06 14.77 -41.83
N MET C 398 -0.85 14.80 -41.28
CA MET C 398 0.36 15.02 -42.09
C MET C 398 0.86 13.73 -42.74
N LYS C 399 1.21 13.81 -44.04
CA LYS C 399 1.80 12.67 -44.75
C LYS C 399 3.29 12.57 -44.44
N LEU C 400 3.72 11.41 -43.92
CA LEU C 400 5.13 11.27 -43.56
C LEU C 400 5.97 10.58 -44.63
N PRO C 401 7.04 11.26 -45.06
CA PRO C 401 8.02 10.67 -45.99
C PRO C 401 8.71 9.56 -45.20
N ASN C 402 9.12 8.51 -45.89
CA ASN C 402 9.81 7.39 -45.27
C ASN C 402 10.93 7.84 -44.37
N GLY C 403 10.90 7.41 -43.09
CA GLY C 403 11.96 7.81 -42.18
C GLY C 403 11.53 8.92 -41.19
N ALA C 404 10.57 9.75 -41.57
CA ALA C 404 10.10 10.81 -40.68
C ALA C 404 9.33 10.20 -39.48
N ARG C 405 9.51 10.80 -38.30
CA ARG C 405 8.86 10.24 -37.10
C ARG C 405 7.90 11.23 -36.43
N VAL C 406 6.88 10.68 -35.74
CA VAL C 406 5.95 11.51 -34.95
C VAL C 406 6.01 10.96 -33.52
N GLU C 407 6.14 11.83 -32.53
CA GLU C 407 6.09 11.35 -31.13
C GLU C 407 4.80 11.86 -30.47
N TYR C 408 4.02 10.90 -29.96
CA TYR C 408 2.73 11.20 -29.31
C TYR C 408 2.74 10.70 -27.86
N GLU C 409 2.04 11.39 -26.98
CA GLU C 409 1.84 10.90 -25.59
C GLU C 409 0.33 10.75 -25.39
N MET C 410 -0.29 9.87 -26.18
CA MET C 410 -1.74 9.74 -26.18
C MET C 410 -2.36 8.91 -25.06
N GLN C 411 -1.59 8.05 -24.40
CA GLN C 411 -2.16 7.30 -23.28
C GLN C 411 -2.12 8.16 -22.01
N TRP C 412 -0.95 8.69 -21.65
CA TRP C 412 -0.89 9.54 -20.45
C TRP C 412 -1.55 10.90 -20.71
N GLY C 413 -1.15 11.59 -21.78
CA GLY C 413 -1.83 12.84 -22.16
C GLY C 413 -1.70 13.98 -21.15
N HIS C 414 -0.52 14.17 -20.59
CA HIS C 414 -0.24 15.26 -19.64
C HIS C 414 0.13 16.53 -20.44
N ILE C 415 -0.77 17.52 -20.51
CA ILE C 415 -0.45 18.72 -21.30
C ILE C 415 0.81 19.36 -20.72
N GLY C 416 1.71 19.81 -21.62
CA GLY C 416 3.01 20.32 -21.22
C GLY C 416 4.13 19.30 -21.34
N TRP C 417 3.82 18.00 -21.45
CA TRP C 417 4.81 16.95 -21.69
C TRP C 417 5.75 17.36 -22.85
N SER C 418 5.19 17.87 -23.92
CA SER C 418 5.95 18.09 -25.17
C SER C 418 7.16 18.99 -25.03
N VAL C 419 7.17 19.99 -24.14
CA VAL C 419 8.33 20.89 -24.04
C VAL C 419 9.59 20.23 -23.53
N PRO C 420 9.54 19.64 -22.34
CA PRO C 420 10.66 18.86 -21.81
C PRO C 420 10.92 17.61 -22.67
N ALA C 421 9.87 16.95 -23.18
CA ALA C 421 10.10 15.76 -24.03
C ALA C 421 10.89 16.16 -25.29
N ALA C 422 10.53 17.28 -25.92
CA ALA C 422 11.29 17.81 -27.07
C ALA C 422 12.73 18.15 -26.71
N PHE C 423 12.99 18.75 -25.54
CA PHE C 423 14.36 19.00 -25.11
C PHE C 423 15.17 17.70 -25.02
N GLY C 424 14.63 16.70 -24.29
CA GLY C 424 15.34 15.43 -24.12
C GLY C 424 15.55 14.69 -25.46
N TYR C 425 14.55 14.70 -26.31
CA TYR C 425 14.67 14.06 -27.64
C TYR C 425 15.77 14.72 -28.46
N ALA C 426 15.78 16.06 -28.49
CA ALA C 426 16.79 16.81 -29.24
C ALA C 426 18.20 16.64 -28.66
N VAL C 427 18.33 16.41 -27.36
CA VAL C 427 19.63 16.02 -26.82
C VAL C 427 20.06 14.64 -27.34
N GLY C 428 19.12 13.70 -27.40
CA GLY C 428 19.38 12.34 -27.87
C GLY C 428 19.59 12.24 -29.38
N ALA C 429 18.95 13.07 -30.16
CA ALA C 429 18.98 13.03 -31.63
C ALA C 429 19.22 14.40 -32.26
N PRO C 430 20.39 14.99 -32.03
CA PRO C 430 20.71 16.33 -32.50
C PRO C 430 20.89 16.44 -34.01
N GLU C 431 21.19 15.31 -34.67
CA GLU C 431 21.27 15.21 -36.12
C GLU C 431 19.95 15.39 -36.83
N ARG C 432 18.80 15.16 -36.18
CA ARG C 432 17.51 15.31 -36.84
C ARG C 432 17.00 16.75 -36.85
N ARG C 433 16.15 17.03 -37.83
CA ARG C 433 15.30 18.22 -37.87
C ARG C 433 14.20 18.05 -36.78
N ASN C 434 14.35 18.71 -35.64
CA ASN C 434 13.39 18.55 -34.53
C ASN C 434 12.36 19.66 -34.44
N ILE C 435 11.08 19.31 -34.67
CA ILE C 435 9.95 20.21 -34.65
C ILE C 435 9.00 19.93 -33.46
N LEU C 436 8.69 20.99 -32.70
CA LEU C 436 7.73 20.85 -31.58
C LEU C 436 6.43 21.59 -31.92
N MET C 437 5.29 20.91 -31.91
CA MET C 437 4.01 21.61 -32.09
C MET C 437 3.29 21.59 -30.71
N VAL C 438 3.15 22.78 -30.13
CA VAL C 438 2.64 22.87 -28.74
C VAL C 438 1.65 24.02 -28.58
N GLY C 439 0.48 23.74 -27.98
CA GLY C 439 -0.52 24.78 -27.74
C GLY C 439 -0.11 25.73 -26.62
N ASP C 440 -0.71 26.92 -26.57
CA ASP C 440 -0.45 27.92 -25.55
C ASP C 440 -0.78 27.43 -24.12
N GLY C 441 -1.92 26.76 -23.96
CA GLY C 441 -2.31 26.24 -22.63
C GLY C 441 -1.29 25.25 -22.10
N SER C 442 -0.92 24.25 -22.90
CA SER C 442 0.10 23.27 -22.54
C SER C 442 1.46 23.90 -22.27
N PHE C 443 1.89 24.84 -23.13
CA PHE C 443 3.19 25.49 -23.00
C PHE C 443 3.41 26.06 -21.61
N GLN C 444 2.37 26.70 -21.03
CA GLN C 444 2.47 27.33 -19.72
C GLN C 444 2.72 26.36 -18.58
N LEU C 445 2.52 25.04 -18.74
CA LEU C 445 2.84 24.14 -17.64
C LEU C 445 4.33 23.93 -17.42
N THR C 446 5.10 23.96 -18.54
CA THR C 446 6.47 23.46 -18.60
C THR C 446 7.38 24.37 -19.45
N ALA C 447 6.98 25.60 -19.76
CA ALA C 447 7.74 26.49 -20.62
C ALA C 447 9.20 26.71 -20.27
N GLN C 448 9.58 26.68 -19.00
CA GLN C 448 10.95 26.94 -18.60
C GLN C 448 11.96 25.99 -19.23
N GLU C 449 11.60 24.76 -19.65
CA GLU C 449 12.61 23.89 -20.26
C GLU C 449 13.09 24.33 -21.65
N VAL C 450 12.42 25.24 -22.33
CA VAL C 450 13.03 25.92 -23.49
C VAL C 450 14.35 26.60 -23.15
N ALA C 451 14.53 27.13 -21.92
CA ALA C 451 15.80 27.72 -21.53
C ALA C 451 16.98 26.73 -21.59
N GLN C 452 16.74 25.44 -21.36
CA GLN C 452 17.75 24.41 -21.47
C GLN C 452 18.09 24.17 -22.96
N MET C 453 17.12 24.19 -23.85
CA MET C 453 17.40 24.18 -25.28
C MET C 453 18.34 25.34 -25.68
N VAL C 454 18.08 26.54 -25.12
CA VAL C 454 18.95 27.68 -25.37
C VAL C 454 20.37 27.39 -24.88
N ARG C 455 20.48 26.88 -23.66
CA ARG C 455 21.72 26.60 -22.98
C ARG C 455 22.60 25.60 -23.75
N LEU C 456 21.99 24.53 -24.28
CA LEU C 456 22.76 23.51 -25.01
C LEU C 456 22.75 23.74 -26.52
N LYS C 457 22.24 24.89 -26.94
CA LYS C 457 22.31 25.32 -28.34
C LYS C 457 21.60 24.36 -29.28
N LEU C 458 20.41 23.89 -28.89
CA LEU C 458 19.64 22.93 -29.67
C LEU C 458 18.68 23.68 -30.58
N PRO C 459 18.78 23.44 -31.90
CA PRO C 459 17.98 24.16 -32.87
C PRO C 459 16.59 23.63 -33.10
N VAL C 460 15.82 23.44 -32.01
CA VAL C 460 14.44 22.99 -32.05
C VAL C 460 13.54 24.08 -32.61
N ILE C 461 12.73 23.72 -33.59
CA ILE C 461 11.76 24.66 -34.17
C ILE C 461 10.42 24.46 -33.44
N ILE C 462 10.00 25.49 -32.72
CA ILE C 462 8.77 25.43 -31.92
C ILE C 462 7.62 26.18 -32.54
N PHE C 463 6.54 25.46 -32.89
CA PHE C 463 5.32 26.14 -33.34
C PHE C 463 4.37 26.30 -32.14
N LEU C 464 4.31 27.51 -31.59
CA LEU C 464 3.41 27.82 -30.45
C LEU C 464 2.05 28.25 -31.01
N ILE C 465 1.03 27.44 -30.77
CA ILE C 465 -0.31 27.72 -31.30
C ILE C 465 -1.10 28.58 -30.31
N ASN C 466 -1.09 29.91 -30.58
CA ASN C 466 -1.76 30.85 -29.68
C ASN C 466 -3.22 31.09 -30.07
N ASN C 467 -4.13 30.20 -29.61
CA ASN C 467 -5.56 30.40 -29.78
C ASN C 467 -6.24 30.89 -28.50
N TYR C 468 -5.46 31.44 -27.59
CA TYR C 468 -5.95 32.03 -26.34
C TYR C 468 -6.83 31.07 -25.51
N GLY C 469 -6.28 29.95 -25.06
CA GLY C 469 -7.02 29.08 -24.16
C GLY C 469 -6.96 27.59 -24.50
N TYR C 470 -7.81 26.80 -23.84
CA TYR C 470 -7.85 25.34 -24.03
C TYR C 470 -8.90 24.90 -25.04
N THR C 471 -8.60 24.96 -26.35
CA THR C 471 -9.63 24.68 -27.34
C THR C 471 -10.15 23.25 -27.27
N ILE C 472 -9.27 22.25 -27.09
CA ILE C 472 -9.77 20.86 -27.01
C ILE C 472 -10.77 20.72 -25.86
N GLU C 473 -10.53 21.36 -24.72
CA GLU C 473 -11.48 21.32 -23.58
C GLU C 473 -12.76 22.09 -23.92
N VAL C 474 -12.65 23.20 -24.65
CA VAL C 474 -13.84 23.90 -25.15
C VAL C 474 -14.70 22.99 -26.00
N MET C 475 -14.09 22.13 -26.83
CA MET C 475 -14.84 21.21 -27.68
C MET C 475 -15.29 19.94 -26.99
N ILE C 476 -14.94 19.75 -25.72
CA ILE C 476 -15.49 18.66 -24.89
C ILE C 476 -16.64 19.20 -24.04
N HIS C 477 -16.33 20.16 -23.17
CA HIS C 477 -17.35 20.78 -22.30
C HIS C 477 -16.87 22.18 -21.91
N ASP C 478 -17.54 23.27 -22.27
CA ASP C 478 -16.99 24.60 -22.05
C ASP C 478 -17.39 25.26 -20.73
N GLY C 479 -16.49 26.12 -20.25
CA GLY C 479 -16.75 26.87 -19.01
C GLY C 479 -15.64 27.92 -18.88
N PRO C 480 -15.68 28.75 -17.83
CA PRO C 480 -14.70 29.79 -17.59
C PRO C 480 -13.31 29.28 -17.27
N TYR C 481 -13.21 28.01 -16.85
CA TYR C 481 -11.95 27.32 -16.60
C TYR C 481 -11.15 27.01 -17.87
N ASN C 482 -11.67 27.23 -19.07
CA ASN C 482 -10.93 27.02 -20.31
C ASN C 482 -10.17 28.27 -20.75
N ASN C 483 -10.40 29.38 -20.07
CA ASN C 483 -9.73 30.65 -20.34
C ASN C 483 -8.43 30.78 -19.58
N ILE C 484 -7.38 31.31 -20.22
CA ILE C 484 -6.08 31.50 -19.58
C ILE C 484 -5.59 32.95 -19.72
N LYS C 485 -4.58 33.31 -18.95
CA LYS C 485 -3.87 34.59 -19.10
C LYS C 485 -2.91 34.50 -20.29
N ASN C 486 -3.03 35.42 -21.26
CA ASN C 486 -2.13 35.38 -22.43
C ASN C 486 -0.73 35.86 -22.10
N TRP C 487 0.30 35.36 -22.82
CA TRP C 487 1.67 35.81 -22.62
C TRP C 487 2.20 36.37 -23.97
N ASP C 488 3.28 37.14 -23.91
CA ASP C 488 4.04 37.45 -25.17
C ASP C 488 4.98 36.25 -25.38
N TYR C 489 4.52 35.16 -26.00
CA TYR C 489 5.35 33.96 -26.15
C TYR C 489 6.65 34.20 -26.95
N ALA C 490 6.56 34.90 -28.07
CA ALA C 490 7.75 35.31 -28.83
C ALA C 490 8.79 35.99 -27.98
N GLY C 491 8.37 36.98 -27.16
CA GLY C 491 9.29 37.73 -26.30
C GLY C 491 9.97 36.89 -25.24
N LEU C 492 9.41 35.73 -24.87
CA LEU C 492 10.03 34.85 -23.88
C LEU C 492 11.40 34.35 -24.31
N MET C 493 11.64 34.19 -25.62
CA MET C 493 12.94 33.73 -26.12
C MET C 493 14.08 34.64 -25.74
N GLU C 494 13.93 35.97 -25.84
CA GLU C 494 14.97 36.90 -25.40
C GLU C 494 15.12 36.86 -23.87
N VAL C 495 14.02 36.66 -23.13
CA VAL C 495 14.15 36.43 -21.69
C VAL C 495 15.06 35.26 -21.39
N PHE C 496 14.88 34.10 -22.06
CA PHE C 496 15.73 32.94 -21.83
C PHE C 496 17.15 33.11 -22.38
N ASN C 497 17.37 33.93 -23.42
CA ASN C 497 18.73 34.29 -23.83
C ASN C 497 19.48 35.05 -22.75
N GLY C 498 18.86 36.12 -22.23
CA GLY C 498 19.51 36.95 -21.21
C GLY C 498 20.82 37.61 -21.74
N ASN C 499 20.85 37.98 -23.01
CA ASN C 499 22.05 38.64 -23.56
C ASN C 499 22.27 39.95 -22.78
N GLY C 500 23.52 40.16 -22.35
CA GLY C 500 23.86 41.34 -21.54
C GLY C 500 23.86 41.00 -20.06
N GLY C 501 23.44 39.77 -19.72
CA GLY C 501 23.42 39.31 -18.34
C GLY C 501 24.66 38.46 -18.07
N TYR C 502 24.53 37.48 -17.20
CA TYR C 502 25.65 36.61 -16.84
C TYR C 502 26.12 35.67 -17.96
N ASP C 503 25.23 35.32 -18.89
CA ASP C 503 25.65 34.43 -19.99
C ASP C 503 24.98 34.92 -21.27
N SER C 504 24.63 34.02 -22.18
CA SER C 504 24.03 34.46 -23.44
C SER C 504 23.22 33.33 -24.08
N GLY C 505 22.52 33.63 -25.16
CA GLY C 505 21.82 32.57 -25.89
C GLY C 505 21.59 33.03 -27.33
N ALA C 506 21.15 32.07 -28.15
CA ALA C 506 20.90 32.36 -29.57
C ALA C 506 19.50 31.97 -29.98
N ALA C 507 18.58 31.89 -28.98
CA ALA C 507 17.17 31.66 -29.29
C ALA C 507 16.60 32.86 -30.06
N LYS C 508 15.61 32.61 -30.90
CA LYS C 508 14.84 33.65 -31.56
C LYS C 508 13.33 33.45 -31.35
N GLY C 509 12.58 34.51 -31.09
CA GLY C 509 11.11 34.37 -30.97
C GLY C 509 10.48 35.28 -32.02
N LEU C 510 9.56 34.74 -32.80
CA LEU C 510 8.91 35.46 -33.88
C LEU C 510 7.40 35.36 -33.79
N LYS C 511 6.69 36.35 -34.30
CA LYS C 511 5.22 36.28 -34.32
C LYS C 511 4.73 36.06 -35.75
N ALA C 512 3.66 35.27 -35.91
CA ALA C 512 3.04 35.05 -37.20
C ALA C 512 1.52 35.23 -37.13
N LYS C 513 1.04 36.24 -37.86
CA LYS C 513 -0.39 36.54 -37.90
C LYS C 513 -0.95 36.36 -39.29
N THR C 514 -0.06 36.06 -40.27
CA THR C 514 -0.48 35.76 -41.64
C THR C 514 0.40 34.61 -42.18
N GLY C 515 -0.01 34.03 -43.30
CA GLY C 515 0.75 32.95 -43.95
C GLY C 515 2.13 33.42 -44.41
N GLY C 516 2.18 34.64 -44.93
CA GLY C 516 3.47 35.27 -45.32
C GLY C 516 4.40 35.43 -44.13
N GLU C 517 3.87 35.89 -42.99
CA GLU C 517 4.72 36.06 -41.81
C GLU C 517 5.22 34.69 -41.33
N LEU C 518 4.35 33.68 -41.39
CA LEU C 518 4.75 32.33 -41.01
C LEU C 518 5.88 31.78 -41.90
N ALA C 519 5.73 31.97 -43.22
CA ALA C 519 6.74 31.49 -44.17
C ALA C 519 8.10 32.13 -43.89
N GLU C 520 8.08 33.43 -43.59
CA GLU C 520 9.30 34.17 -43.26
C GLU C 520 9.90 33.66 -41.96
N ALA C 521 9.04 33.48 -40.93
CA ALA C 521 9.56 32.97 -39.65
C ALA C 521 10.18 31.59 -39.82
N ILE C 522 9.57 30.73 -40.64
CA ILE C 522 10.16 29.40 -40.90
C ILE C 522 11.55 29.49 -41.52
N LYS C 523 11.76 30.38 -42.52
CA LYS C 523 13.12 30.60 -43.05
C LYS C 523 14.13 30.92 -41.96
N VAL C 524 13.80 31.90 -41.10
CA VAL C 524 14.69 32.28 -40.01
C VAL C 524 14.94 31.13 -39.05
N ALA C 525 13.90 30.35 -38.73
CA ALA C 525 14.04 29.15 -37.89
C ALA C 525 15.00 28.11 -38.49
N LEU C 526 14.85 27.82 -39.79
CA LEU C 526 15.73 26.86 -40.47
C LEU C 526 17.18 27.32 -40.49
N ALA C 527 17.41 28.63 -40.60
CA ALA C 527 18.75 29.21 -40.64
C ALA C 527 19.35 29.37 -39.25
N ASN C 528 18.52 29.29 -38.19
CA ASN C 528 19.08 29.45 -36.84
C ASN C 528 19.59 28.09 -36.35
N THR C 529 20.90 27.87 -36.46
CA THR C 529 21.50 26.60 -36.05
C THR C 529 21.97 26.62 -34.61
N ASP C 530 21.90 27.76 -33.92
CA ASP C 530 22.59 27.89 -32.64
C ASP C 530 21.65 27.90 -31.42
N GLY C 531 20.35 27.84 -31.63
CA GLY C 531 19.36 27.87 -30.53
C GLY C 531 17.98 27.57 -31.10
N PRO C 532 16.97 27.44 -30.21
CA PRO C 532 15.61 27.18 -30.62
C PRO C 532 14.98 28.42 -31.23
N THR C 533 14.02 28.20 -32.11
CA THR C 533 13.24 29.28 -32.69
C THR C 533 11.75 29.04 -32.37
N LEU C 534 11.15 29.98 -31.63
CA LEU C 534 9.72 29.83 -31.30
C LEU C 534 8.92 30.73 -32.23
N ILE C 535 8.00 30.11 -32.96
CA ILE C 535 7.13 30.88 -33.85
C ILE C 535 5.74 30.96 -33.21
N GLU C 536 5.37 32.14 -32.72
CA GLU C 536 4.06 32.33 -32.08
C GLU C 536 2.98 32.59 -33.13
N CYS C 537 2.12 31.58 -33.32
CA CYS C 537 1.11 31.58 -34.36
C CYS C 537 -0.24 31.99 -33.79
N PHE C 538 -0.82 33.07 -34.32
CA PHE C 538 -2.09 33.61 -33.80
C PHE C 538 -3.28 33.12 -34.62
N ILE C 539 -4.17 32.32 -34.00
CA ILE C 539 -5.41 31.88 -34.63
C ILE C 539 -6.58 31.97 -33.63
N GLY C 540 -7.81 31.88 -34.07
CA GLY C 540 -8.98 32.00 -33.19
C GLY C 540 -9.22 30.72 -32.40
N ARG C 541 -9.94 30.84 -31.27
CA ARG C 541 -10.31 29.70 -30.42
C ARG C 541 -11.06 28.60 -31.16
N GLU C 542 -12.02 28.99 -31.99
CA GLU C 542 -12.87 28.06 -32.72
C GLU C 542 -12.28 27.58 -34.03
N ASP C 543 -11.09 28.10 -34.42
CA ASP C 543 -10.42 27.68 -35.66
C ASP C 543 -9.59 26.41 -35.38
N CYS C 544 -10.27 25.25 -35.37
CA CYS C 544 -9.62 24.00 -35.01
C CYS C 544 -10.00 22.91 -36.02
N THR C 545 -9.35 21.76 -35.95
CA THR C 545 -9.66 20.69 -36.92
C THR C 545 -11.13 20.29 -36.80
N GLU C 546 -11.63 19.75 -37.90
CA GLU C 546 -12.97 19.16 -37.95
C GLU C 546 -13.01 17.91 -37.08
N GLU C 547 -11.91 17.15 -37.09
CA GLU C 547 -11.77 15.92 -36.33
C GLU C 547 -11.93 16.15 -34.83
N LEU C 548 -11.34 17.23 -34.30
CA LEU C 548 -11.50 17.51 -32.85
C LEU C 548 -12.97 17.74 -32.48
N VAL C 549 -13.70 18.52 -33.28
CA VAL C 549 -15.12 18.75 -32.99
C VAL C 549 -15.91 17.45 -32.86
N LYS C 550 -15.75 16.51 -33.79
CA LYS C 550 -16.45 15.24 -33.75
C LYS C 550 -16.00 14.36 -32.60
N TRP C 551 -14.69 14.22 -32.42
CA TRP C 551 -14.14 13.34 -31.39
C TRP C 551 -14.48 13.87 -29.99
N GLY C 552 -14.43 15.19 -29.80
CA GLY C 552 -14.70 15.80 -28.50
C GLY C 552 -16.11 15.51 -27.98
N LYS C 553 -17.09 15.47 -28.88
CA LYS C 553 -18.49 15.18 -28.52
C LYS C 553 -18.66 13.76 -27.99
N ARG C 554 -17.96 12.79 -28.60
CA ARG C 554 -18.05 11.39 -28.15
C ARG C 554 -17.37 11.19 -26.81
N VAL C 555 -16.26 11.89 -26.60
CA VAL C 555 -15.52 11.85 -25.34
C VAL C 555 -16.37 12.44 -24.21
N ALA C 556 -16.99 13.60 -24.44
CA ALA C 556 -17.91 14.19 -23.46
C ALA C 556 -19.06 13.25 -23.08
N ALA C 557 -19.67 12.59 -24.05
CA ALA C 557 -20.77 11.66 -23.81
C ALA C 557 -20.33 10.41 -23.04
N ALA C 558 -19.16 9.84 -23.37
CA ALA C 558 -18.63 8.71 -22.61
C ALA C 558 -18.38 9.10 -21.15
N ASN C 559 -17.77 10.26 -20.94
CA ASN C 559 -17.41 10.72 -19.60
C ASN C 559 -18.66 10.90 -18.71
N SER C 560 -19.75 11.43 -19.29
CA SER C 560 -20.92 11.76 -18.46
C SER C 560 -22.01 10.70 -18.48
N ARG C 561 -21.85 9.56 -19.14
CA ARG C 561 -22.93 8.57 -19.18
C ARG C 561 -23.36 8.12 -17.78
N LYS C 562 -24.68 7.99 -17.60
CA LYS C 562 -25.25 7.73 -16.25
C LYS C 562 -24.79 6.40 -15.66
N PRO C 563 -24.76 6.35 -14.33
CA PRO C 563 -24.58 5.10 -13.60
C PRO C 563 -25.60 4.05 -14.00
N VAL C 564 -25.19 2.79 -14.08
CA VAL C 564 -26.12 1.70 -14.43
C VAL C 564 -26.59 1.04 -13.13
N ASN C 565 -27.73 0.36 -13.14
CA ASN C 565 -28.27 -0.29 -11.95
C ASN C 565 -27.44 -1.49 -11.52
N LYS C 566 -27.04 -1.50 -10.25
CA LYS C 566 -26.16 -2.54 -9.71
C LYS C 566 -26.91 -3.51 -8.77
N SER D 2 -32.66 20.36 -5.13
CA SER D 2 -31.93 19.88 -3.93
C SER D 2 -30.42 20.05 -4.11
N TYR D 3 -29.61 19.80 -3.10
CA TYR D 3 -28.16 19.82 -3.27
C TYR D 3 -27.70 18.67 -4.18
N THR D 4 -26.53 18.87 -4.80
CA THR D 4 -25.86 17.85 -5.61
C THR D 4 -24.56 17.49 -4.91
N VAL D 5 -23.89 16.40 -5.33
CA VAL D 5 -22.56 16.08 -4.79
C VAL D 5 -21.67 17.32 -4.84
N GLY D 6 -21.62 17.96 -6.01
CA GLY D 6 -20.82 19.16 -6.23
C GLY D 6 -21.25 20.35 -5.35
N THR D 7 -22.54 20.66 -5.24
CA THR D 7 -22.92 21.84 -4.42
C THR D 7 -22.86 21.54 -2.93
N TYR D 8 -23.01 20.27 -2.55
CA TYR D 8 -22.75 19.87 -1.17
C TYR D 8 -21.31 20.19 -0.82
N LEU D 9 -20.35 19.73 -1.63
CA LEU D 9 -18.94 20.09 -1.39
C LEU D 9 -18.76 21.61 -1.37
N ALA D 10 -19.35 22.34 -2.34
CA ALA D 10 -19.22 23.81 -2.37
C ALA D 10 -19.69 24.46 -1.07
N GLU D 11 -20.88 24.09 -0.58
CA GLU D 11 -21.41 24.66 0.66
C GLU D 11 -20.55 24.34 1.86
N ARG D 12 -20.06 23.10 2.00
CA ARG D 12 -19.12 22.79 3.08
C ARG D 12 -17.87 23.66 3.00
N LEU D 13 -17.27 23.85 1.81
CA LEU D 13 -16.11 24.75 1.70
C LEU D 13 -16.43 26.18 2.15
N VAL D 14 -17.56 26.74 1.73
CA VAL D 14 -17.98 28.09 2.19
C VAL D 14 -18.16 28.09 3.71
N GLN D 15 -18.79 27.06 4.26
CA GLN D 15 -19.00 26.95 5.71
C GLN D 15 -17.74 26.96 6.53
N ILE D 16 -16.61 26.44 6.05
CA ILE D 16 -15.38 26.46 6.81
C ILE D 16 -14.59 27.76 6.59
N GLY D 17 -15.11 28.65 5.75
CA GLY D 17 -14.60 30.02 5.62
C GLY D 17 -13.91 30.34 4.30
N LEU D 18 -13.87 29.41 3.35
CA LEU D 18 -13.20 29.72 2.08
C LEU D 18 -13.95 30.82 1.32
N LYS D 19 -13.19 31.81 0.81
CA LYS D 19 -13.77 32.76 -0.12
C LYS D 19 -13.33 32.48 -1.55
N HIS D 20 -12.39 31.52 -1.71
CA HIS D 20 -11.79 31.17 -3.00
C HIS D 20 -11.44 29.66 -2.98
N HIS D 21 -11.47 29.00 -4.14
CA HIS D 21 -10.77 27.70 -4.27
C HIS D 21 -9.98 27.70 -5.60
N PHE D 22 -8.96 26.85 -5.70
CA PHE D 22 -8.01 26.89 -6.84
C PHE D 22 -8.17 25.66 -7.74
N ALA D 23 -7.98 25.78 -9.06
CA ALA D 23 -8.29 24.67 -9.95
C ALA D 23 -7.50 24.73 -11.28
N VAL D 24 -7.30 23.54 -11.86
CA VAL D 24 -6.84 23.35 -13.22
C VAL D 24 -7.80 22.38 -13.92
N ALA D 25 -8.49 22.84 -14.95
CA ALA D 25 -9.48 22.06 -15.65
C ALA D 25 -8.88 20.79 -16.29
N GLY D 26 -9.75 19.79 -16.41
CA GLY D 26 -9.47 18.50 -17.06
C GLY D 26 -10.84 17.84 -17.32
N ASP D 27 -10.99 17.01 -18.34
CA ASP D 27 -12.31 16.44 -18.62
C ASP D 27 -12.92 15.63 -17.46
N TYR D 28 -12.13 15.02 -16.61
CA TYR D 28 -12.68 14.31 -15.44
C TYR D 28 -13.22 15.24 -14.33
N ASN D 29 -12.96 16.55 -14.36
CA ASN D 29 -13.48 17.45 -13.33
C ASN D 29 -14.37 18.57 -13.85
N LEU D 30 -14.67 18.66 -15.14
CA LEU D 30 -15.32 19.89 -15.63
C LEU D 30 -16.73 20.09 -15.05
N VAL D 31 -17.50 19.00 -14.92
CA VAL D 31 -18.87 19.10 -14.37
C VAL D 31 -18.84 19.46 -12.89
N LEU D 32 -17.88 18.88 -12.19
CA LEU D 32 -17.62 19.24 -10.79
C LEU D 32 -17.29 20.73 -10.67
N LEU D 33 -16.44 21.27 -11.57
CA LEU D 33 -16.14 22.71 -11.52
C LEU D 33 -17.41 23.54 -11.74
N ASP D 34 -18.28 23.13 -12.65
CA ASP D 34 -19.55 23.81 -12.88
C ASP D 34 -20.38 23.90 -11.59
N ASN D 35 -20.48 22.78 -10.88
CA ASN D 35 -21.25 22.74 -9.62
C ASN D 35 -20.66 23.67 -8.57
N LEU D 36 -19.35 23.69 -8.43
CA LEU D 36 -18.67 24.55 -7.47
C LEU D 36 -18.92 26.04 -7.76
N LEU D 37 -18.99 26.41 -9.03
CA LEU D 37 -19.25 27.75 -9.51
C LEU D 37 -20.67 28.24 -9.19
N LEU D 38 -21.60 27.34 -8.91
CA LEU D 38 -22.98 27.70 -8.53
C LEU D 38 -23.03 28.40 -7.18
N ASN D 39 -22.07 28.12 -6.31
CA ASN D 39 -22.02 28.81 -5.01
C ASN D 39 -21.29 30.15 -5.18
N LYS D 40 -22.05 31.25 -5.17
CA LYS D 40 -21.45 32.58 -5.36
C LYS D 40 -20.84 33.20 -4.13
N ASN D 41 -20.76 32.48 -3.02
CA ASN D 41 -20.03 32.96 -1.85
C ASN D 41 -18.54 32.66 -1.94
N MET D 42 -18.06 32.04 -3.04
CA MET D 42 -16.60 31.90 -3.17
C MET D 42 -16.24 32.01 -4.66
N GLU D 43 -14.99 32.39 -4.95
CA GLU D 43 -14.56 32.53 -6.35
C GLU D 43 -13.68 31.34 -6.75
N GLN D 44 -13.78 30.91 -7.99
CA GLN D 44 -12.93 29.81 -8.50
C GLN D 44 -11.69 30.41 -9.19
N VAL D 45 -10.49 30.13 -8.72
CA VAL D 45 -9.26 30.78 -9.23
C VAL D 45 -8.41 29.77 -10.04
N TYR D 46 -7.95 30.14 -11.24
CA TYR D 46 -7.27 29.12 -12.08
C TYR D 46 -5.76 29.24 -12.00
N CYS D 47 -5.06 28.10 -12.18
CA CYS D 47 -3.61 28.05 -12.07
C CYS D 47 -2.95 27.52 -13.35
N CYS D 48 -1.64 27.74 -13.49
CA CYS D 48 -0.94 27.31 -14.73
C CYS D 48 -0.75 25.78 -14.80
N ASN D 49 -0.32 25.21 -13.67
CA ASN D 49 -0.13 23.75 -13.61
C ASN D 49 -0.55 23.27 -12.22
N GLU D 50 -0.57 21.95 -12.03
CA GLU D 50 -1.16 21.38 -10.78
C GLU D 50 -0.21 21.43 -9.62
N LEU D 51 1.12 21.38 -9.82
CA LEU D 51 2.02 21.58 -8.69
C LEU D 51 1.84 22.98 -8.10
N ASN D 52 1.75 23.98 -8.98
CA ASN D 52 1.51 25.38 -8.59
C ASN D 52 0.09 25.55 -8.00
N CYS D 53 -0.90 24.81 -8.52
CA CYS D 53 -2.26 24.87 -7.97
C CYS D 53 -2.27 24.43 -6.50
N GLY D 54 -1.68 23.28 -6.23
CA GLY D 54 -1.45 22.79 -4.88
C GLY D 54 -0.75 23.79 -3.97
N PHE D 55 0.37 24.38 -4.44
CA PHE D 55 1.10 25.34 -3.61
C PHE D 55 0.34 26.67 -3.44
N SER D 56 -0.48 27.04 -4.41
CA SER D 56 -1.34 28.23 -4.29
C SER D 56 -2.34 27.99 -3.13
N ALA D 57 -2.97 26.81 -3.07
CA ALA D 57 -3.86 26.47 -1.97
C ALA D 57 -3.11 26.45 -0.64
N GLU D 58 -1.88 25.96 -0.63
CA GLU D 58 -1.04 25.96 0.57
C GLU D 58 -0.83 27.38 1.09
N GLY D 59 -0.47 28.31 0.19
CA GLY D 59 -0.32 29.72 0.55
C GLY D 59 -1.60 30.37 1.05
N TYR D 60 -2.72 30.10 0.40
CA TYR D 60 -4.04 30.58 0.82
C TYR D 60 -4.44 30.10 2.22
N ALA D 61 -4.19 28.83 2.54
CA ALA D 61 -4.39 28.32 3.91
C ALA D 61 -3.56 29.02 4.95
N ARG D 62 -2.36 29.53 4.61
CA ARG D 62 -1.57 30.32 5.54
C ARG D 62 -2.28 31.65 5.84
N ALA D 63 -2.92 32.24 4.84
CA ALA D 63 -3.65 33.49 5.01
C ALA D 63 -5.00 33.30 5.69
N LYS D 64 -5.77 32.27 5.29
CA LYS D 64 -7.14 32.13 5.79
C LYS D 64 -7.42 30.92 6.69
N GLY D 65 -6.47 30.00 6.89
CA GLY D 65 -6.72 28.89 7.81
C GLY D 65 -7.01 27.57 7.11
N ALA D 66 -7.55 27.59 5.89
CA ALA D 66 -7.85 26.38 5.14
C ALA D 66 -7.96 26.74 3.65
N ALA D 67 -7.95 25.72 2.80
CA ALA D 67 -7.95 25.96 1.34
C ALA D 67 -8.35 24.71 0.57
N ALA D 68 -8.71 24.88 -0.70
CA ALA D 68 -9.03 23.72 -1.53
C ALA D 68 -8.42 23.88 -2.95
N ALA D 69 -8.02 22.74 -3.52
CA ALA D 69 -7.47 22.67 -4.87
C ALA D 69 -8.16 21.55 -5.65
N VAL D 70 -8.56 21.83 -6.89
CA VAL D 70 -9.30 20.88 -7.72
C VAL D 70 -8.51 20.51 -8.98
N VAL D 71 -8.22 19.23 -9.18
CA VAL D 71 -7.37 18.81 -10.32
C VAL D 71 -8.00 17.63 -11.07
N THR D 72 -7.41 17.26 -12.22
CA THR D 72 -7.92 16.12 -12.98
C THR D 72 -7.21 14.82 -12.60
N TYR D 73 -7.83 13.67 -12.88
CA TYR D 73 -7.30 12.37 -12.48
C TYR D 73 -5.86 12.08 -12.95
N SER D 74 -4.99 11.64 -12.07
CA SER D 74 -3.68 11.07 -12.41
C SER D 74 -2.64 12.05 -12.93
N VAL D 75 -2.82 12.58 -14.15
CA VAL D 75 -1.89 13.59 -14.66
C VAL D 75 -1.96 14.88 -13.83
N GLY D 76 -3.12 15.23 -13.26
CA GLY D 76 -3.23 16.43 -12.42
C GLY D 76 -2.92 16.13 -10.96
N ALA D 77 -3.39 15.00 -10.45
CA ALA D 77 -3.22 14.71 -9.03
C ALA D 77 -1.80 14.29 -8.66
N LEU D 78 -1.09 13.50 -9.51
CA LEU D 78 0.23 13.03 -9.12
C LEU D 78 1.24 14.15 -8.88
N SER D 79 1.24 15.21 -9.70
CA SER D 79 2.11 16.37 -9.41
C SER D 79 1.61 17.16 -8.20
N ALA D 80 0.29 17.35 -8.08
CA ALA D 80 -0.31 18.02 -6.92
C ALA D 80 0.00 17.32 -5.61
N PHE D 81 0.19 16.00 -5.63
CA PHE D 81 0.70 15.27 -4.46
C PHE D 81 1.95 15.85 -3.86
N ASP D 82 2.93 16.39 -4.63
CA ASP D 82 4.10 16.99 -4.01
C ASP D 82 3.71 18.17 -3.11
N ALA D 83 2.80 19.01 -3.59
CA ALA D 83 2.28 20.14 -2.80
C ALA D 83 1.41 19.67 -1.62
N ILE D 84 0.64 18.60 -1.79
CA ILE D 84 -0.18 18.07 -0.68
C ILE D 84 0.69 17.47 0.41
N GLY D 85 1.75 16.73 0.03
CA GLY D 85 2.76 16.32 1.02
C GLY D 85 3.34 17.57 1.69
N GLY D 86 3.61 18.63 0.94
CA GLY D 86 4.04 19.91 1.52
C GLY D 86 3.04 20.43 2.56
N ALA D 87 1.74 20.42 2.26
CA ALA D 87 0.73 20.87 3.24
C ALA D 87 0.74 20.02 4.51
N TYR D 88 0.92 18.70 4.36
CA TYR D 88 1.04 17.79 5.48
C TYR D 88 2.23 18.16 6.36
N ALA D 89 3.40 18.37 5.74
CA ALA D 89 4.62 18.75 6.42
C ALA D 89 4.48 20.10 7.14
N GLU D 90 3.72 21.03 6.56
CA GLU D 90 3.63 22.39 7.14
C GLU D 90 2.33 22.59 7.94
N ASN D 91 1.57 21.52 8.22
CA ASN D 91 0.38 21.57 9.06
C ASN D 91 -0.73 22.51 8.61
N LEU D 92 -1.10 22.40 7.34
CA LEU D 92 -2.14 23.23 6.75
C LEU D 92 -3.26 22.38 6.21
N PRO D 93 -4.51 22.75 6.53
CA PRO D 93 -5.67 22.01 6.05
C PRO D 93 -5.99 22.34 4.61
N VAL D 94 -5.32 21.62 3.69
CA VAL D 94 -5.58 21.79 2.25
C VAL D 94 -6.41 20.58 1.78
N ILE D 95 -7.55 20.84 1.18
CA ILE D 95 -8.39 19.75 0.66
C ILE D 95 -8.10 19.57 -0.83
N LEU D 96 -7.45 18.45 -1.19
CA LEU D 96 -7.29 18.13 -2.62
C LEU D 96 -8.50 17.36 -3.13
N ILE D 97 -9.16 17.87 -4.16
CA ILE D 97 -10.27 17.15 -4.77
C ILE D 97 -9.87 16.80 -6.23
N SER D 98 -9.88 15.51 -6.56
CA SER D 98 -9.56 15.06 -7.92
C SER D 98 -10.84 14.59 -8.60
N GLY D 99 -10.99 14.97 -9.87
CA GLY D 99 -11.91 14.27 -10.77
C GLY D 99 -11.42 12.81 -10.90
N ALA D 100 -12.33 11.93 -11.29
CA ALA D 100 -12.01 10.50 -11.43
C ALA D 100 -12.92 9.87 -12.48
N PRO D 101 -12.62 8.62 -12.85
CA PRO D 101 -13.35 7.91 -13.88
C PRO D 101 -14.84 7.80 -13.62
N ASN D 102 -15.57 7.72 -14.73
CA ASN D 102 -16.98 7.40 -14.78
C ASN D 102 -17.18 6.15 -13.92
N ASN D 103 -18.27 6.08 -13.13
CA ASN D 103 -18.36 4.98 -12.16
C ASN D 103 -18.70 3.64 -12.80
N ASN D 104 -19.12 3.62 -14.06
CA ASN D 104 -19.26 2.37 -14.82
C ASN D 104 -17.95 1.71 -15.24
N ASP D 105 -16.82 2.41 -15.18
CA ASP D 105 -15.55 1.83 -15.63
C ASP D 105 -14.83 0.98 -14.60
N HIS D 106 -15.32 0.89 -13.36
CA HIS D 106 -14.71 -0.02 -12.38
C HIS D 106 -15.20 -1.44 -12.63
N ALA D 107 -14.29 -2.43 -12.51
CA ALA D 107 -14.65 -3.84 -12.73
C ALA D 107 -15.28 -4.08 -14.09
N ALA D 108 -14.75 -3.44 -15.14
CA ALA D 108 -15.36 -3.52 -16.46
C ALA D 108 -14.35 -3.89 -17.57
N GLY D 109 -13.11 -4.11 -17.19
CA GLY D 109 -11.97 -4.36 -18.10
C GLY D 109 -11.72 -3.17 -19.04
N HIS D 110 -11.89 -1.95 -18.52
CA HIS D 110 -11.76 -0.76 -19.35
C HIS D 110 -10.44 -0.03 -19.09
N VAL D 111 -9.68 0.22 -20.18
CA VAL D 111 -8.46 1.03 -20.06
C VAL D 111 -8.81 2.49 -20.31
N LEU D 112 -8.38 3.41 -19.46
CA LEU D 112 -8.78 4.81 -19.61
C LEU D 112 -7.61 5.78 -19.81
N HIS D 113 -7.88 6.88 -20.50
CA HIS D 113 -6.88 7.95 -20.69
C HIS D 113 -6.45 8.52 -19.35
N HIS D 114 -5.20 9.01 -19.26
CA HIS D 114 -4.55 9.58 -18.13
C HIS D 114 -4.09 8.55 -17.09
N ALA D 115 -4.43 7.27 -17.27
CA ALA D 115 -4.05 6.25 -16.30
C ALA D 115 -2.92 5.38 -16.87
N LEU D 116 -2.52 4.33 -16.18
CA LEU D 116 -1.29 3.61 -16.51
C LEU D 116 -1.38 2.62 -17.67
N GLY D 117 -2.57 2.39 -18.21
CA GLY D 117 -2.74 1.42 -19.28
C GLY D 117 -3.36 0.12 -18.77
N LYS D 118 -3.60 0.06 -17.46
CA LYS D 118 -4.26 -1.12 -16.85
C LYS D 118 -5.75 -0.79 -16.63
N THR D 119 -6.50 -1.73 -16.05
CA THR D 119 -7.95 -1.57 -15.97
C THR D 119 -8.48 -1.31 -14.54
N ASP D 120 -7.59 -1.05 -13.61
CA ASP D 120 -8.04 -0.80 -12.22
C ASP D 120 -7.58 0.61 -11.84
N TYR D 121 -8.41 1.30 -11.03
CA TYR D 121 -8.26 2.71 -10.69
C TYR D 121 -8.28 3.05 -9.21
N HIS D 122 -7.70 2.19 -8.38
CA HIS D 122 -7.48 2.54 -6.98
C HIS D 122 -6.06 2.99 -6.68
N TYR D 123 -5.10 2.95 -7.63
CA TYR D 123 -3.72 3.35 -7.33
C TYR D 123 -3.60 4.81 -6.83
N GLN D 124 -4.34 5.74 -7.39
CA GLN D 124 -4.21 7.16 -6.98
C GLN D 124 -4.69 7.33 -5.52
N LEU D 125 -5.85 6.74 -5.20
CA LEU D 125 -6.35 6.76 -3.81
C LEU D 125 -5.32 6.16 -2.86
N GLU D 126 -4.77 4.99 -3.19
CA GLU D 126 -3.79 4.32 -2.36
C GLU D 126 -2.51 5.11 -2.21
N MET D 127 -2.03 5.79 -3.27
CA MET D 127 -0.91 6.71 -3.14
C MET D 127 -1.25 7.88 -2.21
N ALA D 128 -2.44 8.48 -2.35
CA ALA D 128 -2.84 9.63 -1.53
C ALA D 128 -2.94 9.33 -0.04
N LYS D 129 -3.21 8.07 0.34
CA LYS D 129 -3.28 7.69 1.75
C LYS D 129 -1.95 7.91 2.48
N ASN D 130 -0.81 7.86 1.77
CA ASN D 130 0.51 8.02 2.36
C ASN D 130 0.78 9.47 2.78
N ILE D 131 0.09 10.48 2.26
CA ILE D 131 0.52 11.85 2.51
C ILE D 131 -0.66 12.72 2.99
N THR D 132 -1.75 12.08 3.43
CA THR D 132 -2.94 12.79 3.89
C THR D 132 -3.42 12.29 5.26
N ALA D 133 -4.28 13.04 5.95
CA ALA D 133 -4.88 12.56 7.22
C ALA D 133 -6.16 11.74 7.02
N ALA D 134 -6.81 11.92 5.88
CA ALA D 134 -7.98 11.21 5.46
C ALA D 134 -8.02 11.22 3.91
N ALA D 135 -8.54 10.13 3.36
CA ALA D 135 -8.58 10.01 1.89
C ALA D 135 -9.72 9.07 1.52
N GLU D 136 -10.67 9.62 0.76
CA GLU D 136 -11.90 8.95 0.42
C GLU D 136 -12.17 9.06 -1.09
N ALA D 137 -12.53 7.91 -1.67
CA ALA D 137 -13.04 7.95 -3.04
C ALA D 137 -14.56 7.91 -3.00
N ILE D 138 -15.19 8.74 -3.82
CA ILE D 138 -16.66 8.74 -3.92
C ILE D 138 -17.08 8.19 -5.28
N TYR D 139 -17.81 7.07 -5.26
CA TYR D 139 -18.26 6.40 -6.48
C TYR D 139 -19.76 6.53 -6.69
N THR D 140 -20.55 6.75 -5.63
CA THR D 140 -22.00 6.95 -5.76
C THR D 140 -22.42 8.22 -5.01
N PRO D 141 -23.49 8.89 -5.42
CA PRO D 141 -23.92 10.14 -4.79
C PRO D 141 -24.38 10.00 -3.34
N GLU D 142 -24.95 8.84 -2.97
CA GLU D 142 -25.45 8.61 -1.62
C GLU D 142 -24.30 8.55 -0.64
N GLU D 143 -23.10 8.15 -1.09
CA GLU D 143 -21.92 8.06 -0.24
C GLU D 143 -21.20 9.39 -0.05
N ALA D 144 -21.52 10.42 -0.82
CA ALA D 144 -20.72 11.65 -0.80
C ALA D 144 -20.79 12.47 0.47
N PRO D 145 -21.98 12.71 1.02
CA PRO D 145 -22.13 13.56 2.22
C PRO D 145 -21.28 13.09 3.36
N ALA D 146 -21.33 11.79 3.67
CA ALA D 146 -20.51 11.25 4.76
C ALA D 146 -19.01 11.35 4.48
N LYS D 147 -18.54 11.09 3.25
CA LYS D 147 -17.10 11.13 2.95
C LYS D 147 -16.60 12.58 2.97
N ILE D 148 -17.39 13.49 2.42
CA ILE D 148 -17.03 14.92 2.44
C ILE D 148 -16.95 15.44 3.87
N ASP D 149 -18.00 15.18 4.67
CA ASP D 149 -17.99 15.65 6.07
C ASP D 149 -16.82 15.06 6.83
N HIS D 150 -16.57 13.76 6.70
CA HIS D 150 -15.44 13.13 7.38
C HIS D 150 -14.10 13.78 7.06
N VAL D 151 -13.74 13.94 5.77
CA VAL D 151 -12.44 14.51 5.41
C VAL D 151 -12.34 15.99 5.82
N ILE D 152 -13.41 16.77 5.69
CA ILE D 152 -13.32 18.18 6.11
C ILE D 152 -13.18 18.31 7.64
N LYS D 153 -13.97 17.54 8.42
CA LYS D 153 -13.74 17.57 9.87
C LYS D 153 -12.32 17.14 10.21
N THR D 154 -11.83 16.06 9.58
CA THR D 154 -10.47 15.59 9.83
C THR D 154 -9.44 16.67 9.54
N ALA D 155 -9.50 17.32 8.38
CA ALA D 155 -8.50 18.35 8.04
C ALA D 155 -8.41 19.48 9.06
N LEU D 156 -9.56 20.03 9.47
CA LEU D 156 -9.65 21.10 10.44
C LEU D 156 -9.13 20.69 11.82
N ARG D 157 -9.53 19.51 12.33
CA ARG D 157 -9.11 19.15 13.68
C ARG D 157 -7.65 18.70 13.71
N GLU D 158 -7.17 18.02 12.65
CA GLU D 158 -5.75 17.59 12.65
C GLU D 158 -4.81 18.66 12.07
N LYS D 159 -5.33 19.68 11.42
CA LYS D 159 -4.49 20.66 10.73
C LYS D 159 -3.59 19.93 9.72
N LYS D 160 -4.20 19.12 8.86
CA LYS D 160 -3.50 18.33 7.84
C LYS D 160 -4.37 18.32 6.59
N PRO D 161 -3.72 18.06 5.44
CA PRO D 161 -4.43 17.97 4.17
C PRO D 161 -5.15 16.63 4.07
N VAL D 162 -6.15 16.59 3.24
CA VAL D 162 -7.01 15.44 2.98
C VAL D 162 -7.26 15.33 1.47
N TYR D 163 -7.71 14.15 1.07
CA TYR D 163 -7.96 13.82 -0.32
C TYR D 163 -9.40 13.34 -0.56
N LEU D 164 -9.96 13.79 -1.68
CA LEU D 164 -11.22 13.29 -2.18
C LEU D 164 -11.05 13.08 -3.72
N GLU D 165 -11.67 12.00 -4.20
CA GLU D 165 -11.91 11.92 -5.63
C GLU D 165 -13.40 11.68 -5.87
N ILE D 166 -13.92 12.21 -6.96
CA ILE D 166 -15.34 12.16 -7.28
C ILE D 166 -15.51 11.66 -8.71
N ALA D 167 -16.21 10.52 -8.86
CA ALA D 167 -16.47 10.00 -10.20
C ALA D 167 -17.09 11.10 -11.05
N CYS D 168 -16.61 11.26 -12.30
CA CYS D 168 -16.98 12.43 -13.09
C CYS D 168 -18.47 12.44 -13.42
N ASN D 169 -19.15 11.28 -13.51
CA ASN D 169 -20.57 11.25 -13.85
C ASN D 169 -21.52 11.40 -12.67
N ILE D 170 -21.06 11.69 -11.46
CA ILE D 170 -21.98 11.83 -10.31
C ILE D 170 -21.95 13.23 -9.70
N ALA D 171 -21.10 14.12 -10.23
CA ALA D 171 -20.95 15.47 -9.69
C ALA D 171 -22.25 16.27 -9.63
N SER D 172 -23.17 16.08 -10.56
CA SER D 172 -24.45 16.79 -10.57
C SER D 172 -25.61 15.96 -10.01
N MET D 173 -25.34 14.79 -9.45
CA MET D 173 -26.41 13.95 -8.89
C MET D 173 -26.86 14.45 -7.51
N PRO D 174 -28.15 14.34 -7.21
CA PRO D 174 -28.71 14.83 -5.96
C PRO D 174 -28.23 14.03 -4.75
N CYS D 175 -28.16 14.71 -3.62
CA CYS D 175 -27.85 14.10 -2.33
C CYS D 175 -28.50 14.94 -1.22
N ALA D 176 -28.39 14.49 0.02
CA ALA D 176 -28.95 15.22 1.17
C ALA D 176 -28.29 16.60 1.30
N ALA D 177 -28.96 17.48 2.04
CA ALA D 177 -28.43 18.84 2.26
C ALA D 177 -27.51 18.82 3.47
N PRO D 178 -26.53 19.73 3.50
CA PRO D 178 -25.62 19.84 4.61
C PRO D 178 -26.27 20.52 5.83
N GLY D 179 -25.98 20.03 7.03
CA GLY D 179 -26.49 20.61 8.28
C GLY D 179 -25.72 21.90 8.62
N PRO D 180 -25.84 22.33 9.88
CA PRO D 180 -25.17 23.53 10.37
C PRO D 180 -23.65 23.47 10.28
N ALA D 181 -23.03 24.63 10.05
CA ALA D 181 -21.57 24.74 9.96
C ALA D 181 -20.88 24.44 11.28
N SER D 182 -21.51 24.73 12.43
CA SER D 182 -20.92 24.45 13.73
C SER D 182 -20.46 23.01 13.88
N ALA D 183 -21.15 22.01 13.33
CA ALA D 183 -20.73 20.61 13.38
C ALA D 183 -19.32 20.33 12.82
N LEU D 184 -18.85 21.11 11.83
CA LEU D 184 -17.53 20.90 11.22
C LEU D 184 -16.36 21.27 12.10
N PHE D 185 -16.59 22.15 13.09
CA PHE D 185 -15.54 22.59 13.98
C PHE D 185 -15.54 21.86 15.31
N ASN D 186 -16.46 20.92 15.48
CA ASN D 186 -16.63 20.08 16.63
C ASN D 186 -15.38 19.24 16.86
N ASP D 187 -14.73 19.47 17.98
CA ASP D 187 -13.48 18.80 18.33
C ASP D 187 -13.48 18.45 19.82
N GLU D 188 -12.66 17.51 20.23
CA GLU D 188 -12.49 17.19 21.64
C GLU D 188 -12.16 18.43 22.47
N ALA D 189 -12.66 18.56 23.70
CA ALA D 189 -12.07 19.61 24.55
C ALA D 189 -10.90 18.97 25.30
N SER D 190 -10.09 19.77 26.00
CA SER D 190 -9.05 19.23 26.84
C SER D 190 -9.71 18.33 27.93
N ASP D 191 -9.14 17.18 28.24
CA ASP D 191 -9.57 16.43 29.41
C ASP D 191 -9.25 17.27 30.65
N GLU D 192 -10.31 17.57 31.42
CA GLU D 192 -10.17 18.45 32.59
C GLU D 192 -9.10 17.99 33.56
N ALA D 193 -9.19 16.75 34.04
CA ALA D 193 -8.21 16.26 35.01
C ALA D 193 -6.78 16.31 34.45
N SER D 194 -6.60 15.93 33.16
CA SER D 194 -5.24 15.98 32.57
C SER D 194 -4.70 17.40 32.43
N LEU D 195 -5.54 18.33 32.01
CA LEU D 195 -5.15 19.74 31.85
C LEU D 195 -4.65 20.28 33.18
N ASN D 196 -5.48 20.06 34.23
CA ASN D 196 -5.10 20.54 35.55
C ASN D 196 -3.85 19.85 36.07
N ALA D 197 -3.71 18.52 35.86
CA ALA D 197 -2.52 17.81 36.26
C ALA D 197 -1.27 18.24 35.47
N ALA D 198 -1.40 18.42 34.15
CA ALA D 198 -0.25 18.91 33.37
C ALA D 198 0.22 20.27 33.89
N VAL D 199 -0.72 21.18 34.17
CA VAL D 199 -0.34 22.49 34.75
C VAL D 199 0.36 22.32 36.08
N ASP D 200 -0.24 21.53 36.98
CA ASP D 200 0.34 21.30 38.29
C ASP D 200 1.75 20.69 38.22
N GLU D 201 1.97 19.69 37.34
CA GLU D 201 3.29 19.07 37.25
C GLU D 201 4.35 20.01 36.65
N THR D 202 3.92 20.93 35.80
CA THR D 202 4.82 21.99 35.30
C THR D 202 5.26 22.89 36.46
N LEU D 203 4.31 23.32 37.31
CA LEU D 203 4.66 24.15 38.46
C LEU D 203 5.60 23.39 39.37
N LYS D 204 5.30 22.11 39.63
CA LYS D 204 6.21 21.27 40.40
C LYS D 204 7.61 21.21 39.78
N PHE D 205 7.71 21.02 38.46
CA PHE D 205 8.99 20.90 37.76
C PHE D 205 9.84 22.18 37.84
N ILE D 206 9.22 23.35 37.70
CA ILE D 206 10.00 24.60 37.76
C ILE D 206 10.05 25.22 39.14
N ALA D 207 9.48 24.55 40.15
CA ALA D 207 9.43 25.12 41.51
C ALA D 207 10.83 25.49 42.00
N ASN D 208 11.81 24.60 41.82
CA ASN D 208 13.17 24.88 42.26
C ASN D 208 14.15 25.08 41.11
N ARG D 209 13.67 25.60 39.99
CA ARG D 209 14.53 25.90 38.83
C ARG D 209 14.52 27.40 38.55
N ASP D 210 15.65 28.09 38.72
CA ASP D 210 15.66 29.55 38.57
C ASP D 210 15.50 30.05 37.14
N LYS D 211 16.27 29.47 36.22
CA LYS D 211 16.31 30.02 34.86
C LYS D 211 15.41 29.16 33.97
N VAL D 212 14.25 29.72 33.65
CA VAL D 212 13.24 29.07 32.82
C VAL D 212 13.16 29.85 31.51
N ALA D 213 13.54 29.22 30.42
CA ALA D 213 13.50 29.82 29.09
C ALA D 213 12.38 29.19 28.28
N VAL D 214 11.75 30.01 27.43
CA VAL D 214 10.66 29.53 26.60
C VAL D 214 11.13 29.48 25.14
N LEU D 215 10.95 28.31 24.51
CA LEU D 215 11.39 28.17 23.11
C LEU D 215 10.16 27.95 22.24
N VAL D 216 9.87 28.94 21.40
CA VAL D 216 8.65 28.95 20.59
C VAL D 216 8.88 28.14 19.31
N GLY D 217 7.99 27.18 19.04
CA GLY D 217 8.15 26.27 17.92
C GLY D 217 7.18 26.50 16.78
N SER D 218 7.44 25.84 15.63
CA SER D 218 6.71 26.15 14.41
C SER D 218 5.36 25.45 14.24
N LYS D 219 4.89 24.69 15.24
CA LYS D 219 3.50 24.25 15.26
C LYS D 219 2.60 25.07 16.20
N LEU D 220 3.09 26.23 16.67
CA LEU D 220 2.30 27.08 17.58
C LEU D 220 1.03 27.59 16.94
N ARG D 221 1.09 28.01 15.67
CA ARG D 221 -0.12 28.48 14.99
C ARG D 221 -1.09 27.33 14.75
N ALA D 222 -0.58 26.15 14.41
CA ALA D 222 -1.44 24.99 14.18
C ALA D 222 -2.25 24.66 15.45
N ALA D 223 -1.61 24.83 16.60
CA ALA D 223 -2.31 24.67 17.89
C ALA D 223 -3.24 25.82 18.24
N GLY D 224 -3.25 26.93 17.49
CA GLY D 224 -4.12 28.07 17.75
C GLY D 224 -3.74 28.74 19.08
N ALA D 225 -2.45 28.68 19.42
CA ALA D 225 -1.97 29.09 20.72
C ALA D 225 -1.05 30.30 20.76
N GLU D 226 -1.04 31.15 19.71
CA GLU D 226 -0.09 32.26 19.69
C GLU D 226 -0.48 33.26 20.80
N GLU D 227 -1.77 33.62 20.88
CA GLU D 227 -2.22 34.57 21.92
C GLU D 227 -2.04 34.02 23.33
N ALA D 228 -2.35 32.76 23.58
CA ALA D 228 -2.15 32.13 24.88
C ALA D 228 -0.69 32.09 25.28
N ALA D 229 0.23 31.86 24.30
CA ALA D 229 1.65 31.87 24.61
C ALA D 229 2.08 33.20 25.25
N VAL D 230 1.61 34.32 24.71
CA VAL D 230 1.98 35.63 25.25
C VAL D 230 1.40 35.79 26.66
N LYS D 231 0.17 35.32 26.90
CA LYS D 231 -0.39 35.36 28.26
C LYS D 231 0.58 34.69 29.22
N PHE D 232 1.00 33.46 28.88
CA PHE D 232 1.93 32.71 29.70
C PHE D 232 3.29 33.39 29.86
N THR D 233 3.92 33.82 28.74
CA THR D 233 5.27 34.38 28.82
C THR D 233 5.27 35.71 29.61
N ASP D 234 4.23 36.52 29.45
CA ASP D 234 4.09 37.75 30.24
C ASP D 234 3.94 37.44 31.74
N ALA D 235 3.24 36.35 32.09
CA ALA D 235 3.11 35.97 33.49
C ALA D 235 4.43 35.46 34.05
N LEU D 236 5.15 34.62 33.29
CA LEU D 236 6.42 34.04 33.69
C LEU D 236 7.52 35.10 33.80
N GLY D 237 7.64 35.96 32.80
CA GLY D 237 8.73 36.93 32.74
C GLY D 237 10.12 36.36 32.44
N GLY D 238 10.20 35.14 31.89
CA GLY D 238 11.48 34.54 31.51
C GLY D 238 11.84 34.90 30.05
N ALA D 239 13.09 34.61 29.65
CA ALA D 239 13.54 34.83 28.28
C ALA D 239 12.74 34.00 27.28
N VAL D 240 12.35 34.62 26.18
CA VAL D 240 11.62 33.94 25.11
C VAL D 240 12.41 34.02 23.78
N ALA D 241 12.64 32.86 23.16
CA ALA D 241 13.32 32.79 21.86
C ALA D 241 12.48 32.01 20.86
N THR D 242 12.57 32.35 19.58
CA THR D 242 11.87 31.61 18.55
C THR D 242 12.82 30.70 17.74
N MET D 243 12.34 29.49 17.45
CA MET D 243 13.12 28.61 16.55
C MET D 243 13.01 29.24 15.16
N ALA D 244 13.92 28.92 14.23
CA ALA D 244 13.94 29.59 12.92
C ALA D 244 12.59 29.59 12.23
N ALA D 245 11.92 28.43 12.13
CA ALA D 245 10.67 28.25 11.43
C ALA D 245 9.44 28.88 12.11
N ALA D 246 9.58 29.30 13.36
CA ALA D 246 8.52 29.96 14.12
C ALA D 246 8.62 31.49 14.06
N LYS D 247 9.44 32.03 13.14
CA LYS D 247 9.53 33.50 13.07
C LYS D 247 8.17 34.12 12.81
N SER D 248 7.80 35.11 13.62
CA SER D 248 6.56 35.87 13.61
C SER D 248 5.41 35.18 14.37
N PHE D 249 5.67 34.04 15.02
CA PHE D 249 4.63 33.39 15.84
C PHE D 249 4.71 33.87 17.29
N PHE D 250 5.61 34.80 17.57
CA PHE D 250 5.73 35.45 18.87
C PHE D 250 6.09 36.93 18.59
N PRO D 251 5.56 37.86 19.38
CA PRO D 251 5.79 39.29 19.18
C PRO D 251 7.23 39.69 19.48
N GLU D 252 7.93 40.26 18.49
CA GLU D 252 9.34 40.61 18.66
C GLU D 252 9.53 41.89 19.45
N GLU D 253 8.49 42.72 19.62
CA GLU D 253 8.58 43.94 20.42
C GLU D 253 8.15 43.70 21.88
N ASN D 254 7.85 42.46 22.21
CA ASN D 254 7.61 42.03 23.59
C ASN D 254 8.87 42.18 24.40
N ALA D 255 8.72 42.63 25.65
CA ALA D 255 9.85 42.90 26.52
C ALA D 255 10.69 41.68 26.87
N LEU D 256 10.14 40.46 26.82
CA LEU D 256 10.88 39.24 27.12
C LEU D 256 11.50 38.55 25.91
N TYR D 257 11.28 39.05 24.71
CA TYR D 257 11.85 38.42 23.50
C TYR D 257 13.35 38.63 23.37
N ILE D 258 14.12 37.53 23.15
CA ILE D 258 15.58 37.69 23.02
C ILE D 258 16.09 37.36 21.61
N GLY D 259 15.21 37.00 20.67
CA GLY D 259 15.67 36.74 19.31
C GLY D 259 15.61 35.28 18.88
N THR D 260 16.34 34.96 17.79
CA THR D 260 16.34 33.61 17.22
C THR D 260 17.23 32.61 17.92
N SER D 261 16.66 31.45 18.25
CA SER D 261 17.45 30.30 18.71
C SER D 261 17.62 29.31 17.55
N TRP D 262 18.86 29.13 17.06
CA TRP D 262 19.18 28.25 15.94
C TRP D 262 20.63 27.78 16.02
N GLY D 263 20.98 27.18 17.15
CA GLY D 263 22.33 26.64 17.36
C GLY D 263 23.39 27.71 17.17
N GLU D 264 24.46 27.39 16.40
CA GLU D 264 25.56 28.35 16.21
C GLU D 264 25.22 29.53 15.31
N VAL D 265 24.04 29.57 14.71
CA VAL D 265 23.60 30.77 14.00
C VAL D 265 22.44 31.47 14.73
N SER D 266 22.45 31.38 16.05
CA SER D 266 21.48 32.11 16.89
C SER D 266 21.83 33.60 16.98
N TYR D 267 20.88 34.43 17.45
CA TYR D 267 21.20 35.85 17.69
C TYR D 267 22.15 35.92 18.87
N PRO D 268 22.87 37.04 19.02
CA PRO D 268 23.93 37.13 20.01
C PRO D 268 23.38 36.87 21.41
N GLY D 269 24.04 36.02 22.19
CA GLY D 269 23.61 35.74 23.56
C GLY D 269 22.56 34.64 23.70
N VAL D 270 21.86 34.27 22.63
CA VAL D 270 20.72 33.34 22.78
C VAL D 270 21.19 31.91 23.01
N GLU D 271 22.18 31.45 22.23
CA GLU D 271 22.72 30.11 22.39
C GLU D 271 23.21 29.85 23.81
N LYS D 272 24.01 30.79 24.34
CA LYS D 272 24.49 30.71 25.72
C LYS D 272 23.33 30.73 26.74
N THR D 273 22.29 31.54 26.51
CA THR D 273 21.14 31.60 27.43
C THR D 273 20.36 30.28 27.48
N MET D 274 20.11 29.69 26.32
CA MET D 274 19.44 28.39 26.23
C MET D 274 20.25 27.30 26.91
N LYS D 275 21.57 27.32 26.70
CA LYS D 275 22.49 26.35 27.29
C LYS D 275 22.48 26.42 28.81
N GLU D 276 22.38 27.62 29.40
CA GLU D 276 22.47 27.80 30.83
C GLU D 276 21.12 27.71 31.55
N ALA D 277 20.03 27.63 30.79
CA ALA D 277 18.69 27.52 31.39
C ALA D 277 18.61 26.27 32.26
N ASP D 278 17.81 26.36 33.33
CA ASP D 278 17.56 25.20 34.20
C ASP D 278 16.38 24.41 33.67
N ALA D 279 15.51 25.09 32.92
CA ALA D 279 14.36 24.43 32.31
C ALA D 279 14.05 25.12 30.98
N VAL D 280 13.74 24.29 29.97
CA VAL D 280 13.30 24.86 28.70
C VAL D 280 11.85 24.45 28.45
N ILE D 281 10.95 25.43 28.30
CA ILE D 281 9.56 25.08 27.99
C ILE D 281 9.38 25.25 26.47
N ALA D 282 9.31 24.12 25.75
CA ALA D 282 9.25 24.18 24.29
C ALA D 282 7.80 24.13 23.84
N LEU D 283 7.38 25.17 23.13
CA LEU D 283 5.98 25.26 22.70
C LEU D 283 5.84 24.78 21.26
N ALA D 284 5.26 23.59 21.11
CA ALA D 284 5.03 22.94 19.83
C ALA D 284 6.21 23.04 18.85
N PRO D 285 7.37 22.51 19.24
CA PRO D 285 8.56 22.50 18.36
C PRO D 285 8.61 21.36 17.36
N VAL D 286 9.37 21.61 16.30
CA VAL D 286 9.74 20.58 15.30
C VAL D 286 11.27 20.45 15.32
N PHE D 287 11.78 19.32 15.84
CA PHE D 287 13.23 19.12 15.91
C PHE D 287 13.63 18.16 14.78
N ASN D 288 14.26 18.70 13.73
CA ASN D 288 14.67 17.86 12.59
C ASN D 288 16.14 18.14 12.29
N ASP D 289 16.70 17.58 11.21
CA ASP D 289 18.13 17.76 10.89
C ASP D 289 18.51 19.20 10.56
N TYR D 290 17.61 19.99 10.03
CA TYR D 290 17.86 21.42 9.74
C TYR D 290 17.67 22.35 10.92
N SER D 291 16.61 22.14 11.72
CA SER D 291 16.33 23.02 12.87
C SER D 291 17.29 22.79 14.01
N THR D 292 17.93 21.62 14.07
CA THR D 292 18.96 21.29 15.04
C THR D 292 20.37 21.59 14.48
N THR D 293 20.46 22.23 13.32
CA THR D 293 21.73 22.60 12.67
C THR D 293 22.63 21.37 12.52
N GLY D 294 22.13 20.41 11.75
CA GLY D 294 22.84 19.15 11.50
C GLY D 294 23.02 18.30 12.74
N TRP D 295 22.03 18.29 13.63
CA TRP D 295 22.02 17.54 14.88
C TRP D 295 23.07 18.01 15.89
N THR D 296 23.50 19.27 15.77
CA THR D 296 24.47 19.81 16.72
C THR D 296 23.75 20.52 17.87
N ASP D 297 22.49 20.87 17.71
CA ASP D 297 21.78 21.66 18.74
C ASP D 297 20.44 21.01 19.09
N ILE D 298 20.47 20.14 20.08
CA ILE D 298 19.32 19.34 20.54
C ILE D 298 19.07 19.66 22.02
N PRO D 299 17.83 19.95 22.41
CA PRO D 299 17.50 20.30 23.78
C PRO D 299 17.85 19.19 24.78
N ASP D 300 18.43 19.60 25.88
CA ASP D 300 18.72 18.70 27.01
C ASP D 300 17.44 18.03 27.49
N PRO D 301 17.33 16.71 27.29
CA PRO D 301 16.16 15.92 27.69
C PRO D 301 15.75 16.07 29.14
N LYS D 302 16.72 16.26 30.04
CA LYS D 302 16.41 16.37 31.46
C LYS D 302 15.95 17.78 31.84
N LYS D 303 16.04 18.78 30.96
CA LYS D 303 15.59 20.13 31.29
C LYS D 303 14.31 20.54 30.52
N LEU D 304 13.80 19.59 29.73
CA LEU D 304 12.75 19.88 28.79
C LEU D 304 11.31 19.72 29.25
N VAL D 305 10.49 20.74 28.99
CA VAL D 305 9.03 20.58 29.16
C VAL D 305 8.47 20.63 27.73
N LEU D 306 7.90 19.52 27.28
CA LEU D 306 7.54 19.41 25.86
C LEU D 306 6.03 19.59 25.71
N ALA D 307 5.65 20.83 25.38
CA ALA D 307 4.22 21.16 25.24
C ALA D 307 3.83 21.19 23.77
N GLU D 308 3.40 20.02 23.27
CA GLU D 308 2.97 19.89 21.89
C GLU D 308 1.56 20.45 21.75
N PRO D 309 1.02 20.47 20.54
CA PRO D 309 -0.32 20.99 20.32
C PRO D 309 -1.40 20.31 21.16
N ARG D 310 -1.33 18.98 21.32
CA ARG D 310 -2.40 18.21 21.97
C ARG D 310 -1.91 17.25 23.06
N SER D 311 -0.70 17.47 23.55
CA SER D 311 -0.17 16.72 24.66
C SER D 311 0.95 17.49 25.33
N VAL D 312 1.22 17.15 26.59
CA VAL D 312 2.34 17.73 27.31
C VAL D 312 3.14 16.57 27.92
N VAL D 313 4.46 16.62 27.74
CA VAL D 313 5.33 15.73 28.51
C VAL D 313 6.12 16.57 29.51
N VAL D 314 5.87 16.30 30.81
CA VAL D 314 6.49 17.13 31.84
C VAL D 314 6.73 16.35 33.12
N ASN D 315 7.90 16.56 33.72
CA ASN D 315 8.26 15.94 34.98
C ASN D 315 8.19 14.41 34.90
N GLY D 316 8.51 13.82 33.74
CA GLY D 316 8.51 12.39 33.53
C GLY D 316 7.16 11.74 33.24
N ILE D 317 6.11 12.57 33.06
CA ILE D 317 4.75 12.10 32.83
C ILE D 317 4.21 12.58 31.49
N ARG D 318 3.54 11.68 30.77
CA ARG D 318 2.88 12.04 29.53
C ARG D 318 1.38 12.27 29.70
N PHE D 319 0.94 13.42 29.19
CA PHE D 319 -0.45 13.85 29.23
C PHE D 319 -1.02 14.05 27.83
N PRO D 320 -1.65 13.01 27.27
CA PRO D 320 -2.48 13.16 26.08
C PRO D 320 -3.73 13.97 26.40
N SER D 321 -4.44 14.39 25.37
CA SER D 321 -5.72 15.09 25.47
C SER D 321 -5.62 16.42 26.24
N VAL D 322 -4.53 17.15 26.06
CA VAL D 322 -4.33 18.45 26.70
C VAL D 322 -4.01 19.46 25.59
N HIS D 323 -4.97 20.35 25.29
CA HIS D 323 -4.74 21.30 24.19
C HIS D 323 -3.87 22.45 24.66
N LEU D 324 -2.84 22.78 23.85
CA LEU D 324 -1.81 23.76 24.14
C LEU D 324 -2.36 25.14 24.52
N LYS D 325 -3.41 25.61 23.85
CA LYS D 325 -4.02 26.91 24.20
C LYS D 325 -4.56 26.88 25.64
N ASP D 326 -5.22 25.79 26.02
CA ASP D 326 -5.79 25.67 27.38
C ASP D 326 -4.70 25.57 28.43
N TYR D 327 -3.70 24.74 28.14
CA TYR D 327 -2.54 24.55 29.01
C TYR D 327 -1.84 25.89 29.29
N LEU D 328 -1.52 26.64 28.22
CA LEU D 328 -0.86 27.94 28.42
C LEU D 328 -1.75 28.94 29.17
N THR D 329 -3.05 28.97 28.89
CA THR D 329 -3.98 29.91 29.53
C THR D 329 -4.09 29.65 31.03
N ARG D 330 -4.28 28.39 31.44
CA ARG D 330 -4.36 28.04 32.86
C ARG D 330 -3.01 28.15 33.54
N LEU D 331 -1.92 27.79 32.84
CA LEU D 331 -0.59 27.93 33.43
C LEU D 331 -0.27 29.42 33.68
N ALA D 332 -0.71 30.28 32.77
CA ALA D 332 -0.53 31.73 32.91
C ALA D 332 -1.21 32.27 34.19
N GLN D 333 -2.36 31.73 34.55
CA GLN D 333 -3.09 32.13 35.77
C GLN D 333 -2.43 31.67 37.06
N LYS D 334 -1.54 30.69 37.03
CA LYS D 334 -1.07 30.10 38.27
C LYS D 334 0.42 30.27 38.47
N VAL D 335 1.16 30.46 37.37
CA VAL D 335 2.63 30.53 37.41
C VAL D 335 3.11 31.78 38.14
N SER D 336 4.23 31.64 38.83
CA SER D 336 4.85 32.77 39.53
C SER D 336 5.88 33.44 38.60
N LYS D 337 6.27 34.67 38.94
CA LYS D 337 7.23 35.44 38.16
C LYS D 337 8.65 34.91 38.31
N LYS D 338 9.25 34.43 37.21
CA LYS D 338 10.62 33.89 37.22
C LYS D 338 11.48 34.57 36.14
N THR D 339 12.16 35.66 36.50
CA THR D 339 12.89 36.49 35.56
C THR D 339 14.33 36.04 35.36
N GLY D 340 14.82 35.02 36.07
CA GLY D 340 16.23 34.66 36.01
C GLY D 340 16.84 34.43 34.64
N SER D 341 16.12 33.82 33.71
CA SER D 341 16.68 33.57 32.38
C SER D 341 16.90 34.88 31.61
N LEU D 342 15.95 35.82 31.76
CA LEU D 342 16.12 37.14 31.11
C LEU D 342 17.22 37.94 31.80
N ASP D 343 17.28 37.91 33.14
CA ASP D 343 18.40 38.56 33.82
C ASP D 343 19.75 38.03 33.30
N PHE D 344 19.86 36.71 33.21
CA PHE D 344 21.05 36.06 32.68
C PHE D 344 21.36 36.55 31.26
N PHE D 345 20.39 36.53 30.36
CA PHE D 345 20.61 37.05 29.01
C PHE D 345 21.17 38.47 29.03
N LYS D 346 20.53 39.38 29.78
CA LYS D 346 20.99 40.76 29.87
C LYS D 346 22.40 40.88 30.42
N SER D 347 22.75 40.04 31.39
CA SER D 347 24.05 40.03 32.02
C SER D 347 25.21 39.69 31.08
N LEU D 348 24.94 39.06 29.94
CA LEU D 348 25.97 38.74 28.96
C LEU D 348 26.45 39.98 28.21
N ASN D 349 25.56 40.96 28.04
CA ASN D 349 25.90 42.19 27.32
C ASN D 349 26.39 41.80 25.92
N ALA D 350 25.54 41.00 25.24
CA ALA D 350 25.95 40.48 23.93
C ALA D 350 25.62 41.45 22.81
N GLY D 351 24.75 42.42 23.12
CA GLY D 351 24.36 43.45 22.16
C GLY D 351 23.32 42.88 21.19
N GLU D 352 22.82 43.75 20.33
CA GLU D 352 21.85 43.34 19.33
C GLU D 352 22.58 42.73 18.11
N LEU D 353 21.80 42.03 17.30
CA LEU D 353 22.33 41.49 16.04
C LEU D 353 22.99 42.65 15.27
N LYS D 354 24.23 42.46 14.82
CA LYS D 354 24.95 43.50 14.08
C LYS D 354 24.46 43.59 12.65
N LYS D 355 23.93 44.74 12.27
CA LYS D 355 23.37 44.98 10.94
C LYS D 355 24.16 46.06 10.22
N ALA D 356 24.24 45.98 8.90
CA ALA D 356 25.04 46.94 8.12
C ALA D 356 24.37 48.31 8.01
N ALA D 357 25.20 49.36 7.96
CA ALA D 357 24.70 50.72 7.76
C ALA D 357 24.36 50.89 6.28
N PRO D 358 23.56 51.89 5.97
CA PRO D 358 23.19 52.18 4.59
C PRO D 358 24.43 52.26 3.70
N ALA D 359 24.35 51.59 2.54
CA ALA D 359 25.48 51.58 1.61
C ALA D 359 25.58 52.93 0.85
N ASP D 360 26.82 53.25 0.43
CA ASP D 360 26.97 54.20 -0.66
C ASP D 360 26.07 53.74 -1.79
N PRO D 361 25.09 54.57 -2.14
CA PRO D 361 24.11 54.25 -3.15
C PRO D 361 24.64 54.00 -4.56
N SER D 362 25.83 54.51 -4.92
CA SER D 362 26.37 54.23 -6.26
C SER D 362 27.31 53.04 -6.26
N ALA D 363 27.68 52.49 -5.11
CA ALA D 363 28.49 51.28 -5.08
C ALA D 363 27.71 50.05 -5.54
N PRO D 364 28.43 49.02 -6.00
CA PRO D 364 27.81 47.78 -6.46
C PRO D 364 26.93 47.18 -5.36
N LEU D 365 25.73 46.74 -5.71
CA LEU D 365 24.81 46.14 -4.72
C LEU D 365 25.43 44.95 -4.00
N VAL D 366 25.20 44.84 -2.69
CA VAL D 366 25.60 43.67 -1.93
C VAL D 366 24.39 43.10 -1.17
N ASN D 367 24.48 41.83 -0.79
CA ASN D 367 23.40 41.12 -0.11
C ASN D 367 22.87 41.86 1.14
N ALA D 368 23.77 42.38 1.95
CA ALA D 368 23.38 43.11 3.18
C ALA D 368 22.54 44.35 2.89
N GLU D 369 22.80 45.04 1.78
CA GLU D 369 22.07 46.24 1.39
C GLU D 369 20.69 45.86 0.89
N ILE D 370 20.57 44.71 0.19
CA ILE D 370 19.23 44.25 -0.21
C ILE D 370 18.39 44.01 1.06
N ALA D 371 18.98 43.27 2.01
CA ALA D 371 18.26 42.93 3.24
C ALA D 371 17.88 44.18 4.03
N ARG D 372 18.74 45.19 4.10
CA ARG D 372 18.42 46.44 4.81
C ARG D 372 17.19 47.11 4.21
N GLN D 373 17.14 47.25 2.88
CA GLN D 373 16.03 47.98 2.27
C GLN D 373 14.73 47.20 2.36
N VAL D 374 14.76 45.86 2.27
CA VAL D 374 13.54 45.08 2.46
C VAL D 374 13.03 45.21 3.91
N GLU D 375 13.94 45.08 4.86
CA GLU D 375 13.63 45.24 6.29
C GLU D 375 12.98 46.60 6.56
N ALA D 376 13.43 47.68 5.91
CA ALA D 376 12.84 49.00 6.07
C ALA D 376 11.41 49.12 5.59
N LEU D 377 10.91 48.18 4.80
CA LEU D 377 9.54 48.17 4.29
C LEU D 377 8.55 47.51 5.26
N LEU D 378 9.05 46.91 6.33
CA LEU D 378 8.15 46.09 7.19
C LEU D 378 7.22 46.98 8.03
N THR D 379 5.93 46.72 7.98
CA THR D 379 4.93 47.44 8.78
C THR D 379 4.11 46.37 9.51
N PRO D 380 3.19 46.80 10.39
CA PRO D 380 2.27 45.87 11.07
C PRO D 380 1.33 45.18 10.11
N ASN D 381 1.16 45.70 8.90
CA ASN D 381 0.32 45.13 7.88
C ASN D 381 1.11 44.35 6.80
N THR D 382 2.37 44.02 7.02
CA THR D 382 3.20 43.34 6.00
C THR D 382 3.30 41.83 6.25
N THR D 383 3.36 41.07 5.14
CA THR D 383 3.79 39.66 5.23
C THR D 383 4.98 39.45 4.27
N VAL D 384 6.02 38.78 4.75
CA VAL D 384 7.13 38.39 3.87
C VAL D 384 7.06 36.87 3.63
N ILE D 385 6.99 36.48 2.37
CA ILE D 385 7.12 35.08 1.95
C ILE D 385 8.59 34.78 1.65
N ALA D 386 9.23 33.92 2.43
CA ALA D 386 10.66 33.71 2.33
C ALA D 386 10.99 32.32 1.78
N GLU D 387 11.58 32.30 0.56
CA GLU D 387 11.89 31.02 -0.10
C GLU D 387 13.10 30.33 0.47
N THR D 388 13.08 28.99 0.34
CA THR D 388 14.26 28.17 0.66
C THR D 388 15.45 28.68 -0.17
N GLY D 389 16.56 28.89 0.51
CA GLY D 389 17.78 29.47 -0.08
C GLY D 389 18.36 30.47 0.92
N ASP D 390 19.24 31.39 0.47
CA ASP D 390 19.77 32.38 1.42
C ASP D 390 18.70 33.35 1.92
N SER D 391 17.58 33.48 1.21
CA SER D 391 16.42 34.24 1.64
C SER D 391 15.90 33.74 3.01
N TRP D 392 16.04 32.46 3.34
CA TRP D 392 15.78 31.98 4.68
C TRP D 392 16.50 32.81 5.76
N PHE D 393 17.81 32.94 5.58
CA PHE D 393 18.70 33.62 6.49
C PHE D 393 18.58 35.15 6.46
N ASN D 394 18.36 35.73 5.29
CA ASN D 394 18.10 37.17 5.20
C ASN D 394 16.82 37.53 5.97
N ALA D 395 15.74 36.79 5.74
CA ALA D 395 14.46 37.05 6.44
C ALA D 395 14.59 36.86 7.94
N GLN D 396 15.38 35.86 8.38
CA GLN D 396 15.52 35.56 9.79
C GLN D 396 16.14 36.69 10.61
N ARG D 397 16.96 37.52 9.94
CA ARG D 397 17.68 38.64 10.52
C ARG D 397 16.80 39.90 10.63
N MET D 398 15.59 39.91 10.10
CA MET D 398 14.77 41.11 10.11
C MET D 398 14.00 41.30 11.41
N LYS D 399 13.99 42.54 11.92
CA LYS D 399 13.17 42.82 13.13
C LYS D 399 11.73 43.10 12.74
N LEU D 400 10.78 42.32 13.29
CA LEU D 400 9.37 42.43 12.91
C LEU D 400 8.61 43.38 13.86
N PRO D 401 8.02 44.44 13.32
CA PRO D 401 7.04 45.22 14.08
C PRO D 401 5.85 44.33 14.43
N ASN D 402 5.30 44.40 15.65
CA ASN D 402 4.16 43.53 16.00
C ASN D 402 3.05 43.61 14.98
N GLY D 403 2.56 42.43 14.54
CA GLY D 403 1.57 42.29 13.51
C GLY D 403 2.20 41.84 12.18
N ALA D 404 3.47 42.19 11.93
CA ALA D 404 4.13 41.76 10.68
C ALA D 404 4.29 40.23 10.68
N ARG D 405 4.09 39.58 9.54
CA ARG D 405 4.19 38.11 9.46
C ARG D 405 5.32 37.66 8.52
N VAL D 406 5.89 36.50 8.80
CA VAL D 406 6.83 35.80 7.92
C VAL D 406 6.26 34.41 7.61
N GLU D 407 6.28 34.04 6.32
CA GLU D 407 5.81 32.68 5.96
C GLU D 407 7.02 31.86 5.47
N TYR D 408 7.25 30.74 6.18
CA TYR D 408 8.38 29.88 5.86
C TYR D 408 7.87 28.46 5.50
N GLU D 409 8.60 27.78 4.62
CA GLU D 409 8.29 26.38 4.30
C GLU D 409 9.53 25.55 4.61
N MET D 410 9.91 25.58 5.89
CA MET D 410 11.18 25.01 6.35
C MET D 410 11.17 23.50 6.56
N GLN D 411 10.00 22.88 6.70
CA GLN D 411 9.97 21.42 6.87
C GLN D 411 9.98 20.74 5.49
N TRP D 412 9.08 21.13 4.62
CA TRP D 412 9.08 20.52 3.26
C TRP D 412 10.26 21.06 2.44
N GLY D 413 10.40 22.40 2.37
CA GLY D 413 11.54 23.02 1.68
C GLY D 413 11.66 22.68 0.18
N HIS D 414 10.56 22.78 -0.53
CA HIS D 414 10.53 22.59 -1.98
C HIS D 414 10.86 23.93 -2.67
N ILE D 415 12.07 24.07 -3.22
CA ILE D 415 12.40 25.37 -3.87
C ILE D 415 11.37 25.62 -4.97
N GLY D 416 10.94 26.89 -5.04
CA GLY D 416 9.87 27.26 -5.96
C GLY D 416 8.48 27.32 -5.32
N TRP D 417 8.31 26.76 -4.12
CA TRP D 417 7.06 26.90 -3.35
C TRP D 417 6.62 28.36 -3.23
N SER D 418 7.55 29.25 -2.94
CA SER D 418 7.26 30.66 -2.68
C SER D 418 6.46 31.37 -3.76
N VAL D 419 6.62 31.05 -5.04
CA VAL D 419 5.92 31.84 -6.06
C VAL D 419 4.42 31.60 -6.04
N PRO D 420 3.99 30.34 -6.17
CA PRO D 420 2.57 30.01 -6.08
C PRO D 420 2.03 30.27 -4.67
N ALA D 421 2.82 30.00 -3.64
CA ALA D 421 2.34 30.27 -2.26
C ALA D 421 2.09 31.77 -2.08
N ALA D 422 2.98 32.63 -2.62
CA ALA D 422 2.74 34.08 -2.55
C ALA D 422 1.50 34.48 -3.33
N PHE D 423 1.26 33.85 -4.47
CA PHE D 423 0.04 34.13 -5.25
C PHE D 423 -1.22 33.82 -4.41
N GLY D 424 -1.30 32.59 -3.88
CA GLY D 424 -2.46 32.15 -3.07
C GLY D 424 -2.64 33.02 -1.82
N TYR D 425 -1.53 33.36 -1.16
CA TYR D 425 -1.60 34.18 0.05
C TYR D 425 -2.17 35.58 -0.27
N ALA D 426 -1.64 36.19 -1.34
CA ALA D 426 -2.13 37.51 -1.75
C ALA D 426 -3.57 37.48 -2.21
N VAL D 427 -4.08 36.37 -2.75
CA VAL D 427 -5.50 36.25 -3.06
C VAL D 427 -6.29 36.23 -1.72
N GLY D 428 -5.78 35.52 -0.73
CA GLY D 428 -6.45 35.42 0.56
C GLY D 428 -6.34 36.67 1.43
N ALA D 429 -5.29 37.45 1.30
CA ALA D 429 -5.03 38.65 2.09
C ALA D 429 -4.57 39.85 1.27
N PRO D 430 -5.46 40.37 0.42
CA PRO D 430 -5.13 41.46 -0.51
C PRO D 430 -4.93 42.81 0.19
N GLU D 431 -5.48 42.96 1.40
CA GLU D 431 -5.28 44.15 2.22
C GLU D 431 -3.86 44.30 2.74
N ARG D 432 -3.04 43.25 2.77
CA ARG D 432 -1.69 43.35 3.29
C ARG D 432 -0.65 43.83 2.30
N ARG D 433 0.46 44.38 2.81
CA ARG D 433 1.63 44.59 1.90
C ARG D 433 2.37 43.24 1.83
N ASN D 434 2.30 42.63 0.64
CA ASN D 434 2.78 41.27 0.40
C ASN D 434 4.11 41.25 -0.36
N ILE D 435 5.17 40.86 0.34
CA ILE D 435 6.54 40.85 -0.19
C ILE D 435 7.02 39.38 -0.38
N LEU D 436 7.53 39.08 -1.56
CA LEU D 436 8.12 37.75 -1.85
C LEU D 436 9.63 37.91 -2.02
N MET D 437 10.42 37.20 -1.21
CA MET D 437 11.85 37.12 -1.41
C MET D 437 12.21 35.75 -2.02
N VAL D 438 12.65 35.73 -3.27
CA VAL D 438 12.85 34.42 -3.94
C VAL D 438 14.17 34.45 -4.73
N GLY D 439 14.96 33.39 -4.60
CA GLY D 439 16.23 33.23 -5.33
C GLY D 439 15.98 32.89 -6.79
N ASP D 440 17.00 33.11 -7.65
CA ASP D 440 16.87 32.83 -9.09
C ASP D 440 16.64 31.33 -9.36
N GLY D 441 17.37 30.47 -8.67
CA GLY D 441 17.27 29.01 -8.87
C GLY D 441 15.84 28.53 -8.57
N SER D 442 15.30 28.91 -7.42
CA SER D 442 13.93 28.57 -7.02
C SER D 442 12.89 29.11 -7.98
N PHE D 443 13.04 30.37 -8.37
CA PHE D 443 12.10 31.05 -9.27
C PHE D 443 11.83 30.25 -10.53
N GLN D 444 12.87 29.65 -11.12
CA GLN D 444 12.74 28.89 -12.35
C GLN D 444 11.86 27.65 -12.25
N LEU D 445 11.58 27.10 -11.06
CA LEU D 445 10.74 25.89 -11.00
C LEU D 445 9.26 26.21 -11.17
N THR D 446 8.83 27.40 -10.73
CA THR D 446 7.41 27.78 -10.68
C THR D 446 7.12 29.20 -11.15
N ALA D 447 8.04 29.86 -11.85
CA ALA D 447 7.87 31.24 -12.30
C ALA D 447 6.57 31.59 -13.01
N GLN D 448 5.94 30.67 -13.74
CA GLN D 448 4.72 30.96 -14.45
C GLN D 448 3.56 31.46 -13.57
N GLU D 449 3.52 31.16 -12.26
CA GLU D 449 2.40 31.64 -11.44
C GLU D 449 2.42 33.15 -11.22
N VAL D 450 3.53 33.86 -11.47
CA VAL D 450 3.50 35.34 -11.42
C VAL D 450 2.50 35.87 -12.44
N ALA D 451 2.29 35.17 -13.57
CA ALA D 451 1.29 35.55 -14.54
C ALA D 451 -0.13 35.56 -13.94
N GLN D 452 -0.45 34.70 -12.96
CA GLN D 452 -1.76 34.77 -12.31
C GLN D 452 -1.87 36.01 -11.41
N MET D 453 -0.78 36.41 -10.78
CA MET D 453 -0.71 37.65 -10.01
C MET D 453 -1.01 38.84 -10.93
N VAL D 454 -0.41 38.83 -12.13
CA VAL D 454 -0.74 39.85 -13.13
C VAL D 454 -2.21 39.83 -13.47
N ARG D 455 -2.77 38.66 -13.79
CA ARG D 455 -4.16 38.45 -14.14
C ARG D 455 -5.16 38.98 -13.10
N LEU D 456 -4.90 38.72 -11.81
CA LEU D 456 -5.83 39.14 -10.75
C LEU D 456 -5.42 40.50 -10.16
N LYS D 457 -4.44 41.17 -10.76
CA LYS D 457 -4.01 42.51 -10.34
C LYS D 457 -3.54 42.60 -8.90
N LEU D 458 -2.73 41.64 -8.49
CA LEU D 458 -2.23 41.58 -7.13
C LEU D 458 -0.89 42.29 -7.05
N PRO D 459 -0.78 43.30 -6.18
CA PRO D 459 0.42 44.11 -6.06
C PRO D 459 1.53 43.53 -5.22
N VAL D 460 1.92 42.29 -5.50
CA VAL D 460 3.00 41.59 -4.80
C VAL D 460 4.35 42.20 -5.19
N ILE D 461 5.16 42.53 -4.19
CA ILE D 461 6.51 43.06 -4.46
C ILE D 461 7.50 41.88 -4.40
N ILE D 462 8.11 41.56 -5.55
CA ILE D 462 9.00 40.41 -5.66
C ILE D 462 10.47 40.85 -5.68
N PHE D 463 11.24 40.44 -4.69
CA PHE D 463 12.69 40.62 -4.73
C PHE D 463 13.36 39.35 -5.29
N LEU D 464 13.77 39.42 -6.56
CA LEU D 464 14.43 38.27 -7.23
C LEU D 464 15.93 38.37 -6.98
N ILE D 465 16.49 37.41 -6.26
CA ILE D 465 17.90 37.51 -5.90
C ILE D 465 18.76 36.80 -6.97
N ASN D 466 19.32 37.59 -7.90
CA ASN D 466 20.09 36.98 -9.00
C ASN D 466 21.58 36.86 -8.71
N ASN D 467 21.96 35.76 -8.05
CA ASN D 467 23.36 35.45 -7.74
C ASN D 467 23.87 34.37 -8.70
N TYR D 468 23.16 34.14 -9.78
CA TYR D 468 23.56 33.19 -10.82
C TYR D 468 23.80 31.79 -10.32
N GLY D 469 22.76 31.12 -9.78
CA GLY D 469 22.87 29.72 -9.37
C GLY D 469 22.37 29.40 -7.97
N TYR D 470 22.71 28.20 -7.50
CA TYR D 470 22.19 27.67 -6.22
C TYR D 470 23.19 27.93 -5.10
N THR D 471 23.23 29.14 -4.53
CA THR D 471 24.26 29.45 -3.53
C THR D 471 24.16 28.62 -2.27
N ILE D 472 22.94 28.38 -1.72
CA ILE D 472 22.87 27.50 -0.54
C ILE D 472 23.44 26.11 -0.86
N GLU D 473 23.20 25.54 -2.03
CA GLU D 473 23.80 24.25 -2.40
C GLU D 473 25.32 24.33 -2.56
N VAL D 474 25.83 25.45 -3.08
CA VAL D 474 27.27 25.76 -3.16
C VAL D 474 27.90 25.73 -1.78
N MET D 475 27.20 26.26 -0.76
CA MET D 475 27.69 26.28 0.60
C MET D 475 27.42 24.99 1.38
N ILE D 476 26.78 23.99 0.78
CA ILE D 476 26.70 22.64 1.35
C ILE D 476 27.72 21.73 0.67
N HIS D 477 27.65 21.58 -0.65
CA HIS D 477 28.62 20.76 -1.39
C HIS D 477 28.61 21.19 -2.87
N ASP D 478 29.73 21.71 -3.38
CA ASP D 478 29.70 22.36 -4.69
C ASP D 478 30.01 21.41 -5.85
N GLY D 479 29.46 21.70 -7.02
CA GLY D 479 29.73 20.94 -8.25
C GLY D 479 29.07 21.67 -9.41
N PRO D 480 29.20 21.15 -10.62
CA PRO D 480 28.66 21.77 -11.82
C PRO D 480 27.14 21.79 -11.86
N TYR D 481 26.48 20.91 -11.06
CA TYR D 481 25.03 20.91 -10.91
C TYR D 481 24.47 22.13 -10.17
N ASN D 482 25.30 23.01 -9.60
CA ASN D 482 24.80 24.21 -8.91
C ASN D 482 24.69 25.42 -9.84
N ASN D 483 25.22 25.26 -11.06
CA ASN D 483 25.13 26.27 -12.11
C ASN D 483 23.82 26.17 -12.88
N ILE D 484 23.22 27.32 -13.21
CA ILE D 484 22.00 27.36 -13.97
C ILE D 484 22.15 28.25 -15.23
N LYS D 485 21.19 28.17 -16.12
CA LYS D 485 21.08 29.13 -17.21
C LYS D 485 20.44 30.44 -16.72
N ASN D 486 21.13 31.58 -16.94
CA ASN D 486 20.55 32.88 -16.49
C ASN D 486 19.41 33.32 -17.38
N TRP D 487 18.42 34.06 -16.83
CA TRP D 487 17.34 34.64 -17.58
C TRP D 487 17.38 36.17 -17.37
N ASP D 488 16.75 36.87 -18.29
CA ASP D 488 16.39 38.30 -18.03
C ASP D 488 15.13 38.32 -17.14
N TYR D 489 15.29 38.20 -15.82
CA TYR D 489 14.10 38.09 -14.95
C TYR D 489 13.21 39.33 -14.98
N ALA D 490 13.80 40.53 -15.00
CA ALA D 490 13.04 41.77 -15.12
C ALA D 490 12.17 41.78 -16.37
N GLY D 491 12.76 41.38 -17.51
CA GLY D 491 12.05 41.33 -18.77
C GLY D 491 10.87 40.36 -18.81
N LEU D 492 10.86 39.33 -17.95
CA LEU D 492 9.75 38.36 -17.88
C LEU D 492 8.41 39.02 -17.52
N MET D 493 8.43 40.12 -16.74
CA MET D 493 7.18 40.80 -16.37
C MET D 493 6.44 41.32 -17.58
N GLU D 494 7.11 41.93 -18.57
CA GLU D 494 6.40 42.34 -19.80
C GLU D 494 5.94 41.14 -20.59
N VAL D 495 6.67 40.02 -20.57
CA VAL D 495 6.16 38.80 -21.22
C VAL D 495 4.83 38.36 -20.61
N PHE D 496 4.72 38.37 -19.27
CA PHE D 496 3.44 38.01 -18.63
C PHE D 496 2.36 39.07 -18.81
N ASN D 497 2.70 40.36 -18.97
CA ASN D 497 1.67 41.35 -19.30
C ASN D 497 1.06 41.06 -20.66
N GLY D 498 1.92 40.89 -21.68
CA GLY D 498 1.46 40.67 -23.05
C GLY D 498 0.66 41.85 -23.59
N ASN D 499 1.04 43.08 -23.22
CA ASN D 499 0.31 44.26 -23.73
C ASN D 499 0.45 44.28 -25.25
N GLY D 500 -0.68 44.49 -25.93
CA GLY D 500 -0.72 44.45 -27.38
C GLY D 500 -1.18 43.09 -27.90
N GLY D 501 -1.34 42.12 -27.00
CA GLY D 501 -1.80 40.77 -27.33
C GLY D 501 -3.30 40.68 -27.03
N TYR D 502 -3.77 39.48 -26.69
CA TYR D 502 -5.17 39.22 -26.41
C TYR D 502 -5.70 39.89 -25.14
N ASP D 503 -4.85 40.15 -24.16
CA ASP D 503 -5.31 40.83 -22.94
C ASP D 503 -4.25 41.86 -22.55
N SER D 504 -4.04 42.08 -21.26
CA SER D 504 -3.10 43.10 -20.80
C SER D 504 -2.68 42.82 -19.36
N GLY D 505 -1.67 43.55 -18.90
CA GLY D 505 -1.30 43.46 -17.48
C GLY D 505 -0.60 44.75 -17.04
N ALA D 506 -0.39 44.86 -15.73
CA ALA D 506 0.24 46.05 -15.16
C ALA D 506 1.44 45.67 -14.33
N ALA D 507 2.04 44.48 -14.59
CA ALA D 507 3.28 44.13 -13.91
C ALA D 507 4.40 45.10 -14.33
N LYS D 508 5.39 45.29 -13.48
CA LYS D 508 6.63 45.98 -13.84
C LYS D 508 7.84 45.13 -13.45
N GLY D 509 8.90 45.13 -14.29
CA GLY D 509 10.13 44.42 -13.95
C GLY D 509 11.30 45.42 -14.00
N LEU D 510 12.10 45.48 -12.95
CA LEU D 510 13.17 46.46 -12.81
C LEU D 510 14.46 45.75 -12.43
N LYS D 511 15.60 46.33 -12.81
CA LYS D 511 16.91 45.78 -12.45
C LYS D 511 17.58 46.68 -11.41
N ALA D 512 18.28 46.06 -10.46
CA ALA D 512 18.99 46.81 -9.43
C ALA D 512 20.41 46.25 -9.28
N LYS D 513 21.39 47.12 -9.60
CA LYS D 513 22.80 46.75 -9.53
C LYS D 513 23.56 47.59 -8.52
N THR D 514 22.87 48.57 -7.93
CA THR D 514 23.39 49.42 -6.87
C THR D 514 22.29 49.67 -5.83
N GLY D 515 22.67 50.19 -4.67
CA GLY D 515 21.71 50.55 -3.61
C GLY D 515 20.76 51.67 -4.07
N GLY D 516 21.31 52.66 -4.80
CA GLY D 516 20.49 53.70 -5.38
C GLY D 516 19.45 53.17 -6.35
N GLU D 517 19.83 52.22 -7.21
CA GLU D 517 18.89 51.65 -8.17
C GLU D 517 17.81 50.84 -7.42
N LEU D 518 18.21 50.13 -6.37
CA LEU D 518 17.25 49.39 -5.54
C LEU D 518 16.22 50.30 -4.88
N ALA D 519 16.69 51.42 -4.31
CA ALA D 519 15.80 52.37 -3.64
C ALA D 519 14.80 52.96 -4.61
N GLU D 520 15.27 53.34 -5.81
CA GLU D 520 14.35 53.79 -6.85
C GLU D 520 13.38 52.68 -7.25
N ALA D 521 13.86 51.45 -7.49
CA ALA D 521 12.94 50.37 -7.87
C ALA D 521 11.85 50.15 -6.81
N ILE D 522 12.23 50.16 -5.53
CA ILE D 522 11.24 50.01 -4.44
C ILE D 522 10.18 51.12 -4.50
N LYS D 523 10.54 52.38 -4.75
CA LYS D 523 9.53 53.43 -4.86
C LYS D 523 8.52 53.12 -5.95
N VAL D 524 9.00 52.66 -7.12
CA VAL D 524 8.10 52.28 -8.21
C VAL D 524 7.23 51.08 -7.81
N ALA D 525 7.80 50.10 -7.14
CA ALA D 525 7.03 48.94 -6.66
C ALA D 525 5.88 49.35 -5.72
N LEU D 526 6.18 50.20 -4.74
CA LEU D 526 5.17 50.68 -3.78
C LEU D 526 4.05 51.48 -4.46
N ALA D 527 4.38 52.22 -5.52
CA ALA D 527 3.39 52.99 -6.26
C ALA D 527 2.62 52.14 -7.26
N ASN D 528 3.11 50.94 -7.62
CA ASN D 528 2.36 50.11 -8.56
C ASN D 528 1.29 49.29 -7.84
N THR D 529 0.05 49.78 -7.84
CA THR D 529 -1.07 49.11 -7.15
C THR D 529 -1.80 48.14 -8.07
N ASP D 530 -1.46 48.05 -9.36
CA ASP D 530 -2.30 47.29 -10.28
C ASP D 530 -1.73 45.94 -10.71
N GLY D 531 -0.53 45.60 -10.28
CA GLY D 531 0.11 44.33 -10.67
C GLY D 531 1.38 44.16 -9.84
N PRO D 532 2.01 42.99 -9.95
CA PRO D 532 3.24 42.71 -9.24
C PRO D 532 4.42 43.51 -9.81
N THR D 533 5.41 43.75 -8.98
CA THR D 533 6.65 44.42 -9.40
C THR D 533 7.81 43.51 -9.03
N LEU D 534 8.55 43.05 -10.06
CA LEU D 534 9.72 42.20 -9.80
C LEU D 534 10.98 43.06 -9.87
N ILE D 535 11.73 43.05 -8.78
CA ILE D 535 13.00 43.77 -8.75
C ILE D 535 14.15 42.76 -8.84
N GLU D 536 14.82 42.74 -9.99
CA GLU D 536 15.93 41.79 -10.20
C GLU D 536 17.21 42.35 -9.59
N CYS D 537 17.64 41.75 -8.50
CA CYS D 537 18.79 42.22 -7.73
C CYS D 537 20.06 41.44 -8.10
N PHE D 538 21.11 42.13 -8.56
CA PHE D 538 22.33 41.44 -8.98
C PHE D 538 23.40 41.45 -7.91
N ILE D 539 23.80 40.26 -7.45
CA ILE D 539 24.85 40.13 -6.44
C ILE D 539 25.72 38.90 -6.78
N GLY D 540 26.90 38.79 -6.20
CA GLY D 540 27.80 37.67 -6.48
C GLY D 540 27.34 36.37 -5.82
N ARG D 541 27.78 35.23 -6.38
CA ARG D 541 27.47 33.90 -5.85
C ARG D 541 27.89 33.75 -4.39
N GLU D 542 29.08 34.27 -4.07
CA GLU D 542 29.65 34.12 -2.74
C GLU D 542 29.22 35.22 -1.77
N ASP D 543 28.47 36.21 -2.25
CA ASP D 543 27.95 37.28 -1.39
C ASP D 543 26.66 36.83 -0.68
N CYS D 544 26.81 36.05 0.39
CA CYS D 544 25.68 35.44 1.09
C CYS D 544 25.82 35.68 2.59
N THR D 545 24.77 35.38 3.37
CA THR D 545 24.86 35.60 4.80
C THR D 545 26.02 34.80 5.41
N GLU D 546 26.51 35.28 6.54
CA GLU D 546 27.47 34.53 7.32
C GLU D 546 26.82 33.28 7.91
N GLU D 547 25.54 33.40 8.31
CA GLU D 547 24.78 32.26 8.86
C GLU D 547 24.72 31.07 7.90
N LEU D 548 24.48 31.31 6.61
CA LEU D 548 24.39 30.19 5.66
C LEU D 548 25.71 29.41 5.58
N VAL D 549 26.83 30.13 5.54
CA VAL D 549 28.14 29.47 5.47
C VAL D 549 28.31 28.49 6.64
N LYS D 550 27.98 28.92 7.86
CA LYS D 550 28.17 28.07 9.04
C LYS D 550 27.17 26.92 9.07
N TRP D 551 25.89 27.21 8.83
CA TRP D 551 24.84 26.18 8.84
C TRP D 551 25.05 25.14 7.75
N GLY D 552 25.45 25.57 6.54
CA GLY D 552 25.62 24.65 5.41
C GLY D 552 26.68 23.59 5.67
N LYS D 553 27.74 23.94 6.39
CA LYS D 553 28.80 23.01 6.74
C LYS D 553 28.30 21.89 7.66
N ARG D 554 27.43 22.22 8.63
CA ARG D 554 26.87 21.23 9.53
C ARG D 554 25.90 20.29 8.83
N VAL D 555 25.10 20.85 7.92
CA VAL D 555 24.16 20.07 7.12
C VAL D 555 24.91 19.06 6.23
N ALA D 556 25.97 19.52 5.57
CA ALA D 556 26.81 18.65 4.72
C ALA D 556 27.37 17.49 5.53
N ALA D 557 27.90 17.78 6.72
CA ALA D 557 28.46 16.74 7.58
C ALA D 557 27.39 15.76 8.09
N ALA D 558 26.20 16.24 8.47
CA ALA D 558 25.13 15.31 8.92
C ALA D 558 24.75 14.37 7.76
N ASN D 559 24.58 14.95 6.57
CA ASN D 559 24.15 14.15 5.41
C ASN D 559 25.15 13.06 5.03
N SER D 560 26.46 13.36 5.13
CA SER D 560 27.47 12.37 4.72
C SER D 560 28.01 11.48 5.82
N ARG D 561 27.56 11.61 7.08
CA ARG D 561 28.20 10.81 8.14
C ARG D 561 28.11 9.31 7.82
N LYS D 562 29.20 8.60 8.04
CA LYS D 562 29.31 7.17 7.70
C LYS D 562 28.29 6.28 8.42
N PRO D 563 27.95 5.17 7.76
CA PRO D 563 27.11 4.13 8.33
C PRO D 563 27.70 3.65 9.64
N VAL D 564 26.87 3.32 10.62
CA VAL D 564 27.36 2.75 11.87
C VAL D 564 27.23 1.23 11.82
N ASN D 565 27.99 0.51 12.64
CA ASN D 565 27.96 -0.96 12.66
C ASN D 565 26.62 -1.50 13.18
N LYS D 566 26.04 -2.48 12.49
CA LYS D 566 24.74 -3.04 12.88
C LYS D 566 24.80 -4.50 13.32
#